data_4TR3
# 
_entry.id   4TR3 
# 
_audit_conform.dict_name       mmcif_pdbx.dic 
_audit_conform.dict_version    5.397 
_audit_conform.dict_location   http://mmcif.pdb.org/dictionaries/ascii/mmcif_pdbx.dic 
# 
loop_
_database_2.database_id 
_database_2.database_code 
_database_2.pdbx_database_accession 
_database_2.pdbx_DOI 
PDB   4TR3         pdb_00004tr3 10.2210/pdb4tr3/pdb 
WWPDB D_1000202119 ?            ?                   
# 
loop_
_pdbx_audit_revision_history.ordinal 
_pdbx_audit_revision_history.data_content_type 
_pdbx_audit_revision_history.major_revision 
_pdbx_audit_revision_history.minor_revision 
_pdbx_audit_revision_history.revision_date 
1 'Structure model' 1 0 2014-07-23 
2 'Structure model' 1 1 2015-02-04 
3 'Structure model' 1 2 2024-10-16 
# 
_pdbx_audit_revision_details.ordinal             1 
_pdbx_audit_revision_details.revision_ordinal    1 
_pdbx_audit_revision_details.data_content_type   'Structure model' 
_pdbx_audit_revision_details.provider            repository 
_pdbx_audit_revision_details.type                'Initial release' 
_pdbx_audit_revision_details.description         ? 
_pdbx_audit_revision_details.details             ? 
# 
loop_
_pdbx_audit_revision_group.ordinal 
_pdbx_audit_revision_group.revision_ordinal 
_pdbx_audit_revision_group.data_content_type 
_pdbx_audit_revision_group.group 
1 2 'Structure model' 'Data collection'     
2 3 'Structure model' 'Data collection'     
3 3 'Structure model' 'Database references' 
4 3 'Structure model' 'Structure summary'   
# 
loop_
_pdbx_audit_revision_category.ordinal 
_pdbx_audit_revision_category.revision_ordinal 
_pdbx_audit_revision_category.data_content_type 
_pdbx_audit_revision_category.category 
1 3 'Structure model' chem_comp_atom            
2 3 'Structure model' chem_comp_bond            
3 3 'Structure model' database_2                
4 3 'Structure model' pdbx_entry_details        
5 3 'Structure model' pdbx_modification_feature 
# 
loop_
_pdbx_audit_revision_item.ordinal 
_pdbx_audit_revision_item.revision_ordinal 
_pdbx_audit_revision_item.data_content_type 
_pdbx_audit_revision_item.item 
1 3 'Structure model' '_database_2.pdbx_DOI'                
2 3 'Structure model' '_database_2.pdbx_database_accession' 
# 
_pdbx_database_status.status_code                     REL 
_pdbx_database_status.status_code_sf                  REL 
_pdbx_database_status.status_code_mr                  ? 
_pdbx_database_status.entry_id                        4TR3 
_pdbx_database_status.recvd_initial_deposition_date   2014-06-13 
_pdbx_database_status.SG_entry                        N 
_pdbx_database_status.deposit_site                    RCSB 
_pdbx_database_status.process_site                    PDBE 
_pdbx_database_status.status_code_cs                  ? 
_pdbx_database_status.methods_development_category    ? 
_pdbx_database_status.pdb_format_compatible           Y 
_pdbx_database_status.status_code_nmr_data            ? 
# 
loop_
_audit_author.name 
_audit_author.pdbx_ordinal 
'Steegborn, C.' 1 
'Schweizer, U.' 2 
'Schlicker, C.' 3 
# 
_citation.abstract                  ? 
_citation.abstract_id_CAS           ? 
_citation.book_id_ISBN              ? 
_citation.book_publisher            ? 
_citation.book_publisher_city       ? 
_citation.book_title                ? 
_citation.coordinate_linkage        ? 
_citation.country                   US 
_citation.database_id_Medline       ? 
_citation.details                   ? 
_citation.id                        primary 
_citation.journal_abbrev            Proc.Natl.Acad.Sci.USA 
_citation.journal_id_ASTM           PNASA6 
_citation.journal_id_CSD            0040 
_citation.journal_id_ISSN           0027-8424 
_citation.journal_full              ? 
_citation.journal_issue             ? 
_citation.journal_volume            111 
_citation.language                  ? 
_citation.page_first                10526 
_citation.page_last                 ? 
_citation.title                     
'Crystal structure of mammalian selenocysteine-dependent iodothyronine deiodinase suggests a peroxiredoxin-like catalytic mechanism.' 
_citation.year                      2014 
_citation.database_id_CSD           ? 
_citation.pdbx_database_id_DOI      10.1073/pnas.1323873111 
_citation.pdbx_database_id_PubMed   25002520 
_citation.unpublished_flag          ? 
# 
loop_
_citation_author.citation_id 
_citation_author.name 
_citation_author.ordinal 
_citation_author.identifier_ORCID 
primary 'Schweizer, U.' 1 ? 
primary 'Schlicker, C.' 2 ? 
primary 'Braun, D.'     3 ? 
primary 'Kohrle, J.'    4 ? 
primary 'Steegborn, C.' 5 ? 
# 
loop_
_entity.id 
_entity.type 
_entity.src_method 
_entity.pdbx_description 
_entity.formula_weight 
_entity.pdbx_number_of_molecules 
_entity.pdbx_ec 
_entity.pdbx_mutation 
_entity.pdbx_fragment 
_entity.details 
1 polymer man 'Type III iodothyronine deiodinase' 21696.639 1  1.97.1.11 yes ? 
'six N-terminal residues are cloning artifact; three C-terminal residues not visible in electron density' 
2 water   nat water                               18.015    93 ?         ?   ? ? 
# 
_entity_name_com.entity_id   1 
_entity_name_com.name        
;5DIII,DIOIII,Type 3 DI,Type-III 5'-deiodinase
;
# 
_entity_poly.entity_id                      1 
_entity_poly.type                           'polypeptide(L)' 
_entity_poly.nstd_linkage                   no 
_entity_poly.nstd_monomer                   yes 
_entity_poly.pdbx_seq_one_letter_code       
;GIDPFTGQKLDFFKQAHEGGPAPNSEVVRPDGFQSQRILDYAQGTRPLVLNFGSCTCPPF(MSE)AR(MSE)SAFQRLVT
KYQRDVDFLIIYIEEAHPSDGWVTTDSPYVIPQHRSLEDRVSAARVLQQGAPGCALVLDT(MSE)ANSSSSAYGAYFERL
YVIQSGTI(MSE)YQGGRGPDGYQVSELRTWLERYDEQLHGTRPHRF
;
_entity_poly.pdbx_seq_one_letter_code_can   
;GIDPFTGQKLDFFKQAHEGGPAPNSEVVRPDGFQSQRILDYAQGTRPLVLNFGSCTCPPFMARMSAFQRLVTKYQRDVDF
LIIYIEEAHPSDGWVTTDSPYVIPQHRSLEDRVSAARVLQQGAPGCALVLDTMANSSSSAYGAYFERLYVIQSGTIMYQG
GRGPDGYQVSELRTWLERYDEQLHGTRPHRF
;
_entity_poly.pdbx_strand_id                 A 
_entity_poly.pdbx_target_identifier         ? 
# 
_pdbx_entity_nonpoly.entity_id   2 
_pdbx_entity_nonpoly.name        water 
_pdbx_entity_nonpoly.comp_id     HOH 
# 
loop_
_entity_poly_seq.entity_id 
_entity_poly_seq.num 
_entity_poly_seq.mon_id 
_entity_poly_seq.hetero 
1 1   GLY n 
1 2   ILE n 
1 3   ASP n 
1 4   PRO n 
1 5   PHE n 
1 6   THR n 
1 7   GLY n 
1 8   GLN n 
1 9   LYS n 
1 10  LEU n 
1 11  ASP n 
1 12  PHE n 
1 13  PHE n 
1 14  LYS n 
1 15  GLN n 
1 16  ALA n 
1 17  HIS n 
1 18  GLU n 
1 19  GLY n 
1 20  GLY n 
1 21  PRO n 
1 22  ALA n 
1 23  PRO n 
1 24  ASN n 
1 25  SER n 
1 26  GLU n 
1 27  VAL n 
1 28  VAL n 
1 29  ARG n 
1 30  PRO n 
1 31  ASP n 
1 32  GLY n 
1 33  PHE n 
1 34  GLN n 
1 35  SER n 
1 36  GLN n 
1 37  ARG n 
1 38  ILE n 
1 39  LEU n 
1 40  ASP n 
1 41  TYR n 
1 42  ALA n 
1 43  GLN n 
1 44  GLY n 
1 45  THR n 
1 46  ARG n 
1 47  PRO n 
1 48  LEU n 
1 49  VAL n 
1 50  LEU n 
1 51  ASN n 
1 52  PHE n 
1 53  GLY n 
1 54  SER n 
1 55  CYS n 
1 56  THR n 
1 57  CYS n 
1 58  PRO n 
1 59  PRO n 
1 60  PHE n 
1 61  MSE n 
1 62  ALA n 
1 63  ARG n 
1 64  MSE n 
1 65  SER n 
1 66  ALA n 
1 67  PHE n 
1 68  GLN n 
1 69  ARG n 
1 70  LEU n 
1 71  VAL n 
1 72  THR n 
1 73  LYS n 
1 74  TYR n 
1 75  GLN n 
1 76  ARG n 
1 77  ASP n 
1 78  VAL n 
1 79  ASP n 
1 80  PHE n 
1 81  LEU n 
1 82  ILE n 
1 83  ILE n 
1 84  TYR n 
1 85  ILE n 
1 86  GLU n 
1 87  GLU n 
1 88  ALA n 
1 89  HIS n 
1 90  PRO n 
1 91  SER n 
1 92  ASP n 
1 93  GLY n 
1 94  TRP n 
1 95  VAL n 
1 96  THR n 
1 97  THR n 
1 98  ASP n 
1 99  SER n 
1 100 PRO n 
1 101 TYR n 
1 102 VAL n 
1 103 ILE n 
1 104 PRO n 
1 105 GLN n 
1 106 HIS n 
1 107 ARG n 
1 108 SER n 
1 109 LEU n 
1 110 GLU n 
1 111 ASP n 
1 112 ARG n 
1 113 VAL n 
1 114 SER n 
1 115 ALA n 
1 116 ALA n 
1 117 ARG n 
1 118 VAL n 
1 119 LEU n 
1 120 GLN n 
1 121 GLN n 
1 122 GLY n 
1 123 ALA n 
1 124 PRO n 
1 125 GLY n 
1 126 CYS n 
1 127 ALA n 
1 128 LEU n 
1 129 VAL n 
1 130 LEU n 
1 131 ASP n 
1 132 THR n 
1 133 MSE n 
1 134 ALA n 
1 135 ASN n 
1 136 SER n 
1 137 SER n 
1 138 SER n 
1 139 SER n 
1 140 ALA n 
1 141 TYR n 
1 142 GLY n 
1 143 ALA n 
1 144 TYR n 
1 145 PHE n 
1 146 GLU n 
1 147 ARG n 
1 148 LEU n 
1 149 TYR n 
1 150 VAL n 
1 151 ILE n 
1 152 GLN n 
1 153 SER n 
1 154 GLY n 
1 155 THR n 
1 156 ILE n 
1 157 MSE n 
1 158 TYR n 
1 159 GLN n 
1 160 GLY n 
1 161 GLY n 
1 162 ARG n 
1 163 GLY n 
1 164 PRO n 
1 165 ASP n 
1 166 GLY n 
1 167 TYR n 
1 168 GLN n 
1 169 VAL n 
1 170 SER n 
1 171 GLU n 
1 172 LEU n 
1 173 ARG n 
1 174 THR n 
1 175 TRP n 
1 176 LEU n 
1 177 GLU n 
1 178 ARG n 
1 179 TYR n 
1 180 ASP n 
1 181 GLU n 
1 182 GLN n 
1 183 LEU n 
1 184 HIS n 
1 185 GLY n 
1 186 THR n 
1 187 ARG n 
1 188 PRO n 
1 189 HIS n 
1 190 ARG n 
1 191 PHE n 
# 
_entity_src_gen.entity_id                          1 
_entity_src_gen.pdbx_src_id                        1 
_entity_src_gen.pdbx_alt_source_flag               sample 
_entity_src_gen.pdbx_seq_type                      'Biological sequence' 
_entity_src_gen.pdbx_beg_seq_num                   1 
_entity_src_gen.pdbx_end_seq_num                   191 
_entity_src_gen.gene_src_common_name               'House mouse' 
_entity_src_gen.gene_src_genus                     ? 
_entity_src_gen.pdbx_gene_src_gene                 Dio3 
_entity_src_gen.gene_src_species                   ? 
_entity_src_gen.gene_src_strain                    ? 
_entity_src_gen.gene_src_tissue                    ? 
_entity_src_gen.gene_src_tissue_fraction           ? 
_entity_src_gen.gene_src_details                   ? 
_entity_src_gen.pdbx_gene_src_fragment             ? 
_entity_src_gen.pdbx_gene_src_scientific_name      'Mus musculus' 
_entity_src_gen.pdbx_gene_src_ncbi_taxonomy_id     10090 
_entity_src_gen.pdbx_gene_src_variant              ? 
_entity_src_gen.pdbx_gene_src_cell_line            ? 
_entity_src_gen.pdbx_gene_src_atcc                 ? 
_entity_src_gen.pdbx_gene_src_organ                ? 
_entity_src_gen.pdbx_gene_src_organelle            ? 
_entity_src_gen.pdbx_gene_src_cell                 ? 
_entity_src_gen.pdbx_gene_src_cellular_location    ? 
_entity_src_gen.host_org_common_name               ? 
_entity_src_gen.pdbx_host_org_scientific_name      'Escherichia coli' 
_entity_src_gen.pdbx_host_org_ncbi_taxonomy_id     562 
_entity_src_gen.host_org_genus                     ? 
_entity_src_gen.pdbx_host_org_gene                 ? 
_entity_src_gen.pdbx_host_org_organ                ? 
_entity_src_gen.host_org_species                   ? 
_entity_src_gen.pdbx_host_org_tissue               ? 
_entity_src_gen.pdbx_host_org_tissue_fraction      ? 
_entity_src_gen.pdbx_host_org_strain               ? 
_entity_src_gen.pdbx_host_org_variant              ? 
_entity_src_gen.pdbx_host_org_cell_line            ? 
_entity_src_gen.pdbx_host_org_atcc                 ? 
_entity_src_gen.pdbx_host_org_culture_collection   ? 
_entity_src_gen.pdbx_host_org_cell                 ? 
_entity_src_gen.pdbx_host_org_organelle            ? 
_entity_src_gen.pdbx_host_org_cellular_location    ? 
_entity_src_gen.pdbx_host_org_vector_type          plasmid 
_entity_src_gen.pdbx_host_org_vector               ? 
_entity_src_gen.host_org_details                   ? 
_entity_src_gen.expression_system_id               ? 
_entity_src_gen.plasmid_name                       'pET151 TOPO' 
_entity_src_gen.plasmid_details                    ? 
_entity_src_gen.pdbx_description                   ? 
# 
loop_
_chem_comp.id 
_chem_comp.type 
_chem_comp.mon_nstd_flag 
_chem_comp.name 
_chem_comp.pdbx_synonyms 
_chem_comp.formula 
_chem_comp.formula_weight 
ALA 'L-peptide linking' y ALANINE          ? 'C3 H7 N O2'     89.093  
ARG 'L-peptide linking' y ARGININE         ? 'C6 H15 N4 O2 1' 175.209 
ASN 'L-peptide linking' y ASPARAGINE       ? 'C4 H8 N2 O3'    132.118 
ASP 'L-peptide linking' y 'ASPARTIC ACID'  ? 'C4 H7 N O4'     133.103 
CYS 'L-peptide linking' y CYSTEINE         ? 'C3 H7 N O2 S'   121.158 
GLN 'L-peptide linking' y GLUTAMINE        ? 'C5 H10 N2 O3'   146.144 
GLU 'L-peptide linking' y 'GLUTAMIC ACID'  ? 'C5 H9 N O4'     147.129 
GLY 'peptide linking'   y GLYCINE          ? 'C2 H5 N O2'     75.067  
HIS 'L-peptide linking' y HISTIDINE        ? 'C6 H10 N3 O2 1' 156.162 
HOH non-polymer         . WATER            ? 'H2 O'           18.015  
ILE 'L-peptide linking' y ISOLEUCINE       ? 'C6 H13 N O2'    131.173 
LEU 'L-peptide linking' y LEUCINE          ? 'C6 H13 N O2'    131.173 
LYS 'L-peptide linking' y LYSINE           ? 'C6 H15 N2 O2 1' 147.195 
MSE 'L-peptide linking' n SELENOMETHIONINE ? 'C5 H11 N O2 Se' 196.106 
PHE 'L-peptide linking' y PHENYLALANINE    ? 'C9 H11 N O2'    165.189 
PRO 'L-peptide linking' y PROLINE          ? 'C5 H9 N O2'     115.130 
SEC 'L-peptide linking' y SELENOCYSTEINE   ? 'C3 H7 N O2 Se'  168.053 
SER 'L-peptide linking' y SERINE           ? 'C3 H7 N O3'     105.093 
THR 'L-peptide linking' y THREONINE        ? 'C4 H9 N O3'     119.119 
TRP 'L-peptide linking' y TRYPTOPHAN       ? 'C11 H12 N2 O2'  204.225 
TYR 'L-peptide linking' y TYROSINE         ? 'C9 H11 N O3'    181.189 
VAL 'L-peptide linking' y VALINE           ? 'C5 H11 N O2'    117.146 
# 
loop_
_pdbx_poly_seq_scheme.asym_id 
_pdbx_poly_seq_scheme.entity_id 
_pdbx_poly_seq_scheme.seq_id 
_pdbx_poly_seq_scheme.mon_id 
_pdbx_poly_seq_scheme.ndb_seq_num 
_pdbx_poly_seq_scheme.pdb_seq_num 
_pdbx_poly_seq_scheme.auth_seq_num 
_pdbx_poly_seq_scheme.pdb_mon_id 
_pdbx_poly_seq_scheme.auth_mon_id 
_pdbx_poly_seq_scheme.pdb_strand_id 
_pdbx_poly_seq_scheme.pdb_ins_code 
_pdbx_poly_seq_scheme.hetero 
A 1 1   GLY 1   114 114 GLY GLY A . n 
A 1 2   ILE 2   115 115 ILE ILE A . n 
A 1 3   ASP 3   116 116 ASP ASP A . n 
A 1 4   PRO 4   117 117 PRO PRO A . n 
A 1 5   PHE 5   118 118 PHE PHE A . n 
A 1 6   THR 6   119 119 THR THR A . n 
A 1 7   GLY 7   120 120 GLY GLY A . n 
A 1 8   GLN 8   121 121 GLN GLN A . n 
A 1 9   LYS 9   122 122 LYS LYS A . n 
A 1 10  LEU 10  123 123 LEU LEU A . n 
A 1 11  ASP 11  124 124 ASP ASP A . n 
A 1 12  PHE 12  125 125 PHE PHE A . n 
A 1 13  PHE 13  126 126 PHE PHE A . n 
A 1 14  LYS 14  127 127 LYS LYS A . n 
A 1 15  GLN 15  128 128 GLN GLN A . n 
A 1 16  ALA 16  129 129 ALA ALA A . n 
A 1 17  HIS 17  130 130 HIS HIS A . n 
A 1 18  GLU 18  131 131 GLU GLU A . n 
A 1 19  GLY 19  132 132 GLY GLY A . n 
A 1 20  GLY 20  133 133 GLY GLY A . n 
A 1 21  PRO 21  134 134 PRO PRO A . n 
A 1 22  ALA 22  135 135 ALA ALA A . n 
A 1 23  PRO 23  136 136 PRO PRO A . n 
A 1 24  ASN 24  137 137 ASN ASN A . n 
A 1 25  SER 25  138 138 SER SER A . n 
A 1 26  GLU 26  139 139 GLU GLU A . n 
A 1 27  VAL 27  140 140 VAL VAL A . n 
A 1 28  VAL 28  141 141 VAL VAL A . n 
A 1 29  ARG 29  142 142 ARG ARG A . n 
A 1 30  PRO 30  143 143 PRO PRO A . n 
A 1 31  ASP 31  144 144 ASP ASP A . n 
A 1 32  GLY 32  145 145 GLY GLY A . n 
A 1 33  PHE 33  146 146 PHE PHE A . n 
A 1 34  GLN 34  147 147 GLN GLN A . n 
A 1 35  SER 35  148 148 SER SER A . n 
A 1 36  GLN 36  149 149 GLN GLN A . n 
A 1 37  ARG 37  150 150 ARG ARG A . n 
A 1 38  ILE 38  151 151 ILE ILE A . n 
A 1 39  LEU 39  152 152 LEU LEU A . n 
A 1 40  ASP 40  153 153 ASP ASP A . n 
A 1 41  TYR 41  154 154 TYR TYR A . n 
A 1 42  ALA 42  155 155 ALA ALA A . n 
A 1 43  GLN 43  156 156 GLN GLN A . n 
A 1 44  GLY 44  157 157 GLY GLY A . n 
A 1 45  THR 45  158 158 THR THR A . n 
A 1 46  ARG 46  159 159 ARG ARG A . n 
A 1 47  PRO 47  160 160 PRO PRO A . n 
A 1 48  LEU 48  161 161 LEU LEU A . n 
A 1 49  VAL 49  162 162 VAL VAL A . n 
A 1 50  LEU 50  163 163 LEU LEU A . n 
A 1 51  ASN 51  164 164 ASN ASN A . n 
A 1 52  PHE 52  165 165 PHE PHE A . n 
A 1 53  GLY 53  166 166 GLY GLY A . n 
A 1 54  SER 54  167 167 SER SER A . n 
A 1 55  CYS 55  168 168 CYS CYS A . n 
A 1 56  THR 56  169 169 THR THR A . n 
A 1 57  CYS 57  170 170 CYS CYS A . n 
A 1 58  PRO 58  171 171 PRO PRO A . n 
A 1 59  PRO 59  172 172 PRO PRO A . n 
A 1 60  PHE 60  173 173 PHE PHE A . n 
A 1 61  MSE 61  174 174 MSE MSE A . n 
A 1 62  ALA 62  175 175 ALA ALA A . n 
A 1 63  ARG 63  176 176 ARG ARG A . n 
A 1 64  MSE 64  177 177 MSE MSE A . n 
A 1 65  SER 65  178 178 SER SER A . n 
A 1 66  ALA 66  179 179 ALA ALA A . n 
A 1 67  PHE 67  180 180 PHE PHE A . n 
A 1 68  GLN 68  181 181 GLN GLN A . n 
A 1 69  ARG 69  182 182 ARG ARG A . n 
A 1 70  LEU 70  183 183 LEU LEU A . n 
A 1 71  VAL 71  184 184 VAL VAL A . n 
A 1 72  THR 72  185 185 THR THR A . n 
A 1 73  LYS 73  186 186 LYS LYS A . n 
A 1 74  TYR 74  187 187 TYR TYR A . n 
A 1 75  GLN 75  188 188 GLN GLN A . n 
A 1 76  ARG 76  189 189 ARG ARG A . n 
A 1 77  ASP 77  190 190 ASP ASP A . n 
A 1 78  VAL 78  191 191 VAL VAL A . n 
A 1 79  ASP 79  192 192 ASP ASP A . n 
A 1 80  PHE 80  193 193 PHE PHE A . n 
A 1 81  LEU 81  194 194 LEU LEU A . n 
A 1 82  ILE 82  195 195 ILE ILE A . n 
A 1 83  ILE 83  196 196 ILE ILE A . n 
A 1 84  TYR 84  197 197 TYR TYR A . n 
A 1 85  ILE 85  198 198 ILE ILE A . n 
A 1 86  GLU 86  199 199 GLU GLU A . n 
A 1 87  GLU 87  200 200 GLU GLU A . n 
A 1 88  ALA 88  201 201 ALA ALA A . n 
A 1 89  HIS 89  202 202 HIS HIS A . n 
A 1 90  PRO 90  203 203 PRO PRO A . n 
A 1 91  SER 91  204 204 SER SER A . n 
A 1 92  ASP 92  205 205 ASP ASP A . n 
A 1 93  GLY 93  206 206 GLY GLY A . n 
A 1 94  TRP 94  207 207 TRP TRP A . n 
A 1 95  VAL 95  208 208 VAL VAL A . n 
A 1 96  THR 96  209 209 THR THR A . n 
A 1 97  THR 97  210 210 THR THR A . n 
A 1 98  ASP 98  211 211 ASP ASP A . n 
A 1 99  SER 99  212 212 SER SER A . n 
A 1 100 PRO 100 213 213 PRO PRO A . n 
A 1 101 TYR 101 214 214 TYR TYR A . n 
A 1 102 VAL 102 215 215 VAL VAL A . n 
A 1 103 ILE 103 216 216 ILE ILE A . n 
A 1 104 PRO 104 217 217 PRO PRO A . n 
A 1 105 GLN 105 218 218 GLN GLN A . n 
A 1 106 HIS 106 219 219 HIS HIS A . n 
A 1 107 ARG 107 220 220 ARG ARG A . n 
A 1 108 SER 108 221 221 SER SER A . n 
A 1 109 LEU 109 222 222 LEU LEU A . n 
A 1 110 GLU 110 223 223 GLU GLU A . n 
A 1 111 ASP 111 224 224 ASP ASP A . n 
A 1 112 ARG 112 225 225 ARG ARG A . n 
A 1 113 VAL 113 226 226 VAL VAL A . n 
A 1 114 SER 114 227 227 SER SER A . n 
A 1 115 ALA 115 228 228 ALA ALA A . n 
A 1 116 ALA 116 229 229 ALA ALA A . n 
A 1 117 ARG 117 230 230 ARG ARG A . n 
A 1 118 VAL 118 231 231 VAL VAL A . n 
A 1 119 LEU 119 232 232 LEU LEU A . n 
A 1 120 GLN 120 233 233 GLN GLN A . n 
A 1 121 GLN 121 234 234 GLN GLN A . n 
A 1 122 GLY 122 235 235 GLY GLY A . n 
A 1 123 ALA 123 236 236 ALA ALA A . n 
A 1 124 PRO 124 237 237 PRO PRO A . n 
A 1 125 GLY 125 238 238 GLY GLY A . n 
A 1 126 CYS 126 239 239 CYS CYS A . n 
A 1 127 ALA 127 240 240 ALA ALA A . n 
A 1 128 LEU 128 241 241 LEU LEU A . n 
A 1 129 VAL 129 242 242 VAL VAL A . n 
A 1 130 LEU 130 243 243 LEU LEU A . n 
A 1 131 ASP 131 244 244 ASP ASP A . n 
A 1 132 THR 132 245 245 THR THR A . n 
A 1 133 MSE 133 246 246 MSE MSE A . n 
A 1 134 ALA 134 247 247 ALA ALA A . n 
A 1 135 ASN 135 248 248 ASN ASN A . n 
A 1 136 SER 136 249 249 SER SER A . n 
A 1 137 SER 137 250 250 SER SER A . n 
A 1 138 SER 138 251 251 SER SER A . n 
A 1 139 SER 139 252 252 SER SER A . n 
A 1 140 ALA 140 253 253 ALA ALA A . n 
A 1 141 TYR 141 254 254 TYR TYR A . n 
A 1 142 GLY 142 255 255 GLY GLY A . n 
A 1 143 ALA 143 256 256 ALA ALA A . n 
A 1 144 TYR 144 257 257 TYR TYR A . n 
A 1 145 PHE 145 258 258 PHE PHE A . n 
A 1 146 GLU 146 259 259 GLU GLU A . n 
A 1 147 ARG 147 260 260 ARG ARG A . n 
A 1 148 LEU 148 261 261 LEU LEU A . n 
A 1 149 TYR 149 262 262 TYR TYR A . n 
A 1 150 VAL 150 263 263 VAL VAL A . n 
A 1 151 ILE 151 264 264 ILE ILE A . n 
A 1 152 GLN 152 265 265 GLN GLN A . n 
A 1 153 SER 153 266 266 SER SER A . n 
A 1 154 GLY 154 267 267 GLY GLY A . n 
A 1 155 THR 155 268 268 THR THR A . n 
A 1 156 ILE 156 269 269 ILE ILE A . n 
A 1 157 MSE 157 270 270 MSE MSE A . n 
A 1 158 TYR 158 271 271 TYR TYR A . n 
A 1 159 GLN 159 272 272 GLN GLN A . n 
A 1 160 GLY 160 273 273 GLY GLY A . n 
A 1 161 GLY 161 274 274 GLY GLY A . n 
A 1 162 ARG 162 275 275 ARG ARG A . n 
A 1 163 GLY 163 276 276 GLY GLY A . n 
A 1 164 PRO 164 277 277 PRO PRO A . n 
A 1 165 ASP 165 278 278 ASP ASP A . n 
A 1 166 GLY 166 279 279 GLY GLY A . n 
A 1 167 TYR 167 280 280 TYR TYR A . n 
A 1 168 GLN 168 281 281 GLN GLN A . n 
A 1 169 VAL 169 282 282 VAL VAL A . n 
A 1 170 SER 170 283 283 SER SER A . n 
A 1 171 GLU 171 284 284 GLU GLU A . n 
A 1 172 LEU 172 285 285 LEU LEU A . n 
A 1 173 ARG 173 286 286 ARG ARG A . n 
A 1 174 THR 174 287 287 THR THR A . n 
A 1 175 TRP 175 288 288 TRP TRP A . n 
A 1 176 LEU 176 289 289 LEU LEU A . n 
A 1 177 GLU 177 290 290 GLU GLU A . n 
A 1 178 ARG 178 291 291 ARG ARG A . n 
A 1 179 TYR 179 292 292 TYR TYR A . n 
A 1 180 ASP 180 293 293 ASP ASP A . n 
A 1 181 GLU 181 294 294 GLU GLU A . n 
A 1 182 GLN 182 295 295 GLN GLN A . n 
A 1 183 LEU 183 296 296 LEU LEU A . n 
A 1 184 HIS 184 297 297 HIS HIS A . n 
A 1 185 GLY 185 298 298 GLY GLY A . n 
A 1 186 THR 186 299 299 THR THR A . n 
A 1 187 ARG 187 300 300 ARG ARG A . n 
A 1 188 PRO 188 301 301 PRO PRO A . n 
A 1 189 HIS 189 302 ?   ?   ?   A . n 
A 1 190 ARG 190 303 ?   ?   ?   A . n 
A 1 191 PHE 191 304 ?   ?   ?   A . n 
# 
loop_
_pdbx_nonpoly_scheme.asym_id 
_pdbx_nonpoly_scheme.entity_id 
_pdbx_nonpoly_scheme.mon_id 
_pdbx_nonpoly_scheme.ndb_seq_num 
_pdbx_nonpoly_scheme.pdb_seq_num 
_pdbx_nonpoly_scheme.auth_seq_num 
_pdbx_nonpoly_scheme.pdb_mon_id 
_pdbx_nonpoly_scheme.auth_mon_id 
_pdbx_nonpoly_scheme.pdb_strand_id 
_pdbx_nonpoly_scheme.pdb_ins_code 
B 2 HOH 1  401 226 HOH HOH A . 
B 2 HOH 2  402 18  HOH HOH A . 
B 2 HOH 3  403 27  HOH HOH A . 
B 2 HOH 4  404 45  HOH HOH A . 
B 2 HOH 5  405 219 HOH HOH A . 
B 2 HOH 6  406 15  HOH HOH A . 
B 2 HOH 7  407 148 HOH HOH A . 
B 2 HOH 8  408 228 HOH HOH A . 
B 2 HOH 9  409 8   HOH HOH A . 
B 2 HOH 10 410 16  HOH HOH A . 
B 2 HOH 11 411 147 HOH HOH A . 
B 2 HOH 12 412 215 HOH HOH A . 
B 2 HOH 13 413 153 HOH HOH A . 
B 2 HOH 14 414 32  HOH HOH A . 
B 2 HOH 15 415 13  HOH HOH A . 
B 2 HOH 16 416 19  HOH HOH A . 
B 2 HOH 17 417 235 HOH HOH A . 
B 2 HOH 18 418 106 HOH HOH A . 
B 2 HOH 19 419 92  HOH HOH A . 
B 2 HOH 20 420 172 HOH HOH A . 
B 2 HOH 21 421 210 HOH HOH A . 
B 2 HOH 22 422 93  HOH HOH A . 
B 2 HOH 23 423 149 HOH HOH A . 
B 2 HOH 24 424 90  HOH HOH A . 
B 2 HOH 25 425 94  HOH HOH A . 
B 2 HOH 26 426 14  HOH HOH A . 
B 2 HOH 27 427 162 HOH HOH A . 
B 2 HOH 28 428 155 HOH HOH A . 
B 2 HOH 29 429 161 HOH HOH A . 
B 2 HOH 30 430 7   HOH HOH A . 
B 2 HOH 31 431 10  HOH HOH A . 
B 2 HOH 32 432 6   HOH HOH A . 
B 2 HOH 33 433 28  HOH HOH A . 
B 2 HOH 34 434 193 HOH HOH A . 
B 2 HOH 35 435 195 HOH HOH A . 
B 2 HOH 36 436 179 HOH HOH A . 
B 2 HOH 37 437 2   HOH HOH A . 
B 2 HOH 38 438 31  HOH HOH A . 
B 2 HOH 39 439 43  HOH HOH A . 
B 2 HOH 40 440 185 HOH HOH A . 
B 2 HOH 41 441 180 HOH HOH A . 
B 2 HOH 42 442 29  HOH HOH A . 
B 2 HOH 43 443 38  HOH HOH A . 
B 2 HOH 44 444 194 HOH HOH A . 
B 2 HOH 45 445 198 HOH HOH A . 
B 2 HOH 46 446 134 HOH HOH A . 
B 2 HOH 47 447 150 HOH HOH A . 
B 2 HOH 48 448 214 HOH HOH A . 
B 2 HOH 49 449 233 HOH HOH A . 
B 2 HOH 50 450 1   HOH HOH A . 
B 2 HOH 51 451 3   HOH HOH A . 
B 2 HOH 52 452 5   HOH HOH A . 
B 2 HOH 53 453 11  HOH HOH A . 
B 2 HOH 54 454 12  HOH HOH A . 
B 2 HOH 55 455 17  HOH HOH A . 
B 2 HOH 56 456 22  HOH HOH A . 
B 2 HOH 57 457 23  HOH HOH A . 
B 2 HOH 58 458 24  HOH HOH A . 
B 2 HOH 59 459 30  HOH HOH A . 
B 2 HOH 60 460 33  HOH HOH A . 
B 2 HOH 61 461 40  HOH HOH A . 
B 2 HOH 62 462 41  HOH HOH A . 
B 2 HOH 63 463 42  HOH HOH A . 
B 2 HOH 64 464 47  HOH HOH A . 
B 2 HOH 65 465 49  HOH HOH A . 
B 2 HOH 66 466 50  HOH HOH A . 
B 2 HOH 67 467 55  HOH HOH A . 
B 2 HOH 68 468 58  HOH HOH A . 
B 2 HOH 69 469 59  HOH HOH A . 
B 2 HOH 70 470 88  HOH HOH A . 
B 2 HOH 71 471 95  HOH HOH A . 
B 2 HOH 72 472 97  HOH HOH A . 
B 2 HOH 73 473 98  HOH HOH A . 
B 2 HOH 74 474 103 HOH HOH A . 
B 2 HOH 75 475 107 HOH HOH A . 
B 2 HOH 76 476 133 HOH HOH A . 
B 2 HOH 77 477 136 HOH HOH A . 
B 2 HOH 78 478 154 HOH HOH A . 
B 2 HOH 79 479 156 HOH HOH A . 
B 2 HOH 80 480 160 HOH HOH A . 
B 2 HOH 81 481 184 HOH HOH A . 
B 2 HOH 82 482 191 HOH HOH A . 
B 2 HOH 83 483 197 HOH HOH A . 
B 2 HOH 84 484 201 HOH HOH A . 
B 2 HOH 85 485 202 HOH HOH A . 
B 2 HOH 86 486 216 HOH HOH A . 
B 2 HOH 87 487 220 HOH HOH A . 
B 2 HOH 88 488 221 HOH HOH A . 
B 2 HOH 89 489 223 HOH HOH A . 
B 2 HOH 90 490 227 HOH HOH A . 
B 2 HOH 91 491 237 HOH HOH A . 
B 2 HOH 92 492 247 HOH HOH A . 
B 2 HOH 93 493 248 HOH HOH A . 
# 
loop_
_pdbx_unobs_or_zero_occ_atoms.id 
_pdbx_unobs_or_zero_occ_atoms.PDB_model_num 
_pdbx_unobs_or_zero_occ_atoms.polymer_flag 
_pdbx_unobs_or_zero_occ_atoms.occupancy_flag 
_pdbx_unobs_or_zero_occ_atoms.auth_asym_id 
_pdbx_unobs_or_zero_occ_atoms.auth_comp_id 
_pdbx_unobs_or_zero_occ_atoms.auth_seq_id 
_pdbx_unobs_or_zero_occ_atoms.PDB_ins_code 
_pdbx_unobs_or_zero_occ_atoms.auth_atom_id 
_pdbx_unobs_or_zero_occ_atoms.label_alt_id 
_pdbx_unobs_or_zero_occ_atoms.label_asym_id 
_pdbx_unobs_or_zero_occ_atoms.label_comp_id 
_pdbx_unobs_or_zero_occ_atoms.label_seq_id 
_pdbx_unobs_or_zero_occ_atoms.label_atom_id 
1  1 Y 1 A PHE 126 ? CG  ? A PHE 13  CG  
2  1 Y 1 A PHE 126 ? CD1 ? A PHE 13  CD1 
3  1 Y 1 A PHE 126 ? CD2 ? A PHE 13  CD2 
4  1 Y 1 A PHE 126 ? CE1 ? A PHE 13  CE1 
5  1 Y 1 A PHE 126 ? CE2 ? A PHE 13  CE2 
6  1 Y 1 A PHE 126 ? CZ  ? A PHE 13  CZ  
7  1 Y 1 A LYS 127 ? CG  ? A LYS 14  CG  
8  1 Y 1 A LYS 127 ? CD  ? A LYS 14  CD  
9  1 Y 1 A LYS 127 ? CE  ? A LYS 14  CE  
10 1 Y 1 A LYS 127 ? NZ  ? A LYS 14  NZ  
11 1 Y 1 A VAL 208 ? CG1 ? A VAL 95  CG1 
12 1 Y 1 A VAL 208 ? CG2 ? A VAL 95  CG2 
13 1 Y 1 A THR 209 ? OG1 ? A THR 96  OG1 
14 1 Y 1 A THR 209 ? CG2 ? A THR 96  CG2 
15 1 Y 1 A THR 210 ? OG1 ? A THR 97  OG1 
16 1 Y 1 A THR 210 ? CG2 ? A THR 97  CG2 
17 1 Y 1 A ASP 278 ? OD1 ? A ASP 165 OD1 
18 1 Y 1 A ASP 278 ? OD2 ? A ASP 165 OD2 
19 1 Y 1 A GLU 284 ? CD  ? A GLU 171 CD  
20 1 Y 1 A GLU 284 ? OE1 ? A GLU 171 OE1 
21 1 Y 1 A GLU 284 ? OE2 ? A GLU 171 OE2 
# 
loop_
_software.citation_id 
_software.classification 
_software.compiler_name 
_software.compiler_version 
_software.contact_author 
_software.contact_author_email 
_software.date 
_software.description 
_software.dependencies 
_software.hardware 
_software.language 
_software.location 
_software.mods 
_software.name 
_software.os 
_software.os_version 
_software.type 
_software.version 
_software.pdbx_ordinal 
? refinement        ? ? ? ? ? ? ? ? ? ? ? REFMAC      ? ? ? 5.5.0042 1 
? 'data extraction' ? ? ? ? ? ? ? ? ? ? ? PDB_EXTRACT ? ? ? 3.14     2 
? 'data reduction'  ? ? ? ? ? ? ? ? ? ? ? XDS         ? ? ? .        3 
? phasing           ? ? ? ? ? ? ? ? ? ? ? SHELX       ? ? ? .        4 
? 'model building'  ? ? ? ? ? ? ? ? ? ? ? ARP         ? ? ? .        5 
? 'model building'  ? ? ? ? ? ? ? ? ? ? ? Coot        ? ? ? .        6 
# 
_cell.length_a           48.920 
_cell.length_b           54.300 
_cell.length_c           66.610 
_cell.angle_alpha        90.000 
_cell.angle_beta         90.000 
_cell.angle_gamma        90.000 
_cell.entry_id           4TR3 
_cell.Z_PDB              4 
_cell.pdbx_unique_axis   ? 
# 
_symmetry.entry_id                         4TR3 
_symmetry.cell_setting                     ? 
_symmetry.Int_Tables_number                19 
_symmetry.space_group_name_Hall            ? 
_symmetry.space_group_name_H-M             'P 21 21 21' 
_symmetry.pdbx_full_space_group_name_H-M   ? 
# 
_exptl.absorpt_coefficient_mu     ? 
_exptl.absorpt_correction_T_max   ? 
_exptl.absorpt_correction_T_min   ? 
_exptl.absorpt_correction_type    ? 
_exptl.absorpt_process_details    ? 
_exptl.entry_id                   4TR3 
_exptl.crystals_number            1 
_exptl.details                    ? 
_exptl.method                     'X-RAY DIFFRACTION' 
_exptl.method_details             ? 
# 
_exptl_crystal.colour                      ? 
_exptl_crystal.density_diffrn              ? 
_exptl_crystal.density_Matthews            2.08 
_exptl_crystal.density_method              ? 
_exptl_crystal.density_percent_sol         40.90 
_exptl_crystal.description                 ? 
_exptl_crystal.F_000                       ? 
_exptl_crystal.id                          1 
_exptl_crystal.preparation                 ? 
_exptl_crystal.size_max                    ? 
_exptl_crystal.size_mid                    ? 
_exptl_crystal.size_min                    ? 
_exptl_crystal.size_rad                    ? 
_exptl_crystal.colour_lustre               ? 
_exptl_crystal.colour_modifier             ? 
_exptl_crystal.colour_primary              ? 
_exptl_crystal.density_meas                ? 
_exptl_crystal.density_meas_esd            ? 
_exptl_crystal.density_meas_gt             ? 
_exptl_crystal.density_meas_lt             ? 
_exptl_crystal.density_meas_temp           ? 
_exptl_crystal.density_meas_temp_esd       ? 
_exptl_crystal.density_meas_temp_gt        ? 
_exptl_crystal.density_meas_temp_lt        ? 
_exptl_crystal.pdbx_crystal_image_url      ? 
_exptl_crystal.pdbx_crystal_image_format   ? 
_exptl_crystal.pdbx_mosaicity              ? 
_exptl_crystal.pdbx_mosaicity_esd          ? 
# 
_exptl_crystal_grow.apparatus       ? 
_exptl_crystal_grow.atmosphere      ? 
_exptl_crystal_grow.crystal_id      1 
_exptl_crystal_grow.details         ? 
_exptl_crystal_grow.method          'VAPOR DIFFUSION' 
_exptl_crystal_grow.method_ref      ? 
_exptl_crystal_grow.pH              7.0 
_exptl_crystal_grow.pressure        ? 
_exptl_crystal_grow.pressure_esd    ? 
_exptl_crystal_grow.seeding         ? 
_exptl_crystal_grow.seeding_ref     ? 
_exptl_crystal_grow.temp            293 
_exptl_crystal_grow.temp_details    ? 
_exptl_crystal_grow.temp_esd        ? 
_exptl_crystal_grow.time            ? 
_exptl_crystal_grow.pdbx_details    '20 % PEG 3350, 0.2 M Ammoniumcitrate' 
_exptl_crystal_grow.pdbx_pH_range   ? 
# 
_diffrn.ambient_environment    ? 
_diffrn.ambient_temp           100 
_diffrn.ambient_temp_details   ? 
_diffrn.ambient_temp_esd       ? 
_diffrn.crystal_id             1 
_diffrn.crystal_support        ? 
_diffrn.crystal_treatment      ? 
_diffrn.details                ? 
_diffrn.id                     1 
_diffrn.ambient_pressure       ? 
_diffrn.ambient_pressure_esd   ? 
_diffrn.ambient_pressure_gt    ? 
_diffrn.ambient_pressure_lt    ? 
_diffrn.ambient_temp_gt        ? 
_diffrn.ambient_temp_lt        ? 
# 
_diffrn_detector.details                      ? 
_diffrn_detector.detector                     CCD 
_diffrn_detector.diffrn_id                    1 
_diffrn_detector.type                         'ADSC QUANTUM 4' 
_diffrn_detector.area_resol_mean              ? 
_diffrn_detector.dtime                        ? 
_diffrn_detector.pdbx_frames_total            ? 
_diffrn_detector.pdbx_collection_time_total   ? 
_diffrn_detector.pdbx_collection_date         2008-11-13 
# 
_diffrn_radiation.collimation                      ? 
_diffrn_radiation.diffrn_id                        1 
_diffrn_radiation.filter_edge                      ? 
_diffrn_radiation.inhomogeneity                    ? 
_diffrn_radiation.monochromator                    ? 
_diffrn_radiation.polarisn_norm                    ? 
_diffrn_radiation.polarisn_ratio                   ? 
_diffrn_radiation.probe                            ? 
_diffrn_radiation.type                             ? 
_diffrn_radiation.xray_symbol                      ? 
_diffrn_radiation.wavelength_id                    1 
_diffrn_radiation.pdbx_monochromatic_or_laue_m_l   M 
_diffrn_radiation.pdbx_wavelength_list             ? 
_diffrn_radiation.pdbx_wavelength                  ? 
_diffrn_radiation.pdbx_diffrn_protocol             'SINGLE WAVELENGTH' 
_diffrn_radiation.pdbx_analyzer                    ? 
_diffrn_radiation.pdbx_scattering_type             x-ray 
# 
_diffrn_radiation_wavelength.id           1 
_diffrn_radiation_wavelength.wavelength   0.9795 
_diffrn_radiation_wavelength.wt           1.0 
# 
_diffrn_source.current                     ? 
_diffrn_source.details                     ? 
_diffrn_source.diffrn_id                   1 
_diffrn_source.power                       ? 
_diffrn_source.size                        ? 
_diffrn_source.source                      SYNCHROTRON 
_diffrn_source.target                      ? 
_diffrn_source.type                        'ESRF BEAMLINE ID14-4' 
_diffrn_source.voltage                     ? 
_diffrn_source.take-off_angle              ? 
_diffrn_source.pdbx_wavelength_list        0.9795 
_diffrn_source.pdbx_wavelength             ? 
_diffrn_source.pdbx_synchrotron_beamline   ID14-4 
_diffrn_source.pdbx_synchrotron_site       ESRF 
# 
_reflns.B_iso_Wilson_estimate            ? 
_reflns.entry_id                         4TR3 
_reflns.data_reduction_details           ? 
_reflns.data_reduction_method            ? 
_reflns.d_resolution_high                1.90 
_reflns.d_resolution_low                 20.0 
_reflns.details                          ? 
_reflns.limit_h_max                      ? 
_reflns.limit_h_min                      ? 
_reflns.limit_k_max                      ? 
_reflns.limit_k_min                      ? 
_reflns.limit_l_max                      ? 
_reflns.limit_l_min                      ? 
_reflns.number_all                       14304 
_reflns.number_obs                       14015 
_reflns.observed_criterion               ? 
_reflns.observed_criterion_F_max         ? 
_reflns.observed_criterion_F_min         ? 
_reflns.observed_criterion_I_max         ? 
_reflns.observed_criterion_I_min         ? 
_reflns.observed_criterion_sigma_F       ? 
_reflns.observed_criterion_sigma_I       ? 
_reflns.percent_possible_obs             96.0 
_reflns.R_free_details                   ? 
_reflns.Rmerge_F_all                     ? 
_reflns.Rmerge_F_obs                     ? 
_reflns.Friedel_coverage                 ? 
_reflns.number_gt                        ? 
_reflns.threshold_expression             ? 
_reflns.pdbx_redundancy                  3.7 
_reflns.pdbx_Rmerge_I_obs                0.075 
_reflns.pdbx_Rmerge_I_all                ? 
_reflns.pdbx_Rsym_value                  ? 
_reflns.pdbx_netI_over_av_sigmaI         ? 
_reflns.pdbx_netI_over_sigmaI            13.9 
_reflns.pdbx_res_netI_over_av_sigmaI_2   ? 
_reflns.pdbx_res_netI_over_sigmaI_2      ? 
_reflns.pdbx_chi_squared                 ? 
_reflns.pdbx_scaling_rejects             ? 
_reflns.pdbx_d_res_high_opt              ? 
_reflns.pdbx_d_res_low_opt               ? 
_reflns.pdbx_d_res_opt_method            ? 
_reflns.phase_calculation_details        ? 
_reflns.pdbx_Rrim_I_all                  ? 
_reflns.pdbx_Rpim_I_all                  ? 
_reflns.pdbx_d_opt                       ? 
_reflns.pdbx_number_measured_all         ? 
_reflns.pdbx_diffrn_id                   1 
_reflns.pdbx_ordinal                     1 
_reflns.pdbx_CC_half                     ? 
_reflns.pdbx_R_split                     ? 
# 
_refine.aniso_B[1][1]                            1.2700 
_refine.aniso_B[1][2]                            0.0000 
_refine.aniso_B[1][3]                            0.0000 
_refine.aniso_B[2][2]                            -0.5400 
_refine.aniso_B[2][3]                            0.0000 
_refine.aniso_B[3][3]                            -0.7300 
_refine.B_iso_max                                51.080 
_refine.B_iso_mean                               18.0 
_refine.B_iso_min                                4.620 
_refine.correlation_coeff_Fo_to_Fc               0.9300 
_refine.correlation_coeff_Fo_to_Fc_free          0.9000 
_refine.details                                  
'HYDROGENS HAVE BEEN ADDED IN THE RIDING POSITIONS U VALUES      : REFINED INDIVIDUALLY' 
_refine.diff_density_max                         ? 
_refine.diff_density_max_esd                     ? 
_refine.diff_density_min                         ? 
_refine.diff_density_min_esd                     ? 
_refine.diff_density_rms                         ? 
_refine.diff_density_rms_esd                     ? 
_refine.entry_id                                 4TR3 
_refine.pdbx_refine_id                           'X-RAY DIFFRACTION' 
_refine.ls_abs_structure_details                 ? 
_refine.ls_abs_structure_Flack                   ? 
_refine.ls_abs_structure_Flack_esd               ? 
_refine.ls_abs_structure_Rogers                  ? 
_refine.ls_abs_structure_Rogers_esd              ? 
_refine.ls_d_res_high                            1.9000 
_refine.ls_d_res_low                             42.0700 
_refine.ls_extinction_coef                       ? 
_refine.ls_extinction_coef_esd                   ? 
_refine.ls_extinction_expression                 ? 
_refine.ls_extinction_method                     ? 
_refine.ls_goodness_of_fit_all                   ? 
_refine.ls_goodness_of_fit_all_esd               ? 
_refine.ls_goodness_of_fit_obs                   ? 
_refine.ls_goodness_of_fit_obs_esd               ? 
_refine.ls_hydrogen_treatment                    ? 
_refine.ls_matrix_type                           ? 
_refine.ls_number_constraints                    ? 
_refine.ls_number_parameters                     ? 
_refine.ls_number_reflns_all                     ? 
_refine.ls_number_reflns_obs                     14015 
_refine.ls_number_reflns_R_free                  706 
_refine.ls_number_reflns_R_work                  13309 
_refine.ls_number_restraints                     ? 
_refine.ls_percent_reflns_obs                    95.9500 
_refine.ls_percent_reflns_R_free                 5.0000 
_refine.ls_R_factor_all                          ? 
_refine.ls_R_factor_obs                          0.1885 
_refine.ls_R_factor_R_free                       0.2272 
_refine.ls_R_factor_R_free_error                 ? 
_refine.ls_R_factor_R_free_error_details         ? 
_refine.ls_R_factor_R_work                       0.1866 
_refine.ls_R_Fsqd_factor_obs                     ? 
_refine.ls_R_I_factor_obs                        ? 
_refine.ls_redundancy_reflns_all                 ? 
_refine.ls_redundancy_reflns_obs                 ? 
_refine.ls_restrained_S_all                      ? 
_refine.ls_restrained_S_obs                      ? 
_refine.ls_shift_over_esd_max                    ? 
_refine.ls_shift_over_esd_mean                   ? 
_refine.ls_structure_factor_coef                 ? 
_refine.ls_weighting_details                     ? 
_refine.ls_weighting_scheme                      ? 
_refine.ls_wR_factor_all                         ? 
_refine.ls_wR_factor_obs                         ? 
_refine.ls_wR_factor_R_free                      ? 
_refine.ls_wR_factor_R_work                      ? 
_refine.occupancy_max                            ? 
_refine.occupancy_min                            ? 
_refine.solvent_model_details                    'BABINET MODEL WITH MASK' 
_refine.solvent_model_param_bsol                 ? 
_refine.solvent_model_param_ksol                 ? 
_refine.ls_R_factor_gt                           ? 
_refine.ls_goodness_of_fit_gt                    ? 
_refine.ls_goodness_of_fit_ref                   ? 
_refine.ls_shift_over_su_max                     ? 
_refine.ls_shift_over_su_max_lt                  ? 
_refine.ls_shift_over_su_mean                    ? 
_refine.ls_shift_over_su_mean_lt                 ? 
_refine.pdbx_ls_sigma_I                          ? 
_refine.pdbx_ls_sigma_F                          0.000 
_refine.pdbx_ls_sigma_Fsqd                       ? 
_refine.pdbx_data_cutoff_high_absF               ? 
_refine.pdbx_data_cutoff_high_rms_absF           ? 
_refine.pdbx_data_cutoff_low_absF                ? 
_refine.pdbx_isotropic_thermal_model             ? 
_refine.pdbx_ls_cross_valid_method               THROUGHOUT 
_refine.pdbx_method_to_determine_struct          SAD 
_refine.pdbx_starting_model                      ? 
_refine.pdbx_stereochemistry_target_values       'MAXIMUM LIKELIHOOD' 
_refine.pdbx_R_Free_selection_details            RANDOM 
_refine.pdbx_stereochem_target_val_spec_case     ? 
_refine.pdbx_overall_ESU_R                       0.1710 
_refine.pdbx_overall_ESU_R_Free                  0.1520 
_refine.pdbx_solvent_vdw_probe_radii             1.2000 
_refine.pdbx_solvent_ion_probe_radii             0.8000 
_refine.pdbx_solvent_shrinkage_radii             0.8000 
_refine.pdbx_real_space_R                        ? 
_refine.pdbx_density_correlation                 ? 
_refine.pdbx_pd_number_of_powder_patterns        ? 
_refine.pdbx_pd_number_of_points                 ? 
_refine.pdbx_pd_meas_number_of_points            ? 
_refine.pdbx_pd_proc_ls_prof_R_factor            ? 
_refine.pdbx_pd_proc_ls_prof_wR_factor           ? 
_refine.pdbx_pd_Marquardt_correlation_coeff      ? 
_refine.pdbx_pd_Fsqrd_R_factor                   ? 
_refine.pdbx_pd_ls_matrix_band_width             ? 
_refine.pdbx_overall_phase_error                 ? 
_refine.pdbx_overall_SU_R_free_Cruickshank_DPI   ? 
_refine.pdbx_overall_SU_R_free_Blow_DPI          ? 
_refine.pdbx_overall_SU_R_Blow_DPI               ? 
_refine.pdbx_TLS_residual_ADP_flag               ? 
_refine.pdbx_diffrn_id                           1 
_refine.overall_SU_B                             3.0350 
_refine.overall_SU_ML                            0.0900 
_refine.overall_SU_R_Cruickshank_DPI             ? 
_refine.overall_SU_R_free                        ? 
_refine.overall_FOM_free_R_set                   ? 
_refine.overall_FOM_work_R_set                   ? 
# 
_refine_hist.cycle_id                         final 
_refine_hist.pdbx_refine_id                   'X-RAY DIFFRACTION' 
_refine_hist.d_res_high                       1.9000 
_refine_hist.d_res_low                        42.0700 
_refine_hist.pdbx_number_atoms_ligand         0 
_refine_hist.number_atoms_solvent             93 
_refine_hist.number_atoms_total               1555 
_refine_hist.pdbx_number_residues_total       188 
_refine_hist.pdbx_B_iso_mean_solvent          22.18 
_refine_hist.pdbx_number_atoms_protein        1462 
_refine_hist.pdbx_number_atoms_nucleic_acid   0 
# 
loop_
_refine_ls_restr.pdbx_refine_id 
_refine_ls_restr.criterion 
_refine_ls_restr.dev_ideal 
_refine_ls_restr.dev_ideal_target 
_refine_ls_restr.number 
_refine_ls_restr.rejects 
_refine_ls_restr.type 
_refine_ls_restr.weight 
_refine_ls_restr.pdbx_restraint_function 
'X-RAY DIFFRACTION' ? 0.015  0.022  1500 ? r_bond_refined_d       ? ? 
'X-RAY DIFFRACTION' ? 1.395  1.953  2038 ? r_angle_refined_deg    ? ? 
'X-RAY DIFFRACTION' ? 5.862  5.000  187  ? r_dihedral_angle_1_deg ? ? 
'X-RAY DIFFRACTION' ? 34.065 22.973 74   ? r_dihedral_angle_2_deg ? ? 
'X-RAY DIFFRACTION' ? 13.826 15.000 226  ? r_dihedral_angle_3_deg ? ? 
'X-RAY DIFFRACTION' ? 16.055 15.000 14   ? r_dihedral_angle_4_deg ? ? 
'X-RAY DIFFRACTION' ? 0.098  0.200  212  ? r_chiral_restr         ? ? 
'X-RAY DIFFRACTION' ? 0.007  0.021  1194 ? r_gen_planes_refined   ? ? 
'X-RAY DIFFRACTION' ? 0.971  1.500  935  ? r_mcbond_it            ? ? 
'X-RAY DIFFRACTION' ? 1.797  2.000  1498 ? r_mcangle_it           ? ? 
'X-RAY DIFFRACTION' ? 2.721  3.000  565  ? r_scbond_it            ? ? 
'X-RAY DIFFRACTION' ? 4.236  4.500  540  ? r_scangle_it           ? ? 
# 
_refine_ls_shell.pdbx_refine_id                   'X-RAY DIFFRACTION' 
_refine_ls_shell.d_res_high                       1.8960 
_refine_ls_shell.d_res_low                        1.9450 
_refine_ls_shell.number_reflns_all                773 
_refine_ls_shell.number_reflns_obs                ? 
_refine_ls_shell.number_reflns_R_free             46 
_refine_ls_shell.number_reflns_R_work             727 
_refine_ls_shell.percent_reflns_obs               72.7200 
_refine_ls_shell.percent_reflns_R_free            ? 
_refine_ls_shell.R_factor_all                     ? 
_refine_ls_shell.R_factor_obs                     ? 
_refine_ls_shell.R_factor_R_free                  0.2680 
_refine_ls_shell.R_factor_R_free_error            ? 
_refine_ls_shell.R_factor_R_work                  0.1860 
_refine_ls_shell.redundancy_reflns_all            ? 
_refine_ls_shell.redundancy_reflns_obs            ? 
_refine_ls_shell.wR_factor_all                    ? 
_refine_ls_shell.wR_factor_obs                    ? 
_refine_ls_shell.wR_factor_R_free                 ? 
_refine_ls_shell.wR_factor_R_work                 ? 
_refine_ls_shell.pdbx_total_number_of_bins_used   20 
_refine_ls_shell.pdbx_phase_error                 ? 
# 
_struct.entry_id                     4TR3 
_struct.title                        'Mouse iodothyronine deiodinase 3 catalytic core, SeMet-labeled active site mutant SeCys->Cys' 
_struct.pdbx_model_details           ? 
_struct.pdbx_formula_weight          ? 
_struct.pdbx_formula_weight_method   ? 
_struct.pdbx_model_type_details      ? 
_struct.pdbx_CASP_flag               ? 
# 
_struct_keywords.entry_id        4TR3 
_struct_keywords.text            'deiodinase, thyronine hormones, thioredoxin fold, oxidoreductase' 
_struct_keywords.pdbx_keywords   OXIDOREDUCTASE 
# 
loop_
_struct_asym.id 
_struct_asym.pdbx_blank_PDB_chainid_flag 
_struct_asym.pdbx_modified 
_struct_asym.entity_id 
_struct_asym.details 
A N N 1 ? 
B N N 2 ? 
# 
_struct_ref.id                         1 
_struct_ref.db_name                    UNP 
_struct_ref.db_code                    IOD3_MOUSE 
_struct_ref.pdbx_db_accession          Q91ZI8 
_struct_ref.entity_id                  1 
_struct_ref.pdbx_seq_one_letter_code   
;GQKLDFFKQAHEGGPAPNSEVVRPDGFQSQRILDYAQGTRPLVLNFGSCTUPPFMARMSAFQRLVTKYQRDVDFLIIYIE
EAHPSDGWVTTDSPYVIPQHRSLEDRVSAARVLQQGAPGCALVLDTMANSSSSAYGAYFERLYVIQSGTIMYQGGRGPDG
YQVSELRTWLERYDEQLHGTRPHRF
;
_struct_ref.pdbx_align_begin           120 
_struct_ref.pdbx_db_isoform            ? 
# 
_struct_ref_seq.align_id                      1 
_struct_ref_seq.ref_id                        1 
_struct_ref_seq.pdbx_PDB_id_code              4TR3 
_struct_ref_seq.pdbx_strand_id                A 
_struct_ref_seq.seq_align_beg                 7 
_struct_ref_seq.pdbx_seq_align_beg_ins_code   ? 
_struct_ref_seq.seq_align_end                 191 
_struct_ref_seq.pdbx_seq_align_end_ins_code   ? 
_struct_ref_seq.pdbx_db_accession             Q91ZI8 
_struct_ref_seq.db_align_beg                  120 
_struct_ref_seq.pdbx_db_align_beg_ins_code    ? 
_struct_ref_seq.db_align_end                  304 
_struct_ref_seq.pdbx_db_align_end_ins_code    ? 
_struct_ref_seq.pdbx_auth_seq_align_beg       120 
_struct_ref_seq.pdbx_auth_seq_align_end       304 
# 
loop_
_struct_ref_seq_dif.align_id 
_struct_ref_seq_dif.pdbx_pdb_id_code 
_struct_ref_seq_dif.mon_id 
_struct_ref_seq_dif.pdbx_pdb_strand_id 
_struct_ref_seq_dif.seq_num 
_struct_ref_seq_dif.pdbx_pdb_ins_code 
_struct_ref_seq_dif.pdbx_seq_db_name 
_struct_ref_seq_dif.pdbx_seq_db_accession_code 
_struct_ref_seq_dif.db_mon_id 
_struct_ref_seq_dif.pdbx_seq_db_seq_num 
_struct_ref_seq_dif.details 
_struct_ref_seq_dif.pdbx_auth_seq_num 
_struct_ref_seq_dif.pdbx_ordinal 
1 4TR3 GLY A 1  ? UNP Q91ZI8 ?   ?   'expression tag'      114 1 
1 4TR3 ILE A 2  ? UNP Q91ZI8 ?   ?   'expression tag'      115 2 
1 4TR3 ASP A 3  ? UNP Q91ZI8 ?   ?   'expression tag'      116 3 
1 4TR3 PRO A 4  ? UNP Q91ZI8 ?   ?   'expression tag'      117 4 
1 4TR3 PHE A 5  ? UNP Q91ZI8 ?   ?   'expression tag'      118 5 
1 4TR3 THR A 6  ? UNP Q91ZI8 ?   ?   'expression tag'      119 6 
1 4TR3 CYS A 57 ? UNP Q91ZI8 SEC 170 'engineered mutation' 170 7 
# 
_pdbx_struct_assembly.id                   1 
_pdbx_struct_assembly.details              software_defined_assembly 
_pdbx_struct_assembly.method_details       PISA 
_pdbx_struct_assembly.oligomeric_details   Monomeric 
_pdbx_struct_assembly.oligomeric_count     1 
# 
loop_
_pdbx_struct_assembly_prop.biol_id 
_pdbx_struct_assembly_prop.type 
_pdbx_struct_assembly_prop.value 
_pdbx_struct_assembly_prop.details 
1 'ABSA (A^2)' 0     ? 
1 MORE         0     ? 
1 'SSA (A^2)'  10230 ? 
# 
_pdbx_struct_assembly_gen.assembly_id       1 
_pdbx_struct_assembly_gen.oper_expression   1 
_pdbx_struct_assembly_gen.asym_id_list      A,B 
# 
_pdbx_struct_oper_list.id                   1 
_pdbx_struct_oper_list.type                 'identity operation' 
_pdbx_struct_oper_list.name                 1_555 
_pdbx_struct_oper_list.symmetry_operation   x,y,z 
_pdbx_struct_oper_list.matrix[1][1]         1.0000000000 
_pdbx_struct_oper_list.matrix[1][2]         0.0000000000 
_pdbx_struct_oper_list.matrix[1][3]         0.0000000000 
_pdbx_struct_oper_list.vector[1]            0.0000000000 
_pdbx_struct_oper_list.matrix[2][1]         0.0000000000 
_pdbx_struct_oper_list.matrix[2][2]         1.0000000000 
_pdbx_struct_oper_list.matrix[2][3]         0.0000000000 
_pdbx_struct_oper_list.vector[2]            0.0000000000 
_pdbx_struct_oper_list.matrix[3][1]         0.0000000000 
_pdbx_struct_oper_list.matrix[3][2]         0.0000000000 
_pdbx_struct_oper_list.matrix[3][3]         1.0000000000 
_pdbx_struct_oper_list.vector[3]            0.0000000000 
# 
loop_
_struct_conf.conf_type_id 
_struct_conf.id 
_struct_conf.pdbx_PDB_helix_id 
_struct_conf.beg_label_comp_id 
_struct_conf.beg_label_asym_id 
_struct_conf.beg_label_seq_id 
_struct_conf.pdbx_beg_PDB_ins_code 
_struct_conf.end_label_comp_id 
_struct_conf.end_label_asym_id 
_struct_conf.end_label_seq_id 
_struct_conf.pdbx_end_PDB_ins_code 
_struct_conf.beg_auth_comp_id 
_struct_conf.beg_auth_asym_id 
_struct_conf.beg_auth_seq_id 
_struct_conf.end_auth_comp_id 
_struct_conf.end_auth_asym_id 
_struct_conf.end_auth_seq_id 
_struct_conf.pdbx_PDB_helix_class 
_struct_conf.details 
_struct_conf.pdbx_PDB_helix_length 
HELX_P HELX_P1 AA1 LEU A 39  ? ALA A 42  ? LEU A 152 ALA A 155 5 ? 4  
HELX_P HELX_P2 AA2 CYS A 57  ? ARG A 63  ? CYS A 170 ARG A 176 1 ? 7  
HELX_P HELX_P3 AA3 ARG A 63  ? GLN A 75  ? ARG A 176 GLN A 188 1 ? 13 
HELX_P HELX_P4 AA4 SER A 108 ? GLY A 122 ? SER A 221 GLY A 235 1 ? 15 
HELX_P HELX_P5 AA5 ASN A 135 ? TYR A 141 ? ASN A 248 TYR A 254 1 ? 7  
HELX_P HELX_P6 AA6 GLY A 166 ? GLY A 185 ? GLY A 279 GLY A 298 1 ? 20 
# 
_struct_conf_type.id          HELX_P 
_struct_conf_type.criteria    ? 
_struct_conf_type.reference   ? 
# 
loop_
_struct_conn.id 
_struct_conn.conn_type_id 
_struct_conn.pdbx_leaving_atom_flag 
_struct_conn.pdbx_PDB_id 
_struct_conn.ptnr1_label_asym_id 
_struct_conn.ptnr1_label_comp_id 
_struct_conn.ptnr1_label_seq_id 
_struct_conn.ptnr1_label_atom_id 
_struct_conn.pdbx_ptnr1_label_alt_id 
_struct_conn.pdbx_ptnr1_PDB_ins_code 
_struct_conn.pdbx_ptnr1_standard_comp_id 
_struct_conn.ptnr1_symmetry 
_struct_conn.ptnr2_label_asym_id 
_struct_conn.ptnr2_label_comp_id 
_struct_conn.ptnr2_label_seq_id 
_struct_conn.ptnr2_label_atom_id 
_struct_conn.pdbx_ptnr2_label_alt_id 
_struct_conn.pdbx_ptnr2_PDB_ins_code 
_struct_conn.ptnr1_auth_asym_id 
_struct_conn.ptnr1_auth_comp_id 
_struct_conn.ptnr1_auth_seq_id 
_struct_conn.ptnr2_auth_asym_id 
_struct_conn.ptnr2_auth_comp_id 
_struct_conn.ptnr2_auth_seq_id 
_struct_conn.ptnr2_symmetry 
_struct_conn.pdbx_ptnr3_label_atom_id 
_struct_conn.pdbx_ptnr3_label_seq_id 
_struct_conn.pdbx_ptnr3_label_comp_id 
_struct_conn.pdbx_ptnr3_label_asym_id 
_struct_conn.pdbx_ptnr3_label_alt_id 
_struct_conn.pdbx_ptnr3_PDB_ins_code 
_struct_conn.details 
_struct_conn.pdbx_dist_value 
_struct_conn.pdbx_value_order 
_struct_conn.pdbx_role 
covale1 covale both ? A PHE 60  C ? ? ? 1_555 A MSE 61  N ? ? A PHE 173 A MSE 174 1_555 ? ? ? ? ? ? ? 1.340 ? ? 
covale2 covale both ? A MSE 61  C ? ? ? 1_555 A ALA 62  N ? ? A MSE 174 A ALA 175 1_555 ? ? ? ? ? ? ? 1.329 ? ? 
covale3 covale both ? A ARG 63  C ? ? ? 1_555 A MSE 64  N ? ? A ARG 176 A MSE 177 1_555 ? ? ? ? ? ? ? 1.334 ? ? 
covale4 covale both ? A MSE 64  C ? ? ? 1_555 A SER 65  N ? ? A MSE 177 A SER 178 1_555 ? ? ? ? ? ? ? 1.333 ? ? 
covale5 covale both ? A THR 132 C ? ? ? 1_555 A MSE 133 N ? ? A THR 245 A MSE 246 1_555 ? ? ? ? ? ? ? 1.324 ? ? 
covale6 covale both ? A MSE 133 C ? ? ? 1_555 A ALA 134 N ? ? A MSE 246 A ALA 247 1_555 ? ? ? ? ? ? ? 1.328 ? ? 
covale7 covale both ? A ILE 156 C ? ? ? 1_555 A MSE 157 N ? ? A ILE 269 A MSE 270 1_555 ? ? ? ? ? ? ? 1.329 ? ? 
covale8 covale both ? A MSE 157 C ? ? ? 1_555 A TYR 158 N ? ? A MSE 270 A TYR 271 1_555 ? ? ? ? ? ? ? 1.330 ? ? 
# 
_struct_conn_type.id          covale 
_struct_conn_type.criteria    ? 
_struct_conn_type.reference   ? 
# 
loop_
_pdbx_modification_feature.ordinal 
_pdbx_modification_feature.label_comp_id 
_pdbx_modification_feature.label_asym_id 
_pdbx_modification_feature.label_seq_id 
_pdbx_modification_feature.label_alt_id 
_pdbx_modification_feature.modified_residue_label_comp_id 
_pdbx_modification_feature.modified_residue_label_asym_id 
_pdbx_modification_feature.modified_residue_label_seq_id 
_pdbx_modification_feature.modified_residue_label_alt_id 
_pdbx_modification_feature.auth_comp_id 
_pdbx_modification_feature.auth_asym_id 
_pdbx_modification_feature.auth_seq_id 
_pdbx_modification_feature.PDB_ins_code 
_pdbx_modification_feature.symmetry 
_pdbx_modification_feature.modified_residue_auth_comp_id 
_pdbx_modification_feature.modified_residue_auth_asym_id 
_pdbx_modification_feature.modified_residue_auth_seq_id 
_pdbx_modification_feature.modified_residue_PDB_ins_code 
_pdbx_modification_feature.modified_residue_symmetry 
_pdbx_modification_feature.comp_id_linking_atom 
_pdbx_modification_feature.modified_residue_id_linking_atom 
_pdbx_modification_feature.modified_residue_id 
_pdbx_modification_feature.ref_pcm_id 
_pdbx_modification_feature.ref_comp_id 
_pdbx_modification_feature.type 
_pdbx_modification_feature.category 
1 MSE A 61  ? . . . . MSE A 174 ? 1_555 . . . . . . . MET 1 MSE Selenomethionine 'Named protein modification' 
2 MSE A 64  ? . . . . MSE A 177 ? 1_555 . . . . . . . MET 1 MSE Selenomethionine 'Named protein modification' 
3 MSE A 133 ? . . . . MSE A 246 ? 1_555 . . . . . . . MET 1 MSE Selenomethionine 'Named protein modification' 
4 MSE A 157 ? . . . . MSE A 270 ? 1_555 . . . . . . . MET 1 MSE Selenomethionine 'Named protein modification' 
# 
_struct_sheet.id               AA1 
_struct_sheet.type             ? 
_struct_sheet.number_strands   7 
_struct_sheet.details          ? 
# 
loop_
_struct_sheet_order.sheet_id 
_struct_sheet_order.range_id_1 
_struct_sheet_order.range_id_2 
_struct_sheet_order.offset 
_struct_sheet_order.sense 
AA1 1 2 ? anti-parallel 
AA1 2 3 ? anti-parallel 
AA1 3 4 ? parallel      
AA1 4 5 ? parallel      
AA1 5 6 ? anti-parallel 
AA1 6 7 ? anti-parallel 
# 
loop_
_struct_sheet_range.sheet_id 
_struct_sheet_range.id 
_struct_sheet_range.beg_label_comp_id 
_struct_sheet_range.beg_label_asym_id 
_struct_sheet_range.beg_label_seq_id 
_struct_sheet_range.pdbx_beg_PDB_ins_code 
_struct_sheet_range.end_label_comp_id 
_struct_sheet_range.end_label_asym_id 
_struct_sheet_range.end_label_seq_id 
_struct_sheet_range.pdbx_end_PDB_ins_code 
_struct_sheet_range.beg_auth_comp_id 
_struct_sheet_range.beg_auth_asym_id 
_struct_sheet_range.beg_auth_seq_id 
_struct_sheet_range.end_auth_comp_id 
_struct_sheet_range.end_auth_asym_id 
_struct_sheet_range.end_auth_seq_id 
AA1 1 SER A 35  ? ARG A 37  ? SER A 148 ARG A 150 
AA1 2 GLU A 26  ? VAL A 28  ? GLU A 139 VAL A 141 
AA1 3 LEU A 128 ? ASP A 131 ? LEU A 241 ASP A 244 
AA1 4 ASP A 79  ? TYR A 84  ? ASP A 192 TYR A 197 
AA1 5 LEU A 48  ? GLY A 53  ? LEU A 161 GLY A 166 
AA1 6 ARG A 147 ? GLN A 152 ? ARG A 260 GLN A 265 
AA1 7 THR A 155 ? GLN A 159 ? THR A 268 GLN A 272 
# 
loop_
_pdbx_struct_sheet_hbond.sheet_id 
_pdbx_struct_sheet_hbond.range_id_1 
_pdbx_struct_sheet_hbond.range_id_2 
_pdbx_struct_sheet_hbond.range_1_label_atom_id 
_pdbx_struct_sheet_hbond.range_1_label_comp_id 
_pdbx_struct_sheet_hbond.range_1_label_asym_id 
_pdbx_struct_sheet_hbond.range_1_label_seq_id 
_pdbx_struct_sheet_hbond.range_1_PDB_ins_code 
_pdbx_struct_sheet_hbond.range_1_auth_atom_id 
_pdbx_struct_sheet_hbond.range_1_auth_comp_id 
_pdbx_struct_sheet_hbond.range_1_auth_asym_id 
_pdbx_struct_sheet_hbond.range_1_auth_seq_id 
_pdbx_struct_sheet_hbond.range_2_label_atom_id 
_pdbx_struct_sheet_hbond.range_2_label_comp_id 
_pdbx_struct_sheet_hbond.range_2_label_asym_id 
_pdbx_struct_sheet_hbond.range_2_label_seq_id 
_pdbx_struct_sheet_hbond.range_2_PDB_ins_code 
_pdbx_struct_sheet_hbond.range_2_auth_atom_id 
_pdbx_struct_sheet_hbond.range_2_auth_comp_id 
_pdbx_struct_sheet_hbond.range_2_auth_asym_id 
_pdbx_struct_sheet_hbond.range_2_auth_seq_id 
AA1 1 2 O GLN A 36  ? O GLN A 149 N VAL A 27  ? N VAL A 140 
AA1 2 3 N VAL A 28  ? N VAL A 141 O LEU A 130 ? O LEU A 243 
AA1 3 4 O VAL A 129 ? O VAL A 242 N TYR A 84  ? N TYR A 197 
AA1 4 5 O ASP A 79  ? O ASP A 192 N VAL A 49  ? N VAL A 162 
AA1 5 6 N LEU A 48  ? N LEU A 161 O ILE A 151 ? O ILE A 264 
AA1 6 7 N VAL A 150 ? N VAL A 263 O MSE A 157 ? O MSE A 270 
# 
_pdbx_entry_details.entry_id                   4TR3 
_pdbx_entry_details.compound_details           ? 
_pdbx_entry_details.source_details             ? 
_pdbx_entry_details.nonpolymer_details         ? 
_pdbx_entry_details.sequence_details           ? 
_pdbx_entry_details.has_ligand_of_interest     ? 
_pdbx_entry_details.has_protein_modification   Y 
# 
loop_
_pdbx_validate_torsion.id 
_pdbx_validate_torsion.PDB_model_num 
_pdbx_validate_torsion.auth_comp_id 
_pdbx_validate_torsion.auth_asym_id 
_pdbx_validate_torsion.auth_seq_id 
_pdbx_validate_torsion.PDB_ins_code 
_pdbx_validate_torsion.label_alt_id 
_pdbx_validate_torsion.phi 
_pdbx_validate_torsion.psi 
1 1 ALA A 236 ? ? 34.92 60.87  
2 1 PHE A 258 ? ? 74.13 -83.02 
# 
loop_
_pdbx_struct_mod_residue.id 
_pdbx_struct_mod_residue.label_asym_id 
_pdbx_struct_mod_residue.label_comp_id 
_pdbx_struct_mod_residue.label_seq_id 
_pdbx_struct_mod_residue.auth_asym_id 
_pdbx_struct_mod_residue.auth_comp_id 
_pdbx_struct_mod_residue.auth_seq_id 
_pdbx_struct_mod_residue.PDB_ins_code 
_pdbx_struct_mod_residue.parent_comp_id 
_pdbx_struct_mod_residue.details 
1 A MSE 61  A MSE 174 ? MET 'modified residue' 
2 A MSE 64  A MSE 177 ? MET 'modified residue' 
3 A MSE 133 A MSE 246 ? MET 'modified residue' 
4 A MSE 157 A MSE 270 ? MET 'modified residue' 
# 
_pdbx_distant_solvent_atoms.id                                1 
_pdbx_distant_solvent_atoms.PDB_model_num                     1 
_pdbx_distant_solvent_atoms.auth_atom_id                      O 
_pdbx_distant_solvent_atoms.label_alt_id                      ? 
_pdbx_distant_solvent_atoms.auth_asym_id                      A 
_pdbx_distant_solvent_atoms.auth_comp_id                      HOH 
_pdbx_distant_solvent_atoms.auth_seq_id                       482 
_pdbx_distant_solvent_atoms.PDB_ins_code                      ? 
_pdbx_distant_solvent_atoms.neighbor_macromolecule_distance   6.85 
_pdbx_distant_solvent_atoms.neighbor_ligand_distance          . 
_pdbx_distant_solvent_atoms.label_comp_id                     ? 
_pdbx_distant_solvent_atoms.label_asym_id                     ? 
_pdbx_distant_solvent_atoms.label_seq_id                      ? 
_pdbx_distant_solvent_atoms.label_atom_id                     ? 
# 
loop_
_pdbx_unobs_or_zero_occ_residues.id 
_pdbx_unobs_or_zero_occ_residues.PDB_model_num 
_pdbx_unobs_or_zero_occ_residues.polymer_flag 
_pdbx_unobs_or_zero_occ_residues.occupancy_flag 
_pdbx_unobs_or_zero_occ_residues.auth_asym_id 
_pdbx_unobs_or_zero_occ_residues.auth_comp_id 
_pdbx_unobs_or_zero_occ_residues.auth_seq_id 
_pdbx_unobs_or_zero_occ_residues.PDB_ins_code 
_pdbx_unobs_or_zero_occ_residues.label_asym_id 
_pdbx_unobs_or_zero_occ_residues.label_comp_id 
_pdbx_unobs_or_zero_occ_residues.label_seq_id 
1 1 Y 1 A HIS 302 ? A HIS 189 
2 1 Y 1 A ARG 303 ? A ARG 190 
3 1 Y 1 A PHE 304 ? A PHE 191 
# 
loop_
_chem_comp_atom.comp_id 
_chem_comp_atom.atom_id 
_chem_comp_atom.type_symbol 
_chem_comp_atom.pdbx_aromatic_flag 
_chem_comp_atom.pdbx_stereo_config 
_chem_comp_atom.pdbx_ordinal 
ALA N    N  N N 1   
ALA CA   C  N S 2   
ALA C    C  N N 3   
ALA O    O  N N 4   
ALA CB   C  N N 5   
ALA OXT  O  N N 6   
ALA H    H  N N 7   
ALA H2   H  N N 8   
ALA HA   H  N N 9   
ALA HB1  H  N N 10  
ALA HB2  H  N N 11  
ALA HB3  H  N N 12  
ALA HXT  H  N N 13  
ARG N    N  N N 14  
ARG CA   C  N S 15  
ARG C    C  N N 16  
ARG O    O  N N 17  
ARG CB   C  N N 18  
ARG CG   C  N N 19  
ARG CD   C  N N 20  
ARG NE   N  N N 21  
ARG CZ   C  N N 22  
ARG NH1  N  N N 23  
ARG NH2  N  N N 24  
ARG OXT  O  N N 25  
ARG H    H  N N 26  
ARG H2   H  N N 27  
ARG HA   H  N N 28  
ARG HB2  H  N N 29  
ARG HB3  H  N N 30  
ARG HG2  H  N N 31  
ARG HG3  H  N N 32  
ARG HD2  H  N N 33  
ARG HD3  H  N N 34  
ARG HE   H  N N 35  
ARG HH11 H  N N 36  
ARG HH12 H  N N 37  
ARG HH21 H  N N 38  
ARG HH22 H  N N 39  
ARG HXT  H  N N 40  
ASN N    N  N N 41  
ASN CA   C  N S 42  
ASN C    C  N N 43  
ASN O    O  N N 44  
ASN CB   C  N N 45  
ASN CG   C  N N 46  
ASN OD1  O  N N 47  
ASN ND2  N  N N 48  
ASN OXT  O  N N 49  
ASN H    H  N N 50  
ASN H2   H  N N 51  
ASN HA   H  N N 52  
ASN HB2  H  N N 53  
ASN HB3  H  N N 54  
ASN HD21 H  N N 55  
ASN HD22 H  N N 56  
ASN HXT  H  N N 57  
ASP N    N  N N 58  
ASP CA   C  N S 59  
ASP C    C  N N 60  
ASP O    O  N N 61  
ASP CB   C  N N 62  
ASP CG   C  N N 63  
ASP OD1  O  N N 64  
ASP OD2  O  N N 65  
ASP OXT  O  N N 66  
ASP H    H  N N 67  
ASP H2   H  N N 68  
ASP HA   H  N N 69  
ASP HB2  H  N N 70  
ASP HB3  H  N N 71  
ASP HD2  H  N N 72  
ASP HXT  H  N N 73  
CYS N    N  N N 74  
CYS CA   C  N R 75  
CYS C    C  N N 76  
CYS O    O  N N 77  
CYS CB   C  N N 78  
CYS SG   S  N N 79  
CYS OXT  O  N N 80  
CYS H    H  N N 81  
CYS H2   H  N N 82  
CYS HA   H  N N 83  
CYS HB2  H  N N 84  
CYS HB3  H  N N 85  
CYS HG   H  N N 86  
CYS HXT  H  N N 87  
GLN N    N  N N 88  
GLN CA   C  N S 89  
GLN C    C  N N 90  
GLN O    O  N N 91  
GLN CB   C  N N 92  
GLN CG   C  N N 93  
GLN CD   C  N N 94  
GLN OE1  O  N N 95  
GLN NE2  N  N N 96  
GLN OXT  O  N N 97  
GLN H    H  N N 98  
GLN H2   H  N N 99  
GLN HA   H  N N 100 
GLN HB2  H  N N 101 
GLN HB3  H  N N 102 
GLN HG2  H  N N 103 
GLN HG3  H  N N 104 
GLN HE21 H  N N 105 
GLN HE22 H  N N 106 
GLN HXT  H  N N 107 
GLU N    N  N N 108 
GLU CA   C  N S 109 
GLU C    C  N N 110 
GLU O    O  N N 111 
GLU CB   C  N N 112 
GLU CG   C  N N 113 
GLU CD   C  N N 114 
GLU OE1  O  N N 115 
GLU OE2  O  N N 116 
GLU OXT  O  N N 117 
GLU H    H  N N 118 
GLU H2   H  N N 119 
GLU HA   H  N N 120 
GLU HB2  H  N N 121 
GLU HB3  H  N N 122 
GLU HG2  H  N N 123 
GLU HG3  H  N N 124 
GLU HE2  H  N N 125 
GLU HXT  H  N N 126 
GLY N    N  N N 127 
GLY CA   C  N N 128 
GLY C    C  N N 129 
GLY O    O  N N 130 
GLY OXT  O  N N 131 
GLY H    H  N N 132 
GLY H2   H  N N 133 
GLY HA2  H  N N 134 
GLY HA3  H  N N 135 
GLY HXT  H  N N 136 
HIS N    N  N N 137 
HIS CA   C  N S 138 
HIS C    C  N N 139 
HIS O    O  N N 140 
HIS CB   C  N N 141 
HIS CG   C  Y N 142 
HIS ND1  N  Y N 143 
HIS CD2  C  Y N 144 
HIS CE1  C  Y N 145 
HIS NE2  N  Y N 146 
HIS OXT  O  N N 147 
HIS H    H  N N 148 
HIS H2   H  N N 149 
HIS HA   H  N N 150 
HIS HB2  H  N N 151 
HIS HB3  H  N N 152 
HIS HD1  H  N N 153 
HIS HD2  H  N N 154 
HIS HE1  H  N N 155 
HIS HE2  H  N N 156 
HIS HXT  H  N N 157 
HOH O    O  N N 158 
HOH H1   H  N N 159 
HOH H2   H  N N 160 
ILE N    N  N N 161 
ILE CA   C  N S 162 
ILE C    C  N N 163 
ILE O    O  N N 164 
ILE CB   C  N S 165 
ILE CG1  C  N N 166 
ILE CG2  C  N N 167 
ILE CD1  C  N N 168 
ILE OXT  O  N N 169 
ILE H    H  N N 170 
ILE H2   H  N N 171 
ILE HA   H  N N 172 
ILE HB   H  N N 173 
ILE HG12 H  N N 174 
ILE HG13 H  N N 175 
ILE HG21 H  N N 176 
ILE HG22 H  N N 177 
ILE HG23 H  N N 178 
ILE HD11 H  N N 179 
ILE HD12 H  N N 180 
ILE HD13 H  N N 181 
ILE HXT  H  N N 182 
LEU N    N  N N 183 
LEU CA   C  N S 184 
LEU C    C  N N 185 
LEU O    O  N N 186 
LEU CB   C  N N 187 
LEU CG   C  N N 188 
LEU CD1  C  N N 189 
LEU CD2  C  N N 190 
LEU OXT  O  N N 191 
LEU H    H  N N 192 
LEU H2   H  N N 193 
LEU HA   H  N N 194 
LEU HB2  H  N N 195 
LEU HB3  H  N N 196 
LEU HG   H  N N 197 
LEU HD11 H  N N 198 
LEU HD12 H  N N 199 
LEU HD13 H  N N 200 
LEU HD21 H  N N 201 
LEU HD22 H  N N 202 
LEU HD23 H  N N 203 
LEU HXT  H  N N 204 
LYS N    N  N N 205 
LYS CA   C  N S 206 
LYS C    C  N N 207 
LYS O    O  N N 208 
LYS CB   C  N N 209 
LYS CG   C  N N 210 
LYS CD   C  N N 211 
LYS CE   C  N N 212 
LYS NZ   N  N N 213 
LYS OXT  O  N N 214 
LYS H    H  N N 215 
LYS H2   H  N N 216 
LYS HA   H  N N 217 
LYS HB2  H  N N 218 
LYS HB3  H  N N 219 
LYS HG2  H  N N 220 
LYS HG3  H  N N 221 
LYS HD2  H  N N 222 
LYS HD3  H  N N 223 
LYS HE2  H  N N 224 
LYS HE3  H  N N 225 
LYS HZ1  H  N N 226 
LYS HZ2  H  N N 227 
LYS HZ3  H  N N 228 
LYS HXT  H  N N 229 
MSE N    N  N N 230 
MSE CA   C  N S 231 
MSE C    C  N N 232 
MSE O    O  N N 233 
MSE OXT  O  N N 234 
MSE CB   C  N N 235 
MSE CG   C  N N 236 
MSE SE   SE N N 237 
MSE CE   C  N N 238 
MSE H    H  N N 239 
MSE H2   H  N N 240 
MSE HA   H  N N 241 
MSE HXT  H  N N 242 
MSE HB2  H  N N 243 
MSE HB3  H  N N 244 
MSE HG2  H  N N 245 
MSE HG3  H  N N 246 
MSE HE1  H  N N 247 
MSE HE2  H  N N 248 
MSE HE3  H  N N 249 
PHE N    N  N N 250 
PHE CA   C  N S 251 
PHE C    C  N N 252 
PHE O    O  N N 253 
PHE CB   C  N N 254 
PHE CG   C  Y N 255 
PHE CD1  C  Y N 256 
PHE CD2  C  Y N 257 
PHE CE1  C  Y N 258 
PHE CE2  C  Y N 259 
PHE CZ   C  Y N 260 
PHE OXT  O  N N 261 
PHE H    H  N N 262 
PHE H2   H  N N 263 
PHE HA   H  N N 264 
PHE HB2  H  N N 265 
PHE HB3  H  N N 266 
PHE HD1  H  N N 267 
PHE HD2  H  N N 268 
PHE HE1  H  N N 269 
PHE HE2  H  N N 270 
PHE HZ   H  N N 271 
PHE HXT  H  N N 272 
PRO N    N  N N 273 
PRO CA   C  N S 274 
PRO C    C  N N 275 
PRO O    O  N N 276 
PRO CB   C  N N 277 
PRO CG   C  N N 278 
PRO CD   C  N N 279 
PRO OXT  O  N N 280 
PRO H    H  N N 281 
PRO HA   H  N N 282 
PRO HB2  H  N N 283 
PRO HB3  H  N N 284 
PRO HG2  H  N N 285 
PRO HG3  H  N N 286 
PRO HD2  H  N N 287 
PRO HD3  H  N N 288 
PRO HXT  H  N N 289 
SEC N    N  N N 290 
SEC CA   C  N R 291 
SEC CB   C  N N 292 
SEC SE   SE N N 293 
SEC C    C  N N 294 
SEC O    O  N N 295 
SEC OXT  O  N N 296 
SEC H    H  N N 297 
SEC H2   H  N N 298 
SEC HA   H  N N 299 
SEC HB2  H  N N 300 
SEC HB3  H  N N 301 
SEC HE   H  N N 302 
SEC HXT  H  N N 303 
SER N    N  N N 304 
SER CA   C  N S 305 
SER C    C  N N 306 
SER O    O  N N 307 
SER CB   C  N N 308 
SER OG   O  N N 309 
SER OXT  O  N N 310 
SER H    H  N N 311 
SER H2   H  N N 312 
SER HA   H  N N 313 
SER HB2  H  N N 314 
SER HB3  H  N N 315 
SER HG   H  N N 316 
SER HXT  H  N N 317 
THR N    N  N N 318 
THR CA   C  N S 319 
THR C    C  N N 320 
THR O    O  N N 321 
THR CB   C  N R 322 
THR OG1  O  N N 323 
THR CG2  C  N N 324 
THR OXT  O  N N 325 
THR H    H  N N 326 
THR H2   H  N N 327 
THR HA   H  N N 328 
THR HB   H  N N 329 
THR HG1  H  N N 330 
THR HG21 H  N N 331 
THR HG22 H  N N 332 
THR HG23 H  N N 333 
THR HXT  H  N N 334 
TRP N    N  N N 335 
TRP CA   C  N S 336 
TRP C    C  N N 337 
TRP O    O  N N 338 
TRP CB   C  N N 339 
TRP CG   C  Y N 340 
TRP CD1  C  Y N 341 
TRP CD2  C  Y N 342 
TRP NE1  N  Y N 343 
TRP CE2  C  Y N 344 
TRP CE3  C  Y N 345 
TRP CZ2  C  Y N 346 
TRP CZ3  C  Y N 347 
TRP CH2  C  Y N 348 
TRP OXT  O  N N 349 
TRP H    H  N N 350 
TRP H2   H  N N 351 
TRP HA   H  N N 352 
TRP HB2  H  N N 353 
TRP HB3  H  N N 354 
TRP HD1  H  N N 355 
TRP HE1  H  N N 356 
TRP HE3  H  N N 357 
TRP HZ2  H  N N 358 
TRP HZ3  H  N N 359 
TRP HH2  H  N N 360 
TRP HXT  H  N N 361 
TYR N    N  N N 362 
TYR CA   C  N S 363 
TYR C    C  N N 364 
TYR O    O  N N 365 
TYR CB   C  N N 366 
TYR CG   C  Y N 367 
TYR CD1  C  Y N 368 
TYR CD2  C  Y N 369 
TYR CE1  C  Y N 370 
TYR CE2  C  Y N 371 
TYR CZ   C  Y N 372 
TYR OH   O  N N 373 
TYR OXT  O  N N 374 
TYR H    H  N N 375 
TYR H2   H  N N 376 
TYR HA   H  N N 377 
TYR HB2  H  N N 378 
TYR HB3  H  N N 379 
TYR HD1  H  N N 380 
TYR HD2  H  N N 381 
TYR HE1  H  N N 382 
TYR HE2  H  N N 383 
TYR HH   H  N N 384 
TYR HXT  H  N N 385 
VAL N    N  N N 386 
VAL CA   C  N S 387 
VAL C    C  N N 388 
VAL O    O  N N 389 
VAL CB   C  N N 390 
VAL CG1  C  N N 391 
VAL CG2  C  N N 392 
VAL OXT  O  N N 393 
VAL H    H  N N 394 
VAL H2   H  N N 395 
VAL HA   H  N N 396 
VAL HB   H  N N 397 
VAL HG11 H  N N 398 
VAL HG12 H  N N 399 
VAL HG13 H  N N 400 
VAL HG21 H  N N 401 
VAL HG22 H  N N 402 
VAL HG23 H  N N 403 
VAL HXT  H  N N 404 
# 
loop_
_chem_comp_bond.comp_id 
_chem_comp_bond.atom_id_1 
_chem_comp_bond.atom_id_2 
_chem_comp_bond.value_order 
_chem_comp_bond.pdbx_aromatic_flag 
_chem_comp_bond.pdbx_stereo_config 
_chem_comp_bond.pdbx_ordinal 
ALA N   CA   sing N N 1   
ALA N   H    sing N N 2   
ALA N   H2   sing N N 3   
ALA CA  C    sing N N 4   
ALA CA  CB   sing N N 5   
ALA CA  HA   sing N N 6   
ALA C   O    doub N N 7   
ALA C   OXT  sing N N 8   
ALA CB  HB1  sing N N 9   
ALA CB  HB2  sing N N 10  
ALA CB  HB3  sing N N 11  
ALA OXT HXT  sing N N 12  
ARG N   CA   sing N N 13  
ARG N   H    sing N N 14  
ARG N   H2   sing N N 15  
ARG CA  C    sing N N 16  
ARG CA  CB   sing N N 17  
ARG CA  HA   sing N N 18  
ARG C   O    doub N N 19  
ARG C   OXT  sing N N 20  
ARG CB  CG   sing N N 21  
ARG CB  HB2  sing N N 22  
ARG CB  HB3  sing N N 23  
ARG CG  CD   sing N N 24  
ARG CG  HG2  sing N N 25  
ARG CG  HG3  sing N N 26  
ARG CD  NE   sing N N 27  
ARG CD  HD2  sing N N 28  
ARG CD  HD3  sing N N 29  
ARG NE  CZ   sing N N 30  
ARG NE  HE   sing N N 31  
ARG CZ  NH1  sing N N 32  
ARG CZ  NH2  doub N N 33  
ARG NH1 HH11 sing N N 34  
ARG NH1 HH12 sing N N 35  
ARG NH2 HH21 sing N N 36  
ARG NH2 HH22 sing N N 37  
ARG OXT HXT  sing N N 38  
ASN N   CA   sing N N 39  
ASN N   H    sing N N 40  
ASN N   H2   sing N N 41  
ASN CA  C    sing N N 42  
ASN CA  CB   sing N N 43  
ASN CA  HA   sing N N 44  
ASN C   O    doub N N 45  
ASN C   OXT  sing N N 46  
ASN CB  CG   sing N N 47  
ASN CB  HB2  sing N N 48  
ASN CB  HB3  sing N N 49  
ASN CG  OD1  doub N N 50  
ASN CG  ND2  sing N N 51  
ASN ND2 HD21 sing N N 52  
ASN ND2 HD22 sing N N 53  
ASN OXT HXT  sing N N 54  
ASP N   CA   sing N N 55  
ASP N   H    sing N N 56  
ASP N   H2   sing N N 57  
ASP CA  C    sing N N 58  
ASP CA  CB   sing N N 59  
ASP CA  HA   sing N N 60  
ASP C   O    doub N N 61  
ASP C   OXT  sing N N 62  
ASP CB  CG   sing N N 63  
ASP CB  HB2  sing N N 64  
ASP CB  HB3  sing N N 65  
ASP CG  OD1  doub N N 66  
ASP CG  OD2  sing N N 67  
ASP OD2 HD2  sing N N 68  
ASP OXT HXT  sing N N 69  
CYS N   CA   sing N N 70  
CYS N   H    sing N N 71  
CYS N   H2   sing N N 72  
CYS CA  C    sing N N 73  
CYS CA  CB   sing N N 74  
CYS CA  HA   sing N N 75  
CYS C   O    doub N N 76  
CYS C   OXT  sing N N 77  
CYS CB  SG   sing N N 78  
CYS CB  HB2  sing N N 79  
CYS CB  HB3  sing N N 80  
CYS SG  HG   sing N N 81  
CYS OXT HXT  sing N N 82  
GLN N   CA   sing N N 83  
GLN N   H    sing N N 84  
GLN N   H2   sing N N 85  
GLN CA  C    sing N N 86  
GLN CA  CB   sing N N 87  
GLN CA  HA   sing N N 88  
GLN C   O    doub N N 89  
GLN C   OXT  sing N N 90  
GLN CB  CG   sing N N 91  
GLN CB  HB2  sing N N 92  
GLN CB  HB3  sing N N 93  
GLN CG  CD   sing N N 94  
GLN CG  HG2  sing N N 95  
GLN CG  HG3  sing N N 96  
GLN CD  OE1  doub N N 97  
GLN CD  NE2  sing N N 98  
GLN NE2 HE21 sing N N 99  
GLN NE2 HE22 sing N N 100 
GLN OXT HXT  sing N N 101 
GLU N   CA   sing N N 102 
GLU N   H    sing N N 103 
GLU N   H2   sing N N 104 
GLU CA  C    sing N N 105 
GLU CA  CB   sing N N 106 
GLU CA  HA   sing N N 107 
GLU C   O    doub N N 108 
GLU C   OXT  sing N N 109 
GLU CB  CG   sing N N 110 
GLU CB  HB2  sing N N 111 
GLU CB  HB3  sing N N 112 
GLU CG  CD   sing N N 113 
GLU CG  HG2  sing N N 114 
GLU CG  HG3  sing N N 115 
GLU CD  OE1  doub N N 116 
GLU CD  OE2  sing N N 117 
GLU OE2 HE2  sing N N 118 
GLU OXT HXT  sing N N 119 
GLY N   CA   sing N N 120 
GLY N   H    sing N N 121 
GLY N   H2   sing N N 122 
GLY CA  C    sing N N 123 
GLY CA  HA2  sing N N 124 
GLY CA  HA3  sing N N 125 
GLY C   O    doub N N 126 
GLY C   OXT  sing N N 127 
GLY OXT HXT  sing N N 128 
HIS N   CA   sing N N 129 
HIS N   H    sing N N 130 
HIS N   H2   sing N N 131 
HIS CA  C    sing N N 132 
HIS CA  CB   sing N N 133 
HIS CA  HA   sing N N 134 
HIS C   O    doub N N 135 
HIS C   OXT  sing N N 136 
HIS CB  CG   sing N N 137 
HIS CB  HB2  sing N N 138 
HIS CB  HB3  sing N N 139 
HIS CG  ND1  sing Y N 140 
HIS CG  CD2  doub Y N 141 
HIS ND1 CE1  doub Y N 142 
HIS ND1 HD1  sing N N 143 
HIS CD2 NE2  sing Y N 144 
HIS CD2 HD2  sing N N 145 
HIS CE1 NE2  sing Y N 146 
HIS CE1 HE1  sing N N 147 
HIS NE2 HE2  sing N N 148 
HIS OXT HXT  sing N N 149 
HOH O   H1   sing N N 150 
HOH O   H2   sing N N 151 
ILE N   CA   sing N N 152 
ILE N   H    sing N N 153 
ILE N   H2   sing N N 154 
ILE CA  C    sing N N 155 
ILE CA  CB   sing N N 156 
ILE CA  HA   sing N N 157 
ILE C   O    doub N N 158 
ILE C   OXT  sing N N 159 
ILE CB  CG1  sing N N 160 
ILE CB  CG2  sing N N 161 
ILE CB  HB   sing N N 162 
ILE CG1 CD1  sing N N 163 
ILE CG1 HG12 sing N N 164 
ILE CG1 HG13 sing N N 165 
ILE CG2 HG21 sing N N 166 
ILE CG2 HG22 sing N N 167 
ILE CG2 HG23 sing N N 168 
ILE CD1 HD11 sing N N 169 
ILE CD1 HD12 sing N N 170 
ILE CD1 HD13 sing N N 171 
ILE OXT HXT  sing N N 172 
LEU N   CA   sing N N 173 
LEU N   H    sing N N 174 
LEU N   H2   sing N N 175 
LEU CA  C    sing N N 176 
LEU CA  CB   sing N N 177 
LEU CA  HA   sing N N 178 
LEU C   O    doub N N 179 
LEU C   OXT  sing N N 180 
LEU CB  CG   sing N N 181 
LEU CB  HB2  sing N N 182 
LEU CB  HB3  sing N N 183 
LEU CG  CD1  sing N N 184 
LEU CG  CD2  sing N N 185 
LEU CG  HG   sing N N 186 
LEU CD1 HD11 sing N N 187 
LEU CD1 HD12 sing N N 188 
LEU CD1 HD13 sing N N 189 
LEU CD2 HD21 sing N N 190 
LEU CD2 HD22 sing N N 191 
LEU CD2 HD23 sing N N 192 
LEU OXT HXT  sing N N 193 
LYS N   CA   sing N N 194 
LYS N   H    sing N N 195 
LYS N   H2   sing N N 196 
LYS CA  C    sing N N 197 
LYS CA  CB   sing N N 198 
LYS CA  HA   sing N N 199 
LYS C   O    doub N N 200 
LYS C   OXT  sing N N 201 
LYS CB  CG   sing N N 202 
LYS CB  HB2  sing N N 203 
LYS CB  HB3  sing N N 204 
LYS CG  CD   sing N N 205 
LYS CG  HG2  sing N N 206 
LYS CG  HG3  sing N N 207 
LYS CD  CE   sing N N 208 
LYS CD  HD2  sing N N 209 
LYS CD  HD3  sing N N 210 
LYS CE  NZ   sing N N 211 
LYS CE  HE2  sing N N 212 
LYS CE  HE3  sing N N 213 
LYS NZ  HZ1  sing N N 214 
LYS NZ  HZ2  sing N N 215 
LYS NZ  HZ3  sing N N 216 
LYS OXT HXT  sing N N 217 
MSE N   CA   sing N N 218 
MSE N   H    sing N N 219 
MSE N   H2   sing N N 220 
MSE CA  C    sing N N 221 
MSE CA  CB   sing N N 222 
MSE CA  HA   sing N N 223 
MSE C   O    doub N N 224 
MSE C   OXT  sing N N 225 
MSE OXT HXT  sing N N 226 
MSE CB  CG   sing N N 227 
MSE CB  HB2  sing N N 228 
MSE CB  HB3  sing N N 229 
MSE CG  SE   sing N N 230 
MSE CG  HG2  sing N N 231 
MSE CG  HG3  sing N N 232 
MSE SE  CE   sing N N 233 
MSE CE  HE1  sing N N 234 
MSE CE  HE2  sing N N 235 
MSE CE  HE3  sing N N 236 
PHE N   CA   sing N N 237 
PHE N   H    sing N N 238 
PHE N   H2   sing N N 239 
PHE CA  C    sing N N 240 
PHE CA  CB   sing N N 241 
PHE CA  HA   sing N N 242 
PHE C   O    doub N N 243 
PHE C   OXT  sing N N 244 
PHE CB  CG   sing N N 245 
PHE CB  HB2  sing N N 246 
PHE CB  HB3  sing N N 247 
PHE CG  CD1  doub Y N 248 
PHE CG  CD2  sing Y N 249 
PHE CD1 CE1  sing Y N 250 
PHE CD1 HD1  sing N N 251 
PHE CD2 CE2  doub Y N 252 
PHE CD2 HD2  sing N N 253 
PHE CE1 CZ   doub Y N 254 
PHE CE1 HE1  sing N N 255 
PHE CE2 CZ   sing Y N 256 
PHE CE2 HE2  sing N N 257 
PHE CZ  HZ   sing N N 258 
PHE OXT HXT  sing N N 259 
PRO N   CA   sing N N 260 
PRO N   CD   sing N N 261 
PRO N   H    sing N N 262 
PRO CA  C    sing N N 263 
PRO CA  CB   sing N N 264 
PRO CA  HA   sing N N 265 
PRO C   O    doub N N 266 
PRO C   OXT  sing N N 267 
PRO CB  CG   sing N N 268 
PRO CB  HB2  sing N N 269 
PRO CB  HB3  sing N N 270 
PRO CG  CD   sing N N 271 
PRO CG  HG2  sing N N 272 
PRO CG  HG3  sing N N 273 
PRO CD  HD2  sing N N 274 
PRO CD  HD3  sing N N 275 
PRO OXT HXT  sing N N 276 
SEC N   CA   sing N N 277 
SEC N   H    sing N N 278 
SEC N   H2   sing N N 279 
SEC CA  CB   sing N N 280 
SEC CA  C    sing N N 281 
SEC CA  HA   sing N N 282 
SEC CB  SE   sing N N 283 
SEC CB  HB2  sing N N 284 
SEC CB  HB3  sing N N 285 
SEC SE  HE   sing N N 286 
SEC C   O    doub N N 287 
SEC C   OXT  sing N N 288 
SEC OXT HXT  sing N N 289 
SER N   CA   sing N N 290 
SER N   H    sing N N 291 
SER N   H2   sing N N 292 
SER CA  C    sing N N 293 
SER CA  CB   sing N N 294 
SER CA  HA   sing N N 295 
SER C   O    doub N N 296 
SER C   OXT  sing N N 297 
SER CB  OG   sing N N 298 
SER CB  HB2  sing N N 299 
SER CB  HB3  sing N N 300 
SER OG  HG   sing N N 301 
SER OXT HXT  sing N N 302 
THR N   CA   sing N N 303 
THR N   H    sing N N 304 
THR N   H2   sing N N 305 
THR CA  C    sing N N 306 
THR CA  CB   sing N N 307 
THR CA  HA   sing N N 308 
THR C   O    doub N N 309 
THR C   OXT  sing N N 310 
THR CB  OG1  sing N N 311 
THR CB  CG2  sing N N 312 
THR CB  HB   sing N N 313 
THR OG1 HG1  sing N N 314 
THR CG2 HG21 sing N N 315 
THR CG2 HG22 sing N N 316 
THR CG2 HG23 sing N N 317 
THR OXT HXT  sing N N 318 
TRP N   CA   sing N N 319 
TRP N   H    sing N N 320 
TRP N   H2   sing N N 321 
TRP CA  C    sing N N 322 
TRP CA  CB   sing N N 323 
TRP CA  HA   sing N N 324 
TRP C   O    doub N N 325 
TRP C   OXT  sing N N 326 
TRP CB  CG   sing N N 327 
TRP CB  HB2  sing N N 328 
TRP CB  HB3  sing N N 329 
TRP CG  CD1  doub Y N 330 
TRP CG  CD2  sing Y N 331 
TRP CD1 NE1  sing Y N 332 
TRP CD1 HD1  sing N N 333 
TRP CD2 CE2  doub Y N 334 
TRP CD2 CE3  sing Y N 335 
TRP NE1 CE2  sing Y N 336 
TRP NE1 HE1  sing N N 337 
TRP CE2 CZ2  sing Y N 338 
TRP CE3 CZ3  doub Y N 339 
TRP CE3 HE3  sing N N 340 
TRP CZ2 CH2  doub Y N 341 
TRP CZ2 HZ2  sing N N 342 
TRP CZ3 CH2  sing Y N 343 
TRP CZ3 HZ3  sing N N 344 
TRP CH2 HH2  sing N N 345 
TRP OXT HXT  sing N N 346 
TYR N   CA   sing N N 347 
TYR N   H    sing N N 348 
TYR N   H2   sing N N 349 
TYR CA  C    sing N N 350 
TYR CA  CB   sing N N 351 
TYR CA  HA   sing N N 352 
TYR C   O    doub N N 353 
TYR C   OXT  sing N N 354 
TYR CB  CG   sing N N 355 
TYR CB  HB2  sing N N 356 
TYR CB  HB3  sing N N 357 
TYR CG  CD1  doub Y N 358 
TYR CG  CD2  sing Y N 359 
TYR CD1 CE1  sing Y N 360 
TYR CD1 HD1  sing N N 361 
TYR CD2 CE2  doub Y N 362 
TYR CD2 HD2  sing N N 363 
TYR CE1 CZ   doub Y N 364 
TYR CE1 HE1  sing N N 365 
TYR CE2 CZ   sing Y N 366 
TYR CE2 HE2  sing N N 367 
TYR CZ  OH   sing N N 368 
TYR OH  HH   sing N N 369 
TYR OXT HXT  sing N N 370 
VAL N   CA   sing N N 371 
VAL N   H    sing N N 372 
VAL N   H2   sing N N 373 
VAL CA  C    sing N N 374 
VAL CA  CB   sing N N 375 
VAL CA  HA   sing N N 376 
VAL C   O    doub N N 377 
VAL C   OXT  sing N N 378 
VAL CB  CG1  sing N N 379 
VAL CB  CG2  sing N N 380 
VAL CB  HB   sing N N 381 
VAL CG1 HG11 sing N N 382 
VAL CG1 HG12 sing N N 383 
VAL CG1 HG13 sing N N 384 
VAL CG2 HG21 sing N N 385 
VAL CG2 HG22 sing N N 386 
VAL CG2 HG23 sing N N 387 
VAL OXT HXT  sing N N 388 
# 
_atom_sites.entry_id                    4TR3 
_atom_sites.fract_transf_matrix[1][1]   -0.01635923 
_atom_sites.fract_transf_matrix[1][2]   -0.00650890 
_atom_sites.fract_transf_matrix[1][3]   -0.01038678 
_atom_sites.fract_transf_matrix[2][1]   -0.00369501 
_atom_sites.fract_transf_matrix[2][2]   -0.01208703 
_atom_sites.fract_transf_matrix[2][3]   0.01339402 
_atom_sites.fract_transf_matrix[3][1]   -0.00848338 
_atom_sites.fract_transf_matrix[3][2]   0.01026875 
_atom_sites.fract_transf_matrix[3][3]   0.00692642 
_atom_sites.fract_transf_vector[1]      -0.041049 
_atom_sites.fract_transf_vector[2]      -0.176403 
_atom_sites.fract_transf_vector[3]      0.285327 
# 
loop_
_atom_type.symbol 
C  
N  
O  
S  
SE 
# 
loop_
_atom_site.group_PDB 
_atom_site.id 
_atom_site.type_symbol 
_atom_site.label_atom_id 
_atom_site.label_alt_id 
_atom_site.label_comp_id 
_atom_site.label_asym_id 
_atom_site.label_entity_id 
_atom_site.label_seq_id 
_atom_site.pdbx_PDB_ins_code 
_atom_site.Cartn_x 
_atom_site.Cartn_y 
_atom_site.Cartn_z 
_atom_site.occupancy 
_atom_site.B_iso_or_equiv 
_atom_site.pdbx_formal_charge 
_atom_site.auth_seq_id 
_atom_site.auth_comp_id 
_atom_site.auth_asym_id 
_atom_site.auth_atom_id 
_atom_site.pdbx_PDB_model_num 
ATOM   1    N  N   . GLY A 1 1   ? -28.700 0.804   11.148  1.00 21.79 ? 114 GLY A N   1 
ATOM   2    C  CA  . GLY A 1 1   ? -28.835 -0.005  12.395  1.00 21.59 ? 114 GLY A CA  1 
ATOM   3    C  C   . GLY A 1 1   ? -27.650 0.294   13.297  1.00 21.90 ? 114 GLY A C   1 
ATOM   4    O  O   . GLY A 1 1   ? -26.526 0.521   12.807  1.00 21.93 ? 114 GLY A O   1 
ATOM   5    N  N   . ILE A 1 2   ? -27.901 0.315   14.604  1.00 20.97 ? 115 ILE A N   1 
ATOM   6    C  CA  . ILE A 1 2   ? -26.857 0.515   15.603  1.00 21.20 ? 115 ILE A CA  1 
ATOM   7    C  C   . ILE A 1 2   ? -26.608 -0.823  16.301  1.00 21.27 ? 115 ILE A C   1 
ATOM   8    O  O   . ILE A 1 2   ? -27.548 -1.565  16.580  1.00 19.10 ? 115 ILE A O   1 
ATOM   9    C  CB  . ILE A 1 2   ? -27.265 1.568   16.676  1.00 21.00 ? 115 ILE A CB  1 
ATOM   10   C  CG1 . ILE A 1 2   ? -27.800 2.883   16.058  1.00 22.39 ? 115 ILE A CG1 1 
ATOM   11   C  CG2 . ILE A 1 2   ? -26.143 1.792   17.702  1.00 21.32 ? 115 ILE A CG2 1 
ATOM   12   C  CD1 . ILE A 1 2   ? -26.765 3.801   15.435  1.00 19.53 ? 115 ILE A CD1 1 
ATOM   13   N  N   . ASP A 1 3   ? -25.335 -1.127  16.555  1.00 22.56 ? 116 ASP A N   1 
ATOM   14   C  CA  . ASP A 1 3   ? -24.930 -2.246  17.420  1.00 24.54 ? 116 ASP A CA  1 
ATOM   15   C  C   . ASP A 1 3   ? -25.179 -1.885  18.886  1.00 25.09 ? 116 ASP A C   1 
ATOM   16   O  O   . ASP A 1 3   ? -24.542 -0.973  19.412  1.00 25.26 ? 116 ASP A O   1 
ATOM   17   C  CB  . ASP A 1 3   ? -23.438 -2.557  17.201  1.00 25.46 ? 116 ASP A CB  1 
ATOM   18   C  CG  . ASP A 1 3   ? -22.938 -3.795  17.990  1.00 27.96 ? 116 ASP A CG  1 
ATOM   19   O  OD1 . ASP A 1 3   ? -23.614 -4.314  18.922  1.00 26.70 ? 116 ASP A OD1 1 
ATOM   20   O  OD2 . ASP A 1 3   ? -21.820 -4.247  17.664  1.00 31.47 ? 116 ASP A OD2 1 
ATOM   21   N  N   . PRO A 1 4   ? -26.107 -2.597  19.555  1.00 26.61 ? 117 PRO A N   1 
ATOM   22   C  CA  . PRO A 1 4   ? -26.400 -2.411  20.989  1.00 27.99 ? 117 PRO A CA  1 
ATOM   23   C  C   . PRO A 1 4   ? -25.132 -2.480  21.867  1.00 30.20 ? 117 PRO A C   1 
ATOM   24   O  O   . PRO A 1 4   ? -25.096 -1.884  22.945  1.00 30.71 ? 117 PRO A O   1 
ATOM   25   C  CB  . PRO A 1 4   ? -27.281 -3.620  21.320  1.00 27.92 ? 117 PRO A CB  1 
ATOM   26   C  CG  . PRO A 1 4   ? -27.885 -4.023  20.017  1.00 27.93 ? 117 PRO A CG  1 
ATOM   27   C  CD  . PRO A 1 4   ? -26.871 -3.720  18.974  1.00 26.12 ? 117 PRO A CD  1 
ATOM   28   N  N   . PHE A 1 5   ? -24.113 -3.196  21.391  1.00 32.32 ? 118 PHE A N   1 
ATOM   29   C  CA  . PHE A 1 5   ? -22.907 -3.501  22.183  1.00 34.79 ? 118 PHE A CA  1 
ATOM   30   C  C   . PHE A 1 5   ? -21.695 -2.634  21.874  1.00 35.81 ? 118 PHE A C   1 
ATOM   31   O  O   . PHE A 1 5   ? -20.705 -2.693  22.601  1.00 36.60 ? 118 PHE A O   1 
ATOM   32   C  CB  . PHE A 1 5   ? -22.557 -4.990  22.071  1.00 35.17 ? 118 PHE A CB  1 
ATOM   33   C  CG  . PHE A 1 5   ? -23.694 -5.899  22.463  1.00 36.65 ? 118 PHE A CG  1 
ATOM   34   C  CD1 . PHE A 1 5   ? -24.470 -5.615  23.595  1.00 39.19 ? 118 PHE A CD1 1 
ATOM   35   C  CD2 . PHE A 1 5   ? -24.010 -7.011  21.695  1.00 37.72 ? 118 PHE A CD2 1 
ATOM   36   C  CE1 . PHE A 1 5   ? -25.550 -6.434  23.953  1.00 41.10 ? 118 PHE A CE1 1 
ATOM   37   C  CE2 . PHE A 1 5   ? -25.071 -7.852  22.054  1.00 38.30 ? 118 PHE A CE2 1 
ATOM   38   C  CZ  . PHE A 1 5   ? -25.845 -7.567  23.178  1.00 38.90 ? 118 PHE A CZ  1 
ATOM   39   N  N   . THR A 1 6   ? -21.793 -1.830  20.812  1.00 36.61 ? 119 THR A N   1 
ATOM   40   C  CA  . THR A 1 6   ? -20.793 -0.823  20.442  1.00 37.42 ? 119 THR A CA  1 
ATOM   41   C  C   . THR A 1 6   ? -21.391 0.599   20.551  1.00 37.39 ? 119 THR A C   1 
ATOM   42   O  O   . THR A 1 6   ? -20.695 1.560   20.924  1.00 37.24 ? 119 THR A O   1 
ATOM   43   C  CB  . THR A 1 6   ? -20.279 -1.029  18.985  1.00 37.47 ? 119 THR A CB  1 
ATOM   44   O  OG1 . THR A 1 6   ? -20.174 -2.425  18.686  1.00 39.65 ? 119 THR A OG1 1 
ATOM   45   C  CG2 . THR A 1 6   ? -18.901 -0.424  18.809  1.00 39.84 ? 119 THR A CG2 1 
ATOM   46   N  N   . GLY A 1 7   ? -22.682 0.731   20.229  1.00 36.67 ? 120 GLY A N   1 
ATOM   47   C  CA  . GLY A 1 7   ? -23.313 2.046   20.088  1.00 36.38 ? 120 GLY A CA  1 
ATOM   48   C  C   . GLY A 1 7   ? -22.992 2.670   18.736  1.00 36.27 ? 120 GLY A C   1 
ATOM   49   O  O   . GLY A 1 7   ? -23.430 3.775   18.436  1.00 35.86 ? 120 GLY A O   1 
ATOM   50   N  N   . GLN A 1 8   ? -22.231 1.934   17.928  1.00 36.34 ? 121 GLN A N   1 
ATOM   51   C  CA  . GLN A 1 8   ? -21.854 2.325   16.578  1.00 37.78 ? 121 GLN A CA  1 
ATOM   52   C  C   . GLN A 1 8   ? -22.722 1.643   15.528  1.00 37.80 ? 121 GLN A C   1 
ATOM   53   O  O   . GLN A 1 8   ? -23.340 0.597   15.790  1.00 37.05 ? 121 GLN A O   1 
ATOM   54   C  CB  . GLN A 1 8   ? -20.386 1.947   16.309  1.00 38.09 ? 121 GLN A CB  1 
ATOM   55   C  CG  . GLN A 1 8   ? -19.385 3.081   16.515  1.00 40.92 ? 121 GLN A CG  1 
ATOM   56   C  CD  . GLN A 1 8   ? -19.370 3.604   17.933  1.00 43.95 ? 121 GLN A CD  1 
ATOM   57   O  OE1 . GLN A 1 8   ? -19.698 4.770   18.184  1.00 45.99 ? 121 GLN A OE1 1 
ATOM   58   N  NE2 . GLN A 1 8   ? -18.999 2.745   18.875  1.00 45.61 ? 121 GLN A NE2 1 
ATOM   59   N  N   . LYS A 1 9   ? -22.745 2.242   14.339  1.00 37.81 ? 122 LYS A N   1 
ATOM   60   C  CA  . LYS A 1 9   ? -23.413 1.675   13.178  1.00 38.74 ? 122 LYS A CA  1 
ATOM   61   C  C   . LYS A 1 9   ? -22.940 0.247   12.927  1.00 39.24 ? 122 LYS A C   1 
ATOM   62   O  O   . LYS A 1 9   ? -21.770 -0.072  13.175  1.00 39.54 ? 122 LYS A O   1 
ATOM   63   C  CB  . LYS A 1 9   ? -23.142 2.540   11.944  1.00 38.66 ? 122 LYS A CB  1 
ATOM   64   C  CG  . LYS A 1 9   ? -24.163 2.350   10.826  1.00 39.80 ? 122 LYS A CG  1 
ATOM   65   C  CD  . LYS A 1 9   ? -24.388 3.624   10.026  1.00 42.08 ? 122 LYS A CD  1 
ATOM   66   C  CE  . LYS A 1 9   ? -23.383 3.753   8.894   1.00 43.32 ? 122 LYS A CE  1 
ATOM   67   N  NZ  . LYS A 1 9   ? -23.939 4.564   7.755   1.00 45.85 ? 122 LYS A NZ  1 
ATOM   68   N  N   . LEU A 1 10  ? -23.846 -0.605  12.447  1.00 39.52 ? 123 LEU A N   1 
ATOM   69   C  CA  . LEU A 1 10  ? -23.519 -1.990  12.106  1.00 40.20 ? 123 LEU A CA  1 
ATOM   70   C  C   . LEU A 1 10  ? -22.671 -2.080  10.825  1.00 41.03 ? 123 LEU A C   1 
ATOM   71   O  O   . LEU A 1 10  ? -23.044 -1.527  9.788   1.00 41.15 ? 123 LEU A O   1 
ATOM   72   C  CB  . LEU A 1 10  ? -24.799 -2.826  11.950  1.00 40.16 ? 123 LEU A CB  1 
ATOM   73   C  CG  . LEU A 1 10  ? -25.651 -3.245  13.156  1.00 39.17 ? 123 LEU A CG  1 
ATOM   74   C  CD1 . LEU A 1 10  ? -26.886 -3.994  12.681  1.00 38.35 ? 123 LEU A CD1 1 
ATOM   75   C  CD2 . LEU A 1 10  ? -24.868 -4.115  14.116  1.00 38.89 ? 123 LEU A CD2 1 
ATOM   76   N  N   . ASP A 1 11  ? -21.533 -2.771  10.903  1.00 41.78 ? 124 ASP A N   1 
ATOM   77   C  CA  . ASP A 1 11  ? -20.704 -3.027  9.712   1.00 42.46 ? 124 ASP A CA  1 
ATOM   78   C  C   . ASP A 1 11  ? -21.290 -4.156  8.852   1.00 42.01 ? 124 ASP A C   1 
ATOM   79   O  O   . ASP A 1 11  ? -21.613 -5.230  9.369   1.00 41.82 ? 124 ASP A O   1 
ATOM   80   C  CB  . ASP A 1 11  ? -19.249 -3.352  10.101  1.00 43.09 ? 124 ASP A CB  1 
ATOM   81   C  CG  . ASP A 1 11  ? -18.394 -2.096  10.325  1.00 44.56 ? 124 ASP A CG  1 
ATOM   82   O  OD1 . ASP A 1 11  ? -18.788 -0.999  9.846   1.00 46.11 ? 124 ASP A OD1 1 
ATOM   83   O  OD2 . ASP A 1 11  ? -17.321 -2.217  10.970  1.00 45.07 ? 124 ASP A OD2 1 
ATOM   84   N  N   . PHE A 1 12  ? -21.431 -3.891  7.552   1.00 41.73 ? 125 PHE A N   1 
ATOM   85   C  CA  . PHE A 1 12  ? -21.891 -4.888  6.572   1.00 41.64 ? 125 PHE A CA  1 
ATOM   86   C  C   . PHE A 1 12  ? -20.928 -5.062  5.390   1.00 41.78 ? 125 PHE A C   1 
ATOM   87   O  O   . PHE A 1 12  ? -21.295 -5.651  4.359   1.00 42.29 ? 125 PHE A O   1 
ATOM   88   C  CB  . PHE A 1 12  ? -23.277 -4.520  6.046   1.00 41.52 ? 125 PHE A CB  1 
ATOM   89   C  CG  . PHE A 1 12  ? -24.340 -4.536  7.097   1.00 40.50 ? 125 PHE A CG  1 
ATOM   90   C  CD1 . PHE A 1 12  ? -24.780 -5.746  7.639   1.00 39.14 ? 125 PHE A CD1 1 
ATOM   91   C  CD2 . PHE A 1 12  ? -24.898 -3.345  7.550   1.00 39.83 ? 125 PHE A CD2 1 
ATOM   92   C  CE1 . PHE A 1 12  ? -25.758 -5.773  8.614   1.00 38.41 ? 125 PHE A CE1 1 
ATOM   93   C  CE2 . PHE A 1 12  ? -25.891 -3.356  8.525   1.00 40.26 ? 125 PHE A CE2 1 
ATOM   94   C  CZ  . PHE A 1 12  ? -26.314 -4.578  9.066   1.00 39.65 ? 125 PHE A CZ  1 
ATOM   95   N  N   . PHE A 1 13  ? -19.709 -4.547  5.553   1.00 41.16 ? 126 PHE A N   1 
ATOM   96   C  CA  . PHE A 1 13  ? -18.695 -4.537  4.495   1.00 40.35 ? 126 PHE A CA  1 
ATOM   97   C  C   . PHE A 1 13  ? -17.773 -5.745  4.632   1.00 39.67 ? 126 PHE A C   1 
ATOM   98   O  O   . PHE A 1 13  ? -17.042 -5.858  5.626   1.00 40.24 ? 126 PHE A O   1 
ATOM   99   C  CB  . PHE A 1 13  ? -17.869 -3.249  4.575   1.00 40.30 ? 126 PHE A CB  1 
ATOM   100  N  N   . LYS A 1 14  ? -17.807 -6.645  3.645   1.00 37.87 ? 127 LYS A N   1 
ATOM   101  C  CA  . LYS A 1 14  ? -16.907 -7.802  3.634   1.00 35.25 ? 127 LYS A CA  1 
ATOM   102  C  C   . LYS A 1 14  ? -15.432 -7.366  3.507   1.00 33.33 ? 127 LYS A C   1 
ATOM   103  O  O   . LYS A 1 14  ? -15.102 -6.412  2.785   1.00 33.35 ? 127 LYS A O   1 
ATOM   104  C  CB  . LYS A 1 14  ? -17.310 -8.789  2.529   1.00 35.57 ? 127 LYS A CB  1 
ATOM   105  N  N   . GLN A 1 15  ? -14.553 -8.042  4.235   1.00 30.23 ? 128 GLN A N   1 
ATOM   106  C  CA  . GLN A 1 15  ? -13.119 -7.819  4.116   1.00 27.77 ? 128 GLN A CA  1 
ATOM   107  C  C   . GLN A 1 15  ? -12.642 -8.021  2.674   1.00 24.90 ? 128 GLN A C   1 
ATOM   108  O  O   . GLN A 1 15  ? -13.166 -8.885  1.953   1.00 23.14 ? 128 GLN A O   1 
ATOM   109  C  CB  . GLN A 1 15  ? -12.355 -8.755  5.047   1.00 28.37 ? 128 GLN A CB  1 
ATOM   110  C  CG  . GLN A 1 15  ? -12.758 -8.601  6.509   1.00 32.32 ? 128 GLN A CG  1 
ATOM   111  C  CD  . GLN A 1 15  ? -11.552 -8.473  7.426   1.00 36.80 ? 128 GLN A CD  1 
ATOM   112  O  OE1 . GLN A 1 15  ? -10.444 -8.860  7.064   1.00 38.26 ? 128 GLN A OE1 1 
ATOM   113  N  NE2 . GLN A 1 15  ? -11.760 -7.892  8.609   1.00 39.52 ? 128 GLN A NE2 1 
ATOM   114  N  N   . ALA A 1 16  ? -11.654 -7.214  2.275   1.00 21.77 ? 129 ALA A N   1 
ATOM   115  C  CA  . ALA A 1 16  ? -11.073 -7.255  0.928   1.00 19.61 ? 129 ALA A CA  1 
ATOM   116  C  C   . ALA A 1 16  ? -10.579 -8.664  0.614   1.00 18.13 ? 129 ALA A C   1 
ATOM   117  O  O   . ALA A 1 16  ? -10.035 -9.322  1.481   1.00 17.22 ? 129 ALA A O   1 
ATOM   118  C  CB  . ALA A 1 16  ? -9.904  -6.253  0.815   1.00 19.12 ? 129 ALA A CB  1 
ATOM   119  N  N   . HIS A 1 17  ? -10.758 -9.118  -0.621  1.00 16.76 ? 130 HIS A N   1 
ATOM   120  C  CA  . HIS A 1 17  ? -10.304 -10.456 -1.008  1.00 15.61 ? 130 HIS A CA  1 
ATOM   121  C  C   . HIS A 1 17  ? -10.133 -10.517 -2.519  1.00 15.63 ? 130 HIS A C   1 
ATOM   122  O  O   . HIS A 1 17  ? -10.751 -9.724  -3.236  1.00 13.77 ? 130 HIS A O   1 
ATOM   123  C  CB  . HIS A 1 17  ? -11.317 -11.526 -0.552  1.00 16.08 ? 130 HIS A CB  1 
ATOM   124  C  CG  . HIS A 1 17  ? -12.690 -11.324 -1.110  1.00 14.96 ? 130 HIS A CG  1 
ATOM   125  N  ND1 . HIS A 1 17  ? -13.628 -10.515 -0.500  1.00 15.31 ? 130 HIS A ND1 1 
ATOM   126  C  CD2 . HIS A 1 17  ? -13.283 -11.823 -2.223  1.00 14.03 ? 130 HIS A CD2 1 
ATOM   127  C  CE1 . HIS A 1 17  ? -14.735 -10.507 -1.226  1.00 15.93 ? 130 HIS A CE1 1 
ATOM   128  N  NE2 . HIS A 1 17  ? -14.553 -11.300 -2.274  1.00 17.28 ? 130 HIS A NE2 1 
ATOM   129  N  N   . GLU A 1 18  ? -9.302  -11.454 -2.995  1.00 15.24 ? 131 GLU A N   1 
ATOM   130  C  CA  . GLU A 1 18  ? -9.116  -11.668 -4.434  1.00 16.05 ? 131 GLU A CA  1 
ATOM   131  C  C   . GLU A 1 18  ? -10.429 -11.997 -5.141  1.00 16.61 ? 131 GLU A C   1 
ATOM   132  O  O   . GLU A 1 18  ? -11.215 -12.827 -4.656  1.00 15.47 ? 131 GLU A O   1 
ATOM   133  C  CB  . GLU A 1 18  ? -8.086  -12.770 -4.692  1.00 16.21 ? 131 GLU A CB  1 
ATOM   134  C  CG  . GLU A 1 18  ? -6.672  -12.269 -4.527  1.00 17.17 ? 131 GLU A CG  1 
ATOM   135  C  CD  . GLU A 1 18  ? -5.609  -13.348 -4.765  1.00 17.52 ? 131 GLU A CD  1 
ATOM   136  O  OE1 . GLU A 1 18  ? -5.959  -14.444 -5.259  1.00 19.75 ? 131 GLU A OE1 1 
ATOM   137  O  OE2 . GLU A 1 18  ? -4.420  -13.103 -4.460  1.00 14.45 ? 131 GLU A OE2 1 
ATOM   138  N  N   . GLY A 1 19  ? -10.671 -11.341 -6.273  1.00 16.23 ? 132 GLY A N   1 
ATOM   139  C  CA  . GLY A 1 19  ? -11.929 -11.537 -7.013  1.00 16.25 ? 132 GLY A CA  1 
ATOM   140  C  C   . GLY A 1 19  ? -13.028 -10.646 -6.472  1.00 16.72 ? 132 GLY A C   1 
ATOM   141  O  O   . GLY A 1 19  ? -14.095 -10.536 -7.070  1.00 16.72 ? 132 GLY A O   1 
ATOM   142  N  N   . GLY A 1 20  ? -12.775 -9.979  -5.347  1.00 16.33 ? 133 GLY A N   1 
ATOM   143  C  CA  . GLY A 1 20  ? -13.768 -9.058  -4.805  1.00 15.54 ? 133 GLY A CA  1 
ATOM   144  C  C   . GLY A 1 20  ? -13.534 -7.646  -5.310  1.00 14.98 ? 133 GLY A C   1 
ATOM   145  O  O   . GLY A 1 20  ? -12.511 -7.390  -5.948  1.00 13.91 ? 133 GLY A O   1 
ATOM   146  N  N   . PRO A 1 21  ? -14.476 -6.728  -5.019  1.00 14.24 ? 134 PRO A N   1 
ATOM   147  C  CA  . PRO A 1 21  ? -14.271 -5.318  -5.333  1.00 13.64 ? 134 PRO A CA  1 
ATOM   148  C  C   . PRO A 1 21  ? -13.115 -4.671  -4.566  1.00 13.66 ? 134 PRO A C   1 
ATOM   149  O  O   . PRO A 1 21  ? -12.924 -4.925  -3.382  1.00 12.87 ? 134 PRO A O   1 
ATOM   150  C  CB  . PRO A 1 21  ? -15.622 -4.654  -4.974  1.00 14.18 ? 134 PRO A CB  1 
ATOM   151  C  CG  . PRO A 1 21  ? -16.360 -5.663  -4.110  1.00 14.94 ? 134 PRO A CG  1 
ATOM   152  C  CD  . PRO A 1 21  ? -15.862 -7.004  -4.574  1.00 15.24 ? 134 PRO A CD  1 
ATOM   153  N  N   . ALA A 1 22  ? -12.332 -3.842  -5.258  1.00 13.08 ? 135 ALA A N   1 
ATOM   154  C  CA  . ALA A 1 22  ? -11.255 -3.106  -4.614  1.00 12.44 ? 135 ALA A CA  1 
ATOM   155  C  C   . ALA A 1 22  ? -11.875 -1.856  -3.937  1.00 12.87 ? 135 ALA A C   1 
ATOM   156  O  O   . ALA A 1 22  ? -12.426 -1.007  -4.627  1.00 12.74 ? 135 ALA A O   1 
ATOM   157  C  CB  . ALA A 1 22  ? -10.188 -2.710  -5.656  1.00 11.23 ? 135 ALA A CB  1 
ATOM   158  N  N   . PRO A 1 23  ? -11.784 -1.744  -2.592  1.00 12.60 ? 136 PRO A N   1 
ATOM   159  C  CA  . PRO A 1 23  ? -12.320 -0.553  -1.928  1.00 12.57 ? 136 PRO A CA  1 
ATOM   160  C  C   . PRO A 1 23  ? -11.780 0.748   -2.527  1.00 11.94 ? 136 PRO A C   1 
ATOM   161  O  O   . PRO A 1 23  ? -10.556 0.882   -2.786  1.00 11.67 ? 136 PRO A O   1 
ATOM   162  C  CB  . PRO A 1 23  ? -11.816 -0.690  -0.492  1.00 12.70 ? 136 PRO A CB  1 
ATOM   163  C  CG  . PRO A 1 23  ? -11.635 -2.158  -0.275  1.00 12.31 ? 136 PRO A CG  1 
ATOM   164  C  CD  . PRO A 1 23  ? -11.200 -2.700  -1.631  1.00 13.04 ? 136 PRO A CD  1 
ATOM   165  N  N   . ASN A 1 24  ? -12.671 1.717   -2.717  1.00 10.52 ? 137 ASN A N   1 
ATOM   166  C  CA  . ASN A 1 24  ? -12.248 3.034   -3.213  1.00 10.28 ? 137 ASN A CA  1 
ATOM   167  C  C   . ASN A 1 24  ? -12.048 3.881   -1.963  1.00 9.92  ? 137 ASN A C   1 
ATOM   168  O  O   . ASN A 1 24  ? -12.748 4.875   -1.713  1.00 10.56 ? 137 ASN A O   1 
ATOM   169  C  CB  . ASN A 1 24  ? -13.288 3.599   -4.209  1.00 10.77 ? 137 ASN A CB  1 
ATOM   170  C  CG  . ASN A 1 24  ? -12.819 4.844   -4.919  1.00 11.43 ? 137 ASN A CG  1 
ATOM   171  O  OD1 . ASN A 1 24  ? -13.648 5.692   -5.346  1.00 15.47 ? 137 ASN A OD1 1 
ATOM   172  N  ND2 . ASN A 1 24  ? -11.535 4.986   -5.060  1.00 8.62  ? 137 ASN A ND2 1 
ATOM   173  N  N   . SER A 1 25  ? -11.110 3.428   -1.132  1.00 9.12  ? 138 SER A N   1 
ATOM   174  C  CA  . SER A 1 25  ? -10.869 4.046   0.175   1.00 8.29  ? 138 SER A CA  1 
ATOM   175  C  C   . SER A 1 25  ? -10.049 5.332   0.046   1.00 8.23  ? 138 SER A C   1 
ATOM   176  O  O   . SER A 1 25  ? -9.314  5.550   -0.928  1.00 8.80  ? 138 SER A O   1 
ATOM   177  C  CB  . SER A 1 25  ? -10.162 3.035   1.111   1.00 7.33  ? 138 SER A CB  1 
ATOM   178  O  OG  . SER A 1 25  ? -9.006  2.439   0.480   1.00 8.44  ? 138 SER A OG  1 
ATOM   179  N  N   . GLU A 1 26  ? -10.124 6.153   1.074   1.00 8.89  ? 139 GLU A N   1 
ATOM   180  C  CA  . GLU A 1 26  ? -9.516  7.475   1.026   1.00 9.99  ? 139 GLU A CA  1 
ATOM   181  C  C   . GLU A 1 26  ? -7.997  7.475   1.271   1.00 9.74  ? 139 GLU A C   1 
ATOM   182  O  O   . GLU A 1 26  ? -7.488  6.679   2.064   1.00 8.80  ? 139 GLU A O   1 
ATOM   183  C  CB  . GLU A 1 26  ? -10.262 8.416   2.007   1.00 11.60 ? 139 GLU A CB  1 
ATOM   184  C  CG  . GLU A 1 26  ? -10.041 9.911   1.706   1.00 14.58 ? 139 GLU A CG  1 
ATOM   185  C  CD  . GLU A 1 26  ? -10.841 10.828  2.642   1.00 21.87 ? 139 GLU A CD  1 
ATOM   186  O  OE1 . GLU A 1 26  ? -11.498 10.332  3.585   1.00 22.04 ? 139 GLU A OE1 1 
ATOM   187  O  OE2 . GLU A 1 26  ? -10.781 12.050  2.438   1.00 25.61 ? 139 GLU A OE2 1 
ATOM   188  N  N   . VAL A 1 27  ? -7.300  8.379   0.572   1.00 9.45  ? 140 VAL A N   1 
ATOM   189  C  CA  . VAL A 1 27  ? -5.854  8.671   0.773   1.00 9.94  ? 140 VAL A CA  1 
ATOM   190  C  C   . VAL A 1 27  ? -5.613  10.204  0.657   1.00 10.95 ? 140 VAL A C   1 
ATOM   191  O  O   . VAL A 1 27  ? -6.516  10.955  0.313   1.00 11.33 ? 140 VAL A O   1 
ATOM   192  C  CB  . VAL A 1 27  ? -4.928  7.939   -0.242  1.00 9.54  ? 140 VAL A CB  1 
ATOM   193  C  CG1 . VAL A 1 27  ? -4.932  6.388   -0.036  1.00 11.14 ? 140 VAL A CG1 1 
ATOM   194  C  CG2 . VAL A 1 27  ? -5.289  8.284   -1.696  1.00 8.43  ? 140 VAL A CG2 1 
ATOM   195  N  N   . VAL A 1 28  ? -4.383  10.634  0.915   1.00 10.72 ? 141 VAL A N   1 
ATOM   196  C  CA  . VAL A 1 28  ? -4.032  12.041  0.938   1.00 11.46 ? 141 VAL A CA  1 
ATOM   197  C  C   . VAL A 1 28  ? -2.842  12.307  0.025   1.00 12.10 ? 141 VAL A C   1 
ATOM   198  O  O   . VAL A 1 28  ? -1.822  11.634  0.147   1.00 10.38 ? 141 VAL A O   1 
ATOM   199  C  CB  . VAL A 1 28  ? -3.646  12.454  2.393   1.00 11.39 ? 141 VAL A CB  1 
ATOM   200  C  CG1 . VAL A 1 28  ? -3.260  13.921  2.451   1.00 11.21 ? 141 VAL A CG1 1 
ATOM   201  C  CG2 . VAL A 1 28  ? -4.811  12.117  3.393   1.00 11.90 ? 141 VAL A CG2 1 
ATOM   202  N  N   . ARG A 1 29  ? -2.948  13.303  -0.855  1.00 13.44 ? 142 ARG A N   1 
ATOM   203  C  CA  . ARG A 1 29  ? -1.794  13.707  -1.648  1.00 16.65 ? 142 ARG A CA  1 
ATOM   204  C  C   . ARG A 1 29  ? -0.839  14.473  -0.746  1.00 17.65 ? 142 ARG A C   1 
ATOM   205  O  O   . ARG A 1 29  ? -1.255  15.385  -0.056  1.00 17.26 ? 142 ARG A O   1 
ATOM   206  C  CB  . ARG A 1 29  ? -2.218  14.597  -2.833  1.00 17.62 ? 142 ARG A CB  1 
ATOM   207  C  CG  . ARG A 1 29  ? -1.312  14.405  -4.052  1.00 21.64 ? 142 ARG A CG  1 
ATOM   208  C  CD  . ARG A 1 29  ? -1.803  15.192  -5.250  1.00 26.74 ? 142 ARG A CD  1 
ATOM   209  N  NE  . ARG A 1 29  ? -1.164  16.494  -5.350  1.00 32.38 ? 142 ARG A NE  1 
ATOM   210  C  CZ  . ARG A 1 29  ? -1.552  17.452  -6.187  1.00 34.00 ? 142 ARG A CZ  1 
ATOM   211  N  NH1 . ARG A 1 29  ? -2.596  17.266  -6.983  1.00 35.75 ? 142 ARG A NH1 1 
ATOM   212  N  NH2 . ARG A 1 29  ? -0.907  18.609  -6.206  1.00 37.18 ? 142 ARG A NH2 1 
ATOM   213  N  N   . PRO A 1 30  ? 0.449   14.110  -0.750  1.00 19.44 ? 143 PRO A N   1 
ATOM   214  C  CA  . PRO A 1 30  ? 1.419   14.779  0.105   1.00 20.57 ? 143 PRO A CA  1 
ATOM   215  C  C   . PRO A 1 30  ? 1.498   16.292  -0.129  1.00 22.67 ? 143 PRO A C   1 
ATOM   216  O  O   . PRO A 1 30  ? 1.506   17.048  0.834   1.00 23.00 ? 143 PRO A O   1 
ATOM   217  C  CB  . PRO A 1 30  ? 2.738   14.097  -0.265  1.00 20.84 ? 143 PRO A CB  1 
ATOM   218  C  CG  . PRO A 1 30  ? 2.313   12.754  -0.719  1.00 19.51 ? 143 PRO A CG  1 
ATOM   219  C  CD  . PRO A 1 30  ? 1.064   13.002  -1.501  1.00 19.10 ? 143 PRO A CD  1 
ATOM   220  N  N   . ASP A 1 31  ? 1.558   16.729  -1.387  1.00 24.64 ? 144 ASP A N   1 
ATOM   221  C  CA  . ASP A 1 31  ? 1.583   18.172  -1.684  1.00 26.52 ? 144 ASP A CA  1 
ATOM   222  C  C   . ASP A 1 31  ? 0.185   18.744  -1.533  1.00 25.96 ? 144 ASP A C   1 
ATOM   223  O  O   . ASP A 1 31  ? -0.652  18.545  -2.405  1.00 26.87 ? 144 ASP A O   1 
ATOM   224  C  CB  . ASP A 1 31  ? 2.055   18.417  -3.118  1.00 27.40 ? 144 ASP A CB  1 
ATOM   225  C  CG  . ASP A 1 31  ? 3.521   18.067  -3.331  1.00 31.17 ? 144 ASP A CG  1 
ATOM   226  O  OD1 . ASP A 1 31  ? 4.250   17.777  -2.352  1.00 35.60 ? 144 ASP A OD1 1 
ATOM   227  O  OD2 . ASP A 1 31  ? 3.945   18.069  -4.505  1.00 36.64 ? 144 ASP A OD2 1 
ATOM   228  N  N   . GLY A 1 32  ? -0.079  19.425  -0.426  1.00 25.22 ? 145 GLY A N   1 
ATOM   229  C  CA  . GLY A 1 32  ? -1.334  20.167  -0.271  1.00 23.03 ? 145 GLY A CA  1 
ATOM   230  C  C   . GLY A 1 32  ? -2.456  19.404  0.403   1.00 21.58 ? 145 GLY A C   1 
ATOM   231  O  O   . GLY A 1 32  ? -3.549  19.932  0.575   1.00 21.39 ? 145 GLY A O   1 
ATOM   232  N  N   . PHE A 1 33  ? -2.179  18.152  0.768   1.00 20.45 ? 146 PHE A N   1 
ATOM   233  C  CA  . PHE A 1 33  ? -3.108  17.293  1.492   1.00 19.93 ? 146 PHE A CA  1 
ATOM   234  C  C   . PHE A 1 33  ? -4.489  17.168  0.862   1.00 19.53 ? 146 PHE A C   1 
ATOM   235  O  O   . PHE A 1 33  ? -5.463  17.028  1.574   1.00 19.46 ? 146 PHE A O   1 
ATOM   236  C  CB  . PHE A 1 33  ? -3.279  17.733  2.956   1.00 20.45 ? 146 PHE A CB  1 
ATOM   237  C  CG  . PHE A 1 33  ? -2.011  17.694  3.771   1.00 19.82 ? 146 PHE A CG  1 
ATOM   238  C  CD1 . PHE A 1 33  ? -1.879  18.501  4.896   1.00 20.82 ? 146 PHE A CD1 1 
ATOM   239  C  CD2 . PHE A 1 33  ? -0.965  16.842  3.436   1.00 20.14 ? 146 PHE A CD2 1 
ATOM   240  C  CE1 . PHE A 1 33  ? -0.714  18.465  5.682   1.00 21.61 ? 146 PHE A CE1 1 
ATOM   241  C  CE2 . PHE A 1 33  ? 0.195   16.808  4.203   1.00 20.41 ? 146 PHE A CE2 1 
ATOM   242  C  CZ  . PHE A 1 33  ? 0.331   17.635  5.327   1.00 20.39 ? 146 PHE A CZ  1 
ATOM   243  N  N   . GLN A 1 34  ? -4.588  17.162  -0.455  1.00 19.71 ? 147 GLN A N   1 
ATOM   244  C  CA  . GLN A 1 34  ? -5.919  17.039  -1.033  1.00 19.90 ? 147 GLN A CA  1 
ATOM   245  C  C   . GLN A 1 34  ? -6.409  15.623  -0.883  1.00 18.68 ? 147 GLN A C   1 
ATOM   246  O  O   . GLN A 1 34  ? -5.632  14.666  -0.987  1.00 18.22 ? 147 GLN A O   1 
ATOM   247  C  CB  . GLN A 1 34  ? -5.962  17.439  -2.494  1.00 21.22 ? 147 GLN A CB  1 
ATOM   248  C  CG  . GLN A 1 34  ? -5.423  18.823  -2.776  1.00 26.69 ? 147 GLN A CG  1 
ATOM   249  C  CD  . GLN A 1 34  ? -3.983  18.771  -3.213  1.00 31.76 ? 147 GLN A CD  1 
ATOM   250  O  OE1 . GLN A 1 34  ? -3.116  18.308  -2.471  1.00 34.23 ? 147 GLN A OE1 1 
ATOM   251  N  NE2 . GLN A 1 34  ? -3.713  19.244  -4.432  1.00 34.83 ? 147 GLN A NE2 1 
ATOM   252  N  N   . SER A 1 35  ? -7.701  15.503  -0.619  1.00 17.09 ? 148 SER A N   1 
ATOM   253  C  CA  . SER A 1 35  ? -8.335  14.214  -0.529  1.00 16.78 ? 148 SER A CA  1 
ATOM   254  C  C   . SER A 1 35  ? -8.324  13.474  -1.881  1.00 15.36 ? 148 SER A C   1 
ATOM   255  O  O   . SER A 1 35  ? -8.617  14.052  -2.924  1.00 14.95 ? 148 SER A O   1 
ATOM   256  C  CB  . SER A 1 35  ? -9.764  14.397  -0.037  1.00 16.76 ? 148 SER A CB  1 
ATOM   257  O  OG  . SER A 1 35  ? -10.346 13.120  0.185   1.00 19.36 ? 148 SER A OG  1 
ATOM   258  N  N   . GLN A 1 36  ? -7.983  12.198  -1.856  1.00 13.89 ? 149 GLN A N   1 
ATOM   259  C  CA  . GLN A 1 36  ? -8.073  11.360  -3.057  1.00 13.54 ? 149 GLN A CA  1 
ATOM   260  C  C   . GLN A 1 36  ? -8.542  9.979   -2.634  1.00 12.72 ? 149 GLN A C   1 
ATOM   261  O  O   . GLN A 1 36  ? -8.695  9.726   -1.436  1.00 12.26 ? 149 GLN A O   1 
ATOM   262  C  CB  . GLN A 1 36  ? -6.705  11.249  -3.761  1.00 13.46 ? 149 GLN A CB  1 
ATOM   263  C  CG  . GLN A 1 36  ? -6.082  12.574  -4.163  1.00 15.36 ? 149 GLN A CG  1 
ATOM   264  C  CD  . GLN A 1 36  ? -4.775  12.384  -4.886  1.00 18.49 ? 149 GLN A CD  1 
ATOM   265  O  OE1 . GLN A 1 36  ? -4.017  11.448  -4.593  1.00 20.87 ? 149 GLN A OE1 1 
ATOM   266  N  NE2 . GLN A 1 36  ? -4.506  13.246  -5.856  1.00 21.40 ? 149 GLN A NE2 1 
ATOM   267  N  N   . ARG A 1 37  ? -8.789  9.104   -3.611  1.00 11.60 ? 150 ARG A N   1 
ATOM   268  C  CA  . ARG A 1 37  ? -9.175  7.736   -3.331  1.00 11.38 ? 150 ARG A CA  1 
ATOM   269  C  C   . ARG A 1 37  ? -8.347  6.804   -4.196  1.00 11.43 ? 150 ARG A C   1 
ATOM   270  O  O   . ARG A 1 37  ? -7.837  7.220   -5.250  1.00 10.42 ? 150 ARG A O   1 
ATOM   271  C  CB  . ARG A 1 37  ? -10.690 7.506   -3.550  1.00 12.05 ? 150 ARG A CB  1 
ATOM   272  C  CG  . ARG A 1 37  ? -11.511 8.202   -2.475  1.00 12.34 ? 150 ARG A CG  1 
ATOM   273  C  CD  . ARG A 1 37  ? -13.023 8.249   -2.726  1.00 13.04 ? 150 ARG A CD  1 
ATOM   274  N  NE  . ARG A 1 37  ? -13.618 8.928   -1.579  1.00 11.65 ? 150 ARG A NE  1 
ATOM   275  C  CZ  . ARG A 1 37  ? -13.780 8.391   -0.371  1.00 13.57 ? 150 ARG A CZ  1 
ATOM   276  N  NH1 . ARG A 1 37  ? -13.437 7.123   -0.121  1.00 12.54 ? 150 ARG A NH1 1 
ATOM   277  N  NH2 . ARG A 1 37  ? -14.316 9.134   0.603   1.00 15.93 ? 150 ARG A NH2 1 
ATOM   278  N  N   . ILE A 1 38  ? -8.209  5.557   -3.735  1.00 10.94 ? 151 ILE A N   1 
ATOM   279  C  CA  . ILE A 1 38  ? -7.358  4.563   -4.400  1.00 10.98 ? 151 ILE A CA  1 
ATOM   280  C  C   . ILE A 1 38  ? -7.625  4.482   -5.901  1.00 11.43 ? 151 ILE A C   1 
ATOM   281  O  O   . ILE A 1 38  ? -6.691  4.512   -6.694  1.00 10.49 ? 151 ILE A O   1 
ATOM   282  C  CB  . ILE A 1 38  ? -7.540  3.149   -3.801  1.00 12.37 ? 151 ILE A CB  1 
ATOM   283  C  CG1 . ILE A 1 38  ? -7.059  3.105   -2.348  1.00 12.12 ? 151 ILE A CG1 1 
ATOM   284  C  CG2 . ILE A 1 38  ? -6.756  2.071   -4.634  1.00 13.14 ? 151 ILE A CG2 1 
ATOM   285  C  CD1 . ILE A 1 38  ? -5.583  3.380   -2.148  1.00 12.28 ? 151 ILE A CD1 1 
ATOM   286  N  N   . LEU A 1 39  ? -8.907  4.389   -6.282  1.00 11.23 ? 152 LEU A N   1 
ATOM   287  C  CA  . LEU A 1 39  ? -9.266  4.216   -7.694  1.00 11.96 ? 152 LEU A CA  1 
ATOM   288  C  C   . LEU A 1 39  ? -8.996  5.451   -8.549  1.00 11.60 ? 152 LEU A C   1 
ATOM   289  O  O   . LEU A 1 39  ? -8.996  5.342   -9.776  1.00 11.92 ? 152 LEU A O   1 
ATOM   290  C  CB  . LEU A 1 39  ? -10.711 3.670   -7.860  1.00 11.54 ? 152 LEU A CB  1 
ATOM   291  C  CG  . LEU A 1 39  ? -11.010 2.319   -7.162  1.00 13.81 ? 152 LEU A CG  1 
ATOM   292  C  CD1 . LEU A 1 39  ? -12.441 1.905   -7.359  1.00 17.59 ? 152 LEU A CD1 1 
ATOM   293  C  CD2 . LEU A 1 39  ? -10.095 1.164   -7.604  1.00 18.00 ? 152 LEU A CD2 1 
ATOM   294  N  N   . ASP A 1 40  ? -8.714  6.608   -7.925  1.00 11.52 ? 153 ASP A N   1 
ATOM   295  C  CA  . ASP A 1 40  ? -8.261  7.798   -8.663  1.00 12.01 ? 153 ASP A CA  1 
ATOM   296  C  C   . ASP A 1 40  ? -6.960  7.469   -9.372  1.00 11.77 ? 153 ASP A C   1 
ATOM   297  O  O   . ASP A 1 40  ? -6.614  8.129   -10.336 1.00 11.59 ? 153 ASP A O   1 
ATOM   298  C  CB  . ASP A 1 40  ? -7.970  8.994   -7.728  1.00 11.86 ? 153 ASP A CB  1 
ATOM   299  C  CG  . ASP A 1 40  ? -9.229  9.730   -7.276  1.00 16.27 ? 153 ASP A CG  1 
ATOM   300  O  OD1 . ASP A 1 40  ? -10.205 9.799   -8.054  1.00 20.56 ? 153 ASP A OD1 1 
ATOM   301  O  OD2 . ASP A 1 40  ? -9.247  10.258  -6.139  1.00 14.90 ? 153 ASP A OD2 1 
ATOM   302  N  N   . TYR A 1 41  ? -6.221  6.478   -8.859  1.00 11.22 ? 154 TYR A N   1 
ATOM   303  C  CA  . TYR A 1 41  ? -4.932  6.122   -9.424  1.00 11.85 ? 154 TYR A CA  1 
ATOM   304  C  C   . TYR A 1 41  ? -4.974  5.045   -10.496 1.00 12.95 ? 154 TYR A C   1 
ATOM   305  O  O   . TYR A 1 41  ? -3.935  4.709   -11.069 1.00 13.83 ? 154 TYR A O   1 
ATOM   306  C  CB  . TYR A 1 41  ? -3.941  5.713   -8.322  1.00 11.93 ? 154 TYR A CB  1 
ATOM   307  C  CG  . TYR A 1 41  ? -3.462  6.941   -7.626  1.00 12.79 ? 154 TYR A CG  1 
ATOM   308  C  CD1 . TYR A 1 41  ? -2.274  7.539   -8.018  1.00 14.68 ? 154 TYR A CD1 1 
ATOM   309  C  CD2 . TYR A 1 41  ? -4.247  7.561   -6.648  1.00 11.74 ? 154 TYR A CD2 1 
ATOM   310  C  CE1 . TYR A 1 41  ? -1.821  8.709   -7.407  1.00 14.88 ? 154 TYR A CE1 1 
ATOM   311  C  CE2 . TYR A 1 41  ? -3.827  8.766   -6.052  1.00 13.27 ? 154 TYR A CE2 1 
ATOM   312  C  CZ  . TYR A 1 41  ? -2.601  9.310   -6.430  1.00 13.96 ? 154 TYR A CZ  1 
ATOM   313  O  OH  . TYR A 1 41  ? -2.144  10.484  -5.872  1.00 14.22 ? 154 TYR A OH  1 
ATOM   314  N  N   . ALA A 1 42  ? -6.142  4.466   -10.736 1.00 13.30 ? 155 ALA A N   1 
ATOM   315  C  CA  . ALA A 1 42  ? -6.269  3.463   -11.788 1.00 13.25 ? 155 ALA A CA  1 
ATOM   316  C  C   . ALA A 1 42  ? -6.286  4.213   -13.144 1.00 14.16 ? 155 ALA A C   1 
ATOM   317  O  O   . ALA A 1 42  ? -6.928  5.255   -13.286 1.00 13.44 ? 155 ALA A O   1 
ATOM   318  C  CB  . ALA A 1 42  ? -7.512  2.704   -11.594 1.00 14.04 ? 155 ALA A CB  1 
ATOM   319  N  N   . GLN A 1 43  ? -5.524  3.735   -14.107 1.00 13.80 ? 156 GLN A N   1 
ATOM   320  C  CA  . GLN A 1 43  ? -5.548  4.357   -15.439 1.00 14.90 ? 156 GLN A CA  1 
ATOM   321  C  C   . GLN A 1 43  ? -6.226  3.420   -16.416 1.00 14.86 ? 156 GLN A C   1 
ATOM   322  O  O   . GLN A 1 43  ? -5.608  2.471   -16.906 1.00 13.49 ? 156 GLN A O   1 
ATOM   323  C  CB  . GLN A 1 43  ? -4.136  4.665   -15.863 1.00 15.79 ? 156 GLN A CB  1 
ATOM   324  C  CG  . GLN A 1 43  ? -3.551  5.808   -15.071 1.00 18.19 ? 156 GLN A CG  1 
ATOM   325  C  CD  . GLN A 1 43  ? -2.217  6.250   -15.625 1.00 24.02 ? 156 GLN A CD  1 
ATOM   326  O  OE1 . GLN A 1 43  ? -1.354  5.423   -15.941 1.00 24.13 ? 156 GLN A OE1 1 
ATOM   327  N  NE2 . GLN A 1 43  ? -2.046  7.561   -15.769 1.00 24.13 ? 156 GLN A NE2 1 
ATOM   328  N  N   . GLY A 1 44  ? -7.515  3.660   -16.655 1.00 14.59 ? 157 GLY A N   1 
ATOM   329  C  CA  . GLY A 1 44  ? -8.341  2.761   -17.472 1.00 14.93 ? 157 GLY A CA  1 
ATOM   330  C  C   . GLY A 1 44  ? -8.321  1.325   -16.968 1.00 15.34 ? 157 GLY A C   1 
ATOM   331  O  O   . GLY A 1 44  ? -8.665  1.049   -15.800 1.00 15.90 ? 157 GLY A O   1 
ATOM   332  N  N   . THR A 1 45  ? -7.902  0.408   -17.840 1.00 14.65 ? 158 THR A N   1 
ATOM   333  C  CA  . THR A 1 45  ? -7.882  -1.018  -17.520 1.00 14.83 ? 158 THR A CA  1 
ATOM   334  C  C   . THR A 1 45  ? -6.519  -1.572  -17.100 1.00 13.60 ? 158 THR A C   1 
ATOM   335  O  O   . THR A 1 45  ? -6.373  -2.783  -16.946 1.00 15.33 ? 158 THR A O   1 
ATOM   336  C  CB  . THR A 1 45  ? -8.379  -1.855  -18.718 1.00 15.56 ? 158 THR A CB  1 
ATOM   337  O  OG1 . THR A 1 45  ? -7.599  -1.512  -19.875 1.00 16.01 ? 158 THR A OG1 1 
ATOM   338  C  CG2 . THR A 1 45  ? -9.864  -1.579  -18.977 1.00 16.77 ? 158 THR A CG2 1 
ATOM   339  N  N   . ARG A 1 46  ? -5.516  -0.705  -16.956 1.00 12.89 ? 159 ARG A N   1 
ATOM   340  C  CA  . ARG A 1 46  ? -4.192  -1.133  -16.513 1.00 10.83 ? 159 ARG A CA  1 
ATOM   341  C  C   . ARG A 1 46  ? -4.286  -1.581  -15.053 1.00 10.30 ? 159 ARG A C   1 
ATOM   342  O  O   . ARG A 1 46  ? -4.984  -0.959  -14.273 1.00 11.64 ? 159 ARG A O   1 
ATOM   343  C  CB  . ARG A 1 46  ? -3.174  0.010   -16.651 1.00 10.73 ? 159 ARG A CB  1 
ATOM   344  C  CG  . ARG A 1 46  ? -2.861  0.430   -18.129 1.00 8.99  ? 159 ARG A CG  1 
ATOM   345  C  CD  . ARG A 1 46  ? -2.410  1.914   -18.231 1.00 7.67  ? 159 ARG A CD  1 
ATOM   346  N  NE  . ARG A 1 46  ? -1.179  2.134   -17.486 1.00 7.59  ? 159 ARG A NE  1 
ATOM   347  C  CZ  . ARG A 1 46  ? 0.027   1.745   -17.908 1.00 11.06 ? 159 ARG A CZ  1 
ATOM   348  N  NH1 . ARG A 1 46  ? 0.180   1.136   -19.084 1.00 9.27  ? 159 ARG A NH1 1 
ATOM   349  N  NH2 . ARG A 1 46  ? 1.086   1.993   -17.168 1.00 11.87 ? 159 ARG A NH2 1 
ATOM   350  N  N   . PRO A 1 47  ? -3.618  -2.690  -14.698 1.00 9.02  ? 160 PRO A N   1 
ATOM   351  C  CA  . PRO A 1 47  ? -3.485  -3.089  -13.312 1.00 8.77  ? 160 PRO A CA  1 
ATOM   352  C  C   . PRO A 1 47  ? -2.791  -1.960  -12.538 1.00 8.77  ? 160 PRO A C   1 
ATOM   353  O  O   . PRO A 1 47  ? -1.982  -1.198  -13.113 1.00 8.84  ? 160 PRO A O   1 
ATOM   354  C  CB  . PRO A 1 47  ? -2.564  -4.323  -13.385 1.00 8.49  ? 160 PRO A CB  1 
ATOM   355  C  CG  . PRO A 1 47  ? -2.861  -4.904  -14.794 1.00 9.02  ? 160 PRO A CG  1 
ATOM   356  C  CD  . PRO A 1 47  ? -3.012  -3.657  -15.627 1.00 8.18  ? 160 PRO A CD  1 
ATOM   357  N  N   . LEU A 1 48  ? -3.152  -1.843  -11.265 1.00 8.50  ? 161 LEU A N   1 
ATOM   358  C  CA  . LEU A 1 48  ? -2.524  -0.903  -10.355 1.00 8.39  ? 161 LEU A CA  1 
ATOM   359  C  C   . LEU A 1 48  ? -2.005  -1.709  -9.185  1.00 7.24  ? 161 LEU A C   1 
ATOM   360  O  O   . LEU A 1 48  ? -2.760  -2.400  -8.538  1.00 8.46  ? 161 LEU A O   1 
ATOM   361  C  CB  . LEU A 1 48  ? -3.551  0.130   -9.866  1.00 8.92  ? 161 LEU A CB  1 
ATOM   362  C  CG  . LEU A 1 48  ? -3.142  1.137   -8.785  1.00 6.79  ? 161 LEU A CG  1 
ATOM   363  C  CD1 . LEU A 1 48  ? -2.043  2.071   -9.280  1.00 8.91  ? 161 LEU A CD1 1 
ATOM   364  C  CD2 . LEU A 1 48  ? -4.383  1.933   -8.350  1.00 10.31 ? 161 LEU A CD2 1 
ATOM   365  N  N   . VAL A 1 49  ? -0.701  -1.622  -8.940  1.00 7.21  ? 162 VAL A N   1 
ATOM   366  C  CA  . VAL A 1 49  ? -0.074  -2.305  -7.815  1.00 7.26  ? 162 VAL A CA  1 
ATOM   367  C  C   . VAL A 1 49  ? -0.084  -1.336  -6.609  1.00 7.62  ? 162 VAL A C   1 
ATOM   368  O  O   . VAL A 1 49  ? 0.289   -0.163  -6.739  1.00 7.89  ? 162 VAL A O   1 
ATOM   369  C  CB  . VAL A 1 49  ? 1.360   -2.705  -8.190  1.00 6.22  ? 162 VAL A CB  1 
ATOM   370  C  CG1 . VAL A 1 49  ? 2.088   -3.322  -7.030  1.00 6.91  ? 162 VAL A CG1 1 
ATOM   371  C  CG2 . VAL A 1 49  ? 1.307   -3.694  -9.351  1.00 7.68  ? 162 VAL A CG2 1 
ATOM   372  N  N   . LEU A 1 50  ? -0.535  -1.820  -5.453  1.00 7.39  ? 163 LEU A N   1 
ATOM   373  C  CA  . LEU A 1 50  ? -0.539  -1.003  -4.238  1.00 7.11  ? 163 LEU A CA  1 
ATOM   374  C  C   . LEU A 1 50  ? 0.506   -1.576  -3.287  1.00 7.38  ? 163 LEU A C   1 
ATOM   375  O  O   . LEU A 1 50  ? 0.530   -2.792  -3.089  1.00 6.54  ? 163 LEU A O   1 
ATOM   376  C  CB  . LEU A 1 50  ? -1.908  -1.036  -3.550  1.00 7.23  ? 163 LEU A CB  1 
ATOM   377  C  CG  . LEU A 1 50  ? -3.153  -0.757  -4.431  1.00 8.08  ? 163 LEU A CG  1 
ATOM   378  C  CD1 . LEU A 1 50  ? -4.424  -1.115  -3.638  1.00 9.84  ? 163 LEU A CD1 1 
ATOM   379  C  CD2 . LEU A 1 50  ? -3.192  0.697   -4.918  1.00 9.42  ? 163 LEU A CD2 1 
ATOM   380  N  N   . ASN A 1 51  ? 1.310   -0.689  -2.686  1.00 6.60  ? 164 ASN A N   1 
ATOM   381  C  CA  . ASN A 1 51  ? 2.375   -1.065  -1.755  1.00 6.64  ? 164 ASN A CA  1 
ATOM   382  C  C   . ASN A 1 51  ? 2.209   -0.222  -0.460  1.00 6.64  ? 164 ASN A C   1 
ATOM   383  O  O   . ASN A 1 51  ? 2.584   0.946   -0.417  1.00 4.86  ? 164 ASN A O   1 
ATOM   384  C  CB  . ASN A 1 51  ? 3.730   -0.856  -2.467  1.00 6.22  ? 164 ASN A CB  1 
ATOM   385  C  CG  . ASN A 1 51  ? 4.936   -1.280  -1.632  1.00 8.61  ? 164 ASN A CG  1 
ATOM   386  O  OD1 . ASN A 1 51  ? 4.806   -1.870  -0.567  1.00 8.53  ? 164 ASN A OD1 1 
ATOM   387  N  ND2 . ASN A 1 51  ? 6.126   -0.911  -2.098  1.00 9.31  ? 164 ASN A ND2 1 
ATOM   388  N  N   . PHE A 1 52  ? 1.616   -0.823  0.571   1.00 6.67  ? 165 PHE A N   1 
ATOM   389  C  CA  . PHE A 1 52  ? 1.394   -0.151  1.863   1.00 7.57  ? 165 PHE A CA  1 
ATOM   390  C  C   . PHE A 1 52  ? 2.558   -0.421  2.788   1.00 7.55  ? 165 PHE A C   1 
ATOM   391  O  O   . PHE A 1 52  ? 3.036   -1.554  2.898   1.00 7.75  ? 165 PHE A O   1 
ATOM   392  C  CB  . PHE A 1 52  ? 0.152   -0.700  2.590   1.00 7.43  ? 165 PHE A CB  1 
ATOM   393  C  CG  . PHE A 1 52  ? -1.163  -0.541  1.847   1.00 6.66  ? 165 PHE A CG  1 
ATOM   394  C  CD1 . PHE A 1 52  ? -2.057  0.473   2.219   1.00 9.84  ? 165 PHE A CD1 1 
ATOM   395  C  CD2 . PHE A 1 52  ? -1.528  -1.427  0.835   1.00 6.65  ? 165 PHE A CD2 1 
ATOM   396  C  CE1 . PHE A 1 52  ? -3.299  0.594   1.563   1.00 10.60 ? 165 PHE A CE1 1 
ATOM   397  C  CE2 . PHE A 1 52  ? -2.761  -1.303  0.178   1.00 9.66  ? 165 PHE A CE2 1 
ATOM   398  C  CZ  . PHE A 1 52  ? -3.644  -0.314  0.543   1.00 7.42  ? 165 PHE A CZ  1 
ATOM   399  N  N   . GLY A 1 53  ? 2.987   0.608   3.504   1.00 8.24  ? 166 GLY A N   1 
ATOM   400  C  CA  . GLY A 1 53  ? 4.038   0.431   4.489   1.00 8.06  ? 166 GLY A CA  1 
ATOM   401  C  C   . GLY A 1 53  ? 4.496   1.742   5.101   1.00 8.43  ? 166 GLY A C   1 
ATOM   402  O  O   . GLY A 1 53  ? 3.868   2.799   4.925   1.00 9.46  ? 166 GLY A O   1 
ATOM   403  N  N   . SER A 1 54  ? 5.579   1.666   5.852   1.00 8.81  ? 167 SER A N   1 
ATOM   404  C  CA  . SER A 1 54  ? 6.174   2.837   6.480   1.00 8.15  ? 167 SER A CA  1 
ATOM   405  C  C   . SER A 1 54  ? 7.674   2.586   6.594   1.00 8.85  ? 167 SER A C   1 
ATOM   406  O  O   . SER A 1 54  ? 8.125   1.433   6.485   1.00 7.88  ? 167 SER A O   1 
ATOM   407  C  CB  . SER A 1 54  ? 5.579   2.992   7.880   1.00 8.46  ? 167 SER A CB  1 
ATOM   408  O  OG  . SER A 1 54  ? 5.979   1.902   8.712   1.00 8.68  ? 167 SER A OG  1 
ATOM   409  N  N   . CYS A 1 55  ? 8.439   3.641   6.882   1.00 9.03  ? 168 CYS A N   1 
ATOM   410  C  CA  . CYS A 1 55  ? 9.913   3.512   7.064   1.00 10.24 ? 168 CYS A CA  1 
ATOM   411  C  C   . CYS A 1 55  ? 10.355  2.586   8.205   1.00 9.97  ? 168 CYS A C   1 
ATOM   412  O  O   . CYS A 1 55  ? 11.445  1.993   8.147   1.00 10.35 ? 168 CYS A O   1 
ATOM   413  C  CB  . CYS A 1 55  ? 10.534  4.890   7.323   1.00 10.45 ? 168 CYS A CB  1 
ATOM   414  S  SG  . CYS A 1 55  ? 10.534  5.954   5.884   1.00 17.44 ? 168 CYS A SG  1 
ATOM   415  N  N   . THR A 1 56  ? 9.534   2.480   9.258   1.00 9.37  ? 169 THR A N   1 
ATOM   416  C  CA  . THR A 1 56  ? 9.915   1.641   10.411  1.00 10.16 ? 169 THR A CA  1 
ATOM   417  C  C   . THR A 1 56  ? 9.492   0.169   10.281  1.00 10.95 ? 169 THR A C   1 
ATOM   418  O  O   . THR A 1 56  ? 9.628   -0.600  11.220  1.00 11.66 ? 169 THR A O   1 
ATOM   419  C  CB  . THR A 1 56  ? 9.408   2.193   11.730  1.00 9.00  ? 169 THR A CB  1 
ATOM   420  O  OG1 . THR A 1 56  ? 7.972   2.300   11.661  1.00 8.81  ? 169 THR A OG1 1 
ATOM   421  C  CG2 . THR A 1 56  ? 10.040  3.568   12.004  1.00 7.12  ? 169 THR A CG2 1 
ATOM   422  N  N   . CYS A 1 57  ? 8.976   -0.201  9.112   1.00 11.71 ? 170 CYS A N   1 
ATOM   423  C  CA  . CYS A 1 57  ? 8.560   -1.579  8.839   1.00 11.09 ? 170 CYS A CA  1 
ATOM   424  C  C   . CYS A 1 57  ? 9.666   -2.286  8.035   1.00 11.51 ? 170 CYS A C   1 
ATOM   425  O  O   . CYS A 1 57  ? 9.880   -1.996  6.854   1.00 10.37 ? 170 CYS A O   1 
ATOM   426  C  CB  . CYS A 1 57  ? 7.252   -1.576  8.072   1.00 11.24 ? 170 CYS A CB  1 
ATOM   427  S  SG  . CYS A 1 57  ? 6.759   -3.232  7.593   1.00 13.97 ? 170 CYS A SG  1 
ATOM   428  N  N   . PRO A 1 58  ? 10.410  -3.204  8.695   1.00 12.80 ? 171 PRO A N   1 
ATOM   429  C  CA  . PRO A 1 58  ? 11.619  -3.692  8.027   1.00 12.73 ? 171 PRO A CA  1 
ATOM   430  C  C   . PRO A 1 58  ? 11.392  -4.424  6.682   1.00 13.58 ? 171 PRO A C   1 
ATOM   431  O  O   . PRO A 1 58  ? 12.123  -4.120  5.737   1.00 13.16 ? 171 PRO A O   1 
ATOM   432  C  CB  . PRO A 1 58  ? 12.295  -4.543  9.105   1.00 14.04 ? 171 PRO A CB  1 
ATOM   433  C  CG  . PRO A 1 58  ? 11.877  -3.780  10.418  1.00 12.61 ? 171 PRO A CG  1 
ATOM   434  C  CD  . PRO A 1 58  ? 10.402  -3.564  10.129  1.00 12.53 ? 171 PRO A CD  1 
ATOM   435  N  N   . PRO A 1 59  ? 10.387  -5.337  6.586   1.00 13.58 ? 172 PRO A N   1 
ATOM   436  C  CA  . PRO A 1 59  ? 10.154  -5.994  5.300   1.00 13.86 ? 172 PRO A CA  1 
ATOM   437  C  C   . PRO A 1 59  ? 9.764   -5.018  4.173   1.00 12.68 ? 172 PRO A C   1 
ATOM   438  O  O   . PRO A 1 59  ? 10.166  -5.216  3.025   1.00 12.39 ? 172 PRO A O   1 
ATOM   439  C  CB  . PRO A 1 59  ? 9.008   -6.979  5.594   1.00 13.58 ? 172 PRO A CB  1 
ATOM   440  C  CG  . PRO A 1 59  ? 9.082   -7.212  7.030   1.00 16.29 ? 172 PRO A CG  1 
ATOM   441  C  CD  . PRO A 1 59  ? 9.538   -5.924  7.642   1.00 14.42 ? 172 PRO A CD  1 
ATOM   442  N  N   . PHE A 1 60  ? 8.999   -3.980  4.499   1.00 11.34 ? 173 PHE A N   1 
ATOM   443  C  CA  . PHE A 1 60  ? 8.685   -2.937  3.526   1.00 10.86 ? 173 PHE A CA  1 
ATOM   444  C  C   . PHE A 1 60  ? 9.989   -2.280  2.997   1.00 12.02 ? 173 PHE A C   1 
ATOM   445  O  O   . PHE A 1 60  ? 10.173  -2.142  1.785   1.00 11.25 ? 173 PHE A O   1 
ATOM   446  C  CB  . PHE A 1 60  ? 7.771   -1.911  4.187   1.00 10.41 ? 173 PHE A CB  1 
ATOM   447  C  CG  . PHE A 1 60  ? 7.405   -0.748  3.322   1.00 10.58 ? 173 PHE A CG  1 
ATOM   448  C  CD1 . PHE A 1 60  ? 6.363   -0.843  2.397   1.00 8.95  ? 173 PHE A CD1 1 
ATOM   449  C  CD2 . PHE A 1 60  ? 8.056   0.454   3.476   1.00 10.63 ? 173 PHE A CD2 1 
ATOM   450  C  CE1 . PHE A 1 60  ? 6.006   0.263   1.595   1.00 12.65 ? 173 PHE A CE1 1 
ATOM   451  C  CE2 . PHE A 1 60  ? 7.701   1.559   2.694   1.00 12.09 ? 173 PHE A CE2 1 
ATOM   452  C  CZ  . PHE A 1 60  ? 6.652   1.470   1.781   1.00 9.07  ? 173 PHE A CZ  1 
HETATM 453  N  N   . MSE A 1 61  ? 10.892  -1.878  3.901   1.00 11.75 ? 174 MSE A N   1 
HETATM 454  C  CA  . MSE A 1 61  ? 12.151  -1.221  3.468   1.00 13.12 ? 174 MSE A CA  1 
HETATM 455  C  C   . MSE A 1 61  ? 13.061  -2.207  2.723   1.00 13.08 ? 174 MSE A C   1 
HETATM 456  O  O   . MSE A 1 61  ? 13.699  -1.842  1.743   1.00 12.75 ? 174 MSE A O   1 
HETATM 457  C  CB  . MSE A 1 61  ? 12.877  -0.564  4.646   1.00 13.34 ? 174 MSE A CB  1 
HETATM 458  C  CG  . MSE A 1 61  ? 12.096  0.598   5.275   1.00 16.31 ? 174 MSE A CG  1 
HETATM 459  SE SE  . MSE A 1 61  ? 11.599  2.004   3.972   1.00 24.40 ? 174 MSE A SE  1 
HETATM 460  C  CE  . MSE A 1 61  ? 13.172  3.173   4.141   1.00 23.93 ? 174 MSE A CE  1 
ATOM   461  N  N   . ALA A 1 62  ? 13.084  -3.455  3.180   1.00 12.47 ? 175 ALA A N   1 
ATOM   462  C  CA  . ALA A 1 62  ? 13.928  -4.492  2.573   1.00 12.74 ? 175 ALA A CA  1 
ATOM   463  C  C   . ALA A 1 62  ? 13.604  -4.759  1.115   1.00 13.39 ? 175 ALA A C   1 
ATOM   464  O  O   . ALA A 1 62  ? 14.475  -5.148  0.352   1.00 13.34 ? 175 ALA A O   1 
ATOM   465  C  CB  . ALA A 1 62  ? 13.846  -5.789  3.378   1.00 12.41 ? 175 ALA A CB  1 
ATOM   466  N  N   . ARG A 1 63  ? 12.344  -4.550  0.724   1.00 13.69 ? 176 ARG A N   1 
ATOM   467  C  CA  . ARG A 1 63  ? 11.895  -4.832  -0.646  1.00 13.44 ? 176 ARG A CA  1 
ATOM   468  C  C   . ARG A 1 63  ? 11.779  -3.584  -1.544  1.00 14.20 ? 176 ARG A C   1 
ATOM   469  O  O   . ARG A 1 63  ? 11.422  -3.697  -2.704  1.00 14.32 ? 176 ARG A O   1 
ATOM   470  C  CB  . ARG A 1 63  ? 10.547  -5.583  -0.619  1.00 13.22 ? 176 ARG A CB  1 
ATOM   471  C  CG  . ARG A 1 63  ? 9.376   -4.713  -0.142  1.00 12.30 ? 176 ARG A CG  1 
ATOM   472  C  CD  . ARG A 1 63  ? 8.059   -5.292  -0.529  1.00 15.34 ? 176 ARG A CD  1 
ATOM   473  N  NE  . ARG A 1 63  ? 6.920   -4.503  -0.033  1.00 15.39 ? 176 ARG A NE  1 
ATOM   474  C  CZ  . ARG A 1 63  ? 6.035   -4.967  0.836   1.00 13.64 ? 176 ARG A CZ  1 
ATOM   475  N  NH1 . ARG A 1 63  ? 6.154   -6.218  1.249   1.00 11.17 ? 176 ARG A NH1 1 
ATOM   476  N  NH2 . ARG A 1 63  ? 4.994   -4.231  1.226   1.00 10.25 ? 176 ARG A NH2 1 
HETATM 477  N  N   . MSE A 1 64  ? 12.059  -2.393  -1.013  1.00 15.07 ? 177 MSE A N   1 
HETATM 478  C  CA  . MSE A 1 64  ? 11.828  -1.154  -1.776  1.00 16.34 ? 177 MSE A CA  1 
HETATM 479  C  C   . MSE A 1 64  ? 12.606  -1.103  -3.104  1.00 16.24 ? 177 MSE A C   1 
HETATM 480  O  O   . MSE A 1 64  ? 12.057  -0.725  -4.152  1.00 15.07 ? 177 MSE A O   1 
HETATM 481  C  CB  . MSE A 1 64  ? 12.132  0.076   -0.914  1.00 17.88 ? 177 MSE A CB  1 
HETATM 482  C  CG  . MSE A 1 64  ? 11.680  1.382   -1.527  1.00 24.33 ? 177 MSE A CG  1 
HETATM 483  SE SE  . MSE A 1 64  ? 9.675   1.403   -1.619  1.00 36.65 ? 177 MSE A SE  1 
HETATM 484  C  CE  . MSE A 1 64  ? 9.419   1.470   0.299   1.00 36.55 ? 177 MSE A CE  1 
ATOM   485  N  N   . SER A 1 65  ? 13.879  -1.499  -3.076  1.00 14.66 ? 178 SER A N   1 
ATOM   486  C  CA  . SER A 1 65  ? 14.662  -1.406  -4.306  1.00 15.21 ? 178 SER A CA  1 
ATOM   487  C  C   . SER A 1 65  ? 14.162  -2.429  -5.332  1.00 14.05 ? 178 SER A C   1 
ATOM   488  O  O   . SER A 1 65  ? 14.107  -2.123  -6.516  1.00 14.27 ? 178 SER A O   1 
ATOM   489  C  CB  . SER A 1 65  ? 16.156  -1.564  -4.008  1.00 15.78 ? 178 SER A CB  1 
ATOM   490  O  OG  . SER A 1 65  ? 16.337  -2.852  -3.480  1.00 20.50 ? 178 SER A OG  1 
ATOM   491  N  N   . ALA A 1 66  ? 13.790  -3.626  -4.880  1.00 13.49 ? 179 ALA A N   1 
ATOM   492  C  CA  . ALA A 1 66  ? 13.131  -4.628  -5.743  1.00 13.49 ? 179 ALA A CA  1 
ATOM   493  C  C   . ALA A 1 66  ? 11.803  -4.112  -6.299  1.00 13.61 ? 179 ALA A C   1 
ATOM   494  O  O   . ALA A 1 66  ? 11.465  -4.368  -7.459  1.00 14.61 ? 179 ALA A O   1 
ATOM   495  C  CB  . ALA A 1 66  ? 12.883  -5.923  -4.997  1.00 12.48 ? 179 ALA A CB  1 
ATOM   496  N  N   . PHE A 1 67  ? 11.045  -3.411  -5.464  1.00 12.86 ? 180 PHE A N   1 
ATOM   497  C  CA  . PHE A 1 67  ? 9.788   -2.815  -5.923  1.00 12.94 ? 180 PHE A CA  1 
ATOM   498  C  C   . PHE A 1 67  ? 10.031  -1.787  -7.040  1.00 12.90 ? 180 PHE A C   1 
ATOM   499  O  O   . PHE A 1 67  ? 9.333   -1.776  -8.042  1.00 12.48 ? 180 PHE A O   1 
ATOM   500  C  CB  . PHE A 1 67  ? 9.064   -2.172  -4.743  1.00 12.33 ? 180 PHE A CB  1 
ATOM   501  C  CG  . PHE A 1 67  ? 7.729   -1.587  -5.096  1.00 13.04 ? 180 PHE A CG  1 
ATOM   502  C  CD1 . PHE A 1 67  ? 6.620   -2.414  -5.259  1.00 15.08 ? 180 PHE A CD1 1 
ATOM   503  C  CD2 . PHE A 1 67  ? 7.572   -0.211  -5.218  1.00 11.00 ? 180 PHE A CD2 1 
ATOM   504  C  CE1 . PHE A 1 67  ? 5.370   -1.863  -5.565  1.00 13.61 ? 180 PHE A CE1 1 
ATOM   505  C  CE2 . PHE A 1 67  ? 6.310   0.342   -5.544  1.00 13.31 ? 180 PHE A CE2 1 
ATOM   506  C  CZ  . PHE A 1 67  ? 5.231   -0.487  -5.702  1.00 9.53  ? 180 PHE A CZ  1 
ATOM   507  N  N   . GLN A 1 68  ? 11.000  -0.897  -6.832  1.00 13.88 ? 181 GLN A N   1 
ATOM   508  C  CA  . GLN A 1 68  ? 11.397  0.095   -7.844  1.00 14.42 ? 181 GLN A CA  1 
ATOM   509  C  C   . GLN A 1 68  ? 11.811  -0.595  -9.133  1.00 14.29 ? 181 GLN A C   1 
ATOM   510  O  O   . GLN A 1 68  ? 11.495  -0.107  -10.235 1.00 14.98 ? 181 GLN A O   1 
ATOM   511  C  CB  . GLN A 1 68  ? 12.513  1.000   -7.300  1.00 15.27 ? 181 GLN A CB  1 
ATOM   512  C  CG  . GLN A 1 68  ? 12.014  2.075   -6.344  1.00 19.62 ? 181 GLN A CG  1 
ATOM   513  C  CD  . GLN A 1 68  ? 13.128  2.737   -5.533  1.00 28.03 ? 181 GLN A CD  1 
ATOM   514  O  OE1 . GLN A 1 68  ? 13.903  3.556   -6.053  1.00 30.49 ? 181 GLN A OE1 1 
ATOM   515  N  NE2 . GLN A 1 68  ? 13.195  2.403   -4.244  1.00 29.12 ? 181 GLN A NE2 1 
ATOM   516  N  N   . ARG A 1 69  ? 12.484  -1.741  -9.010  1.00 13.65 ? 182 ARG A N   1 
ATOM   517  C  CA  . ARG A 1 69  ? 12.872  -2.525  -10.206 1.00 14.03 ? 182 ARG A CA  1 
ATOM   518  C  C   . ARG A 1 69  ? 11.676  -3.092  -10.967 1.00 13.52 ? 182 ARG A C   1 
ATOM   519  O  O   . ARG A 1 69  ? 11.698  -3.153  -12.211 1.00 12.95 ? 182 ARG A O   1 
ATOM   520  C  CB  . ARG A 1 69  ? 13.910  -3.622  -9.886  1.00 14.87 ? 182 ARG A CB  1 
ATOM   521  C  CG  . ARG A 1 69  ? 15.330  -3.036  -9.628  1.00 18.30 ? 182 ARG A CG  1 
ATOM   522  C  CD  . ARG A 1 69  ? 16.426  -4.118  -9.575  1.00 22.62 ? 182 ARG A CD  1 
ATOM   523  N  NE  . ARG A 1 69  ? 16.268  -5.076  -8.474  1.00 23.41 ? 182 ARG A NE  1 
ATOM   524  C  CZ  . ARG A 1 69  ? 16.684  -4.864  -7.217  1.00 25.36 ? 182 ARG A CZ  1 
ATOM   525  N  NH1 . ARG A 1 69  ? 17.261  -3.714  -6.877  1.00 21.76 ? 182 ARG A NH1 1 
ATOM   526  N  NH2 . ARG A 1 69  ? 16.486  -5.795  -6.283  1.00 25.17 ? 182 ARG A NH2 1 
ATOM   527  N  N   . LEU A 1 70  ? 10.646  -3.505  -10.220 1.00 12.63 ? 183 LEU A N   1 
ATOM   528  C  CA  . LEU A 1 70  ? 9.361   -3.927  -10.801 1.00 11.94 ? 183 LEU A CA  1 
ATOM   529  C  C   . LEU A 1 70  ? 8.674   -2.800  -11.564 1.00 11.57 ? 183 LEU A C   1 
ATOM   530  O  O   . LEU A 1 70  ? 8.122   -3.047  -12.619 1.00 10.50 ? 183 LEU A O   1 
ATOM   531  C  CB  . LEU A 1 70  ? 8.395   -4.480  -9.732  1.00 11.39 ? 183 LEU A CB  1 
ATOM   532  C  CG  . LEU A 1 70  ? 8.787   -5.802  -9.050  1.00 11.21 ? 183 LEU A CG  1 
ATOM   533  C  CD1 . LEU A 1 70  ? 7.734   -6.217  -7.992  1.00 10.10 ? 183 LEU A CD1 1 
ATOM   534  C  CD2 . LEU A 1 70  ? 9.007   -6.915  -10.048 1.00 10.51 ? 183 LEU A CD2 1 
ATOM   535  N  N   . VAL A 1 71  ? 8.692   -1.580  -11.009 1.00 11.50 ? 184 VAL A N   1 
ATOM   536  C  CA  . VAL A 1 71  ? 8.200   -0.386  -11.720 1.00 11.88 ? 184 VAL A CA  1 
ATOM   537  C  C   . VAL A 1 71  ? 8.881   -0.230  -13.094 1.00 12.55 ? 184 VAL A C   1 
ATOM   538  O  O   . VAL A 1 71  ? 8.213   -0.188  -14.138 1.00 12.50 ? 184 VAL A O   1 
ATOM   539  C  CB  . VAL A 1 71  ? 8.317   0.924   -10.870 1.00 12.33 ? 184 VAL A CB  1 
ATOM   540  C  CG1 . VAL A 1 71  ? 7.781   2.135   -11.667 1.00 12.73 ? 184 VAL A CG1 1 
ATOM   541  C  CG2 . VAL A 1 71  ? 7.541   0.773   -9.543  1.00 9.70  ? 184 VAL A CG2 1 
ATOM   542  N  N   . THR A 1 72  ? 10.205  -0.187  -13.118 1.00 12.81 ? 185 THR A N   1 
ATOM   543  C  CA  . THR A 1 72  ? 10.914  -0.109  -14.408 1.00 13.60 ? 185 THR A CA  1 
ATOM   544  C  C   . THR A 1 72  ? 10.504  -1.247  -15.337 1.00 12.63 ? 185 THR A C   1 
ATOM   545  O  O   . THR A 1 72  ? 10.161  -1.026  -16.510 1.00 14.34 ? 185 THR A O   1 
ATOM   546  C  CB  . THR A 1 72  ? 12.418  -0.101  -14.203 1.00 14.02 ? 185 THR A CB  1 
ATOM   547  O  OG1 . THR A 1 72  ? 12.750  1.016   -13.375 1.00 18.83 ? 185 THR A OG1 1 
ATOM   548  C  CG2 . THR A 1 72  ? 13.203  -0.018  -15.563 1.00 17.81 ? 185 THR A CG2 1 
ATOM   549  N  N   . LYS A 1 73  ? 10.479  -2.457  -14.809 1.00 11.76 ? 186 LYS A N   1 
ATOM   550  C  CA  . LYS A 1 73  ? 10.229  -3.626  -15.623 1.00 11.06 ? 186 LYS A CA  1 
ATOM   551  C  C   . LYS A 1 73  ? 8.825   -3.676  -16.226 1.00 11.24 ? 186 LYS A C   1 
ATOM   552  O  O   . LYS A 1 73  ? 8.661   -4.096  -17.387 1.00 12.33 ? 186 LYS A O   1 
ATOM   553  C  CB  . LYS A 1 73  ? 10.557  -4.922  -14.855 1.00 10.02 ? 186 LYS A CB  1 
ATOM   554  C  CG  . LYS A 1 73  ? 10.678  -6.138  -15.796 1.00 13.57 ? 186 LYS A CG  1 
ATOM   555  C  CD  . LYS A 1 73  ? 11.271  -7.353  -15.088 1.00 17.54 ? 186 LYS A CD  1 
ATOM   556  C  CE  . LYS A 1 73  ? 11.305  -8.562  -16.032 1.00 18.92 ? 186 LYS A CE  1 
ATOM   557  N  NZ  . LYS A 1 73  ? 12.147  -9.632  -15.429 1.00 21.08 ? 186 LYS A NZ  1 
ATOM   558  N  N   . TYR A 1 74  ? 7.817   -3.234  -15.487 1.00 10.43 ? 187 TYR A N   1 
ATOM   559  C  CA  . TYR A 1 74  ? 6.430   -3.485  -15.906 1.00 9.94  ? 187 TYR A CA  1 
ATOM   560  C  C   . TYR A 1 74  ? 5.598   -2.249  -16.191 1.00 9.76  ? 187 TYR A C   1 
ATOM   561  O  O   . TYR A 1 74  ? 4.458   -2.381  -16.606 1.00 8.93  ? 187 TYR A O   1 
ATOM   562  C  CB  . TYR A 1 74  ? 5.738   -4.426  -14.900 1.00 9.56  ? 187 TYR A CB  1 
ATOM   563  C  CG  . TYR A 1 74  ? 6.413   -5.812  -14.887 1.00 10.45 ? 187 TYR A CG  1 
ATOM   564  C  CD1 . TYR A 1 74  ? 6.260   -6.677  -15.966 1.00 9.66  ? 187 TYR A CD1 1 
ATOM   565  C  CD2 . TYR A 1 74  ? 7.210   -6.226  -13.810 1.00 11.32 ? 187 TYR A CD2 1 
ATOM   566  C  CE1 . TYR A 1 74  ? 6.863   -7.927  -15.985 1.00 11.31 ? 187 TYR A CE1 1 
ATOM   567  C  CE2 . TYR A 1 74  ? 7.809   -7.498  -13.794 1.00 10.63 ? 187 TYR A CE2 1 
ATOM   568  C  CZ  . TYR A 1 74  ? 7.633   -8.342  -14.889 1.00 13.79 ? 187 TYR A CZ  1 
ATOM   569  O  OH  . TYR A 1 74  ? 8.230   -9.589  -14.917 1.00 14.05 ? 187 TYR A OH  1 
ATOM   570  N  N   . GLN A 1 75  ? 6.182   -1.062  -16.006 1.00 9.55  ? 188 GLN A N   1 
ATOM   571  C  CA  . GLN A 1 75  ? 5.443   0.200   -16.214 1.00 10.39 ? 188 GLN A CA  1 
ATOM   572  C  C   . GLN A 1 75  ? 4.800   0.326   -17.607 1.00 9.88  ? 188 GLN A C   1 
ATOM   573  O  O   . GLN A 1 75  ? 3.827   1.073   -17.786 1.00 9.56  ? 188 GLN A O   1 
ATOM   574  C  CB  . GLN A 1 75  ? 6.331   1.421   -15.950 1.00 10.88 ? 188 GLN A CB  1 
ATOM   575  C  CG  . GLN A 1 75  ? 7.521   1.554   -16.939 1.00 12.91 ? 188 GLN A CG  1 
ATOM   576  C  CD  . GLN A 1 75  ? 8.372   2.798   -16.656 1.00 16.45 ? 188 GLN A CD  1 
ATOM   577  O  OE1 . GLN A 1 75  ? 7.962   3.687   -15.916 1.00 18.30 ? 188 GLN A OE1 1 
ATOM   578  N  NE2 . GLN A 1 75  ? 9.553   2.839   -17.225 1.00 18.05 ? 188 GLN A NE2 1 
ATOM   579  N  N   . ARG A 1 76  ? 5.350   -0.368  -18.603 1.00 9.83  ? 189 ARG A N   1 
ATOM   580  C  CA  . ARG A 1 76  ? 4.703   -0.369  -19.931 1.00 8.98  ? 189 ARG A CA  1 
ATOM   581  C  C   . ARG A 1 76  ? 3.188   -0.679  -19.851 1.00 9.03  ? 189 ARG A C   1 
ATOM   582  O  O   . ARG A 1 76  ? 2.385   -0.033  -20.533 1.00 9.12  ? 189 ARG A O   1 
ATOM   583  C  CB  . ARG A 1 76  ? 5.411   -1.365  -20.856 1.00 9.28  ? 189 ARG A CB  1 
ATOM   584  C  CG  . ARG A 1 76  ? 4.765   -1.530  -22.221 1.00 10.54 ? 189 ARG A CG  1 
ATOM   585  C  CD  . ARG A 1 76  ? 5.544   -2.584  -23.050 1.00 11.76 ? 189 ARG A CD  1 
ATOM   586  N  NE  . ARG A 1 76  ? 5.042   -2.616  -24.425 1.00 16.61 ? 189 ARG A NE  1 
ATOM   587  C  CZ  . ARG A 1 76  ? 5.403   -3.534  -25.332 1.00 17.68 ? 189 ARG A CZ  1 
ATOM   588  N  NH1 . ARG A 1 76  ? 6.231   -4.486  -24.989 1.00 14.02 ? 189 ARG A NH1 1 
ATOM   589  N  NH2 . ARG A 1 76  ? 4.889   -3.522  -26.565 1.00 15.71 ? 189 ARG A NH2 1 
ATOM   590  N  N   . ASP A 1 77  ? 2.814   -1.640  -19.000 1.00 8.82  ? 190 ASP A N   1 
ATOM   591  C  CA  . ASP A 1 77  ? 1.410   -2.120  -18.902 1.00 9.61  ? 190 ASP A CA  1 
ATOM   592  C  C   . ASP A 1 77  ? 0.754   -1.948  -17.522 1.00 9.33  ? 190 ASP A C   1 
ATOM   593  O  O   . ASP A 1 77  ? -0.450  -2.174  -17.395 1.00 8.76  ? 190 ASP A O   1 
ATOM   594  C  CB  . ASP A 1 77  ? 1.363   -3.591  -19.362 1.00 10.01 ? 190 ASP A CB  1 
ATOM   595  C  CG  . ASP A 1 77  ? 1.879   -3.736  -20.821 1.00 11.71 ? 190 ASP A CG  1 
ATOM   596  O  OD1 . ASP A 1 77  ? 1.218   -3.176  -21.741 1.00 14.16 ? 190 ASP A OD1 1 
ATOM   597  O  OD2 . ASP A 1 77  ? 2.969   -4.342  -21.014 1.00 12.61 ? 190 ASP A OD2 1 
ATOM   598  N  N   . VAL A 1 78  ? 1.557   -1.560  -16.521 1.00 7.92  ? 191 VAL A N   1 
ATOM   599  C  CA  . VAL A 1 78  ? 1.128   -1.580  -15.105 1.00 8.01  ? 191 VAL A CA  1 
ATOM   600  C  C   . VAL A 1 78  ? 1.503   -0.292  -14.377 1.00 8.25  ? 191 VAL A C   1 
ATOM   601  O  O   . VAL A 1 78  ? 2.573   0.273   -14.638 1.00 8.24  ? 191 VAL A O   1 
ATOM   602  C  CB  . VAL A 1 78  ? 1.734   -2.822  -14.362 1.00 7.68  ? 191 VAL A CB  1 
ATOM   603  C  CG1 . VAL A 1 78  ? 1.292   -2.835  -12.939 1.00 8.45  ? 191 VAL A CG1 1 
ATOM   604  C  CG2 . VAL A 1 78  ? 1.321   -4.156  -15.065 1.00 7.51  ? 191 VAL A CG2 1 
ATOM   605  N  N   . ASP A 1 79  ? 0.614   0.177   -13.492 1.00 8.44  ? 192 ASP A N   1 
ATOM   606  C  CA  . ASP A 1 79  ? 0.861   1.343   -12.643 1.00 8.91  ? 192 ASP A CA  1 
ATOM   607  C  C   . ASP A 1 79  ? 1.141   0.929   -11.215 1.00 8.67  ? 192 ASP A C   1 
ATOM   608  O  O   . ASP A 1 79  ? 0.771   -0.159  -10.786 1.00 6.80  ? 192 ASP A O   1 
ATOM   609  C  CB  . ASP A 1 79  ? -0.327  2.309   -12.742 1.00 9.38  ? 192 ASP A CB  1 
ATOM   610  C  CG  . ASP A 1 79  ? -0.518  2.785   -14.175 1.00 10.87 ? 192 ASP A CG  1 
ATOM   611  O  OD1 . ASP A 1 79  ? 0.485   3.230   -14.760 1.00 11.78 ? 192 ASP A OD1 1 
ATOM   612  O  OD2 . ASP A 1 79  ? -1.621  2.627   -14.748 1.00 14.30 ? 192 ASP A OD2 1 
ATOM   613  N  N   . PHE A 1 80  ? 1.838   1.800   -10.492 1.00 8.23  ? 193 PHE A N   1 
ATOM   614  C  CA  . PHE A 1 80  ? 2.317   1.444   -9.155  1.00 8.13  ? 193 PHE A CA  1 
ATOM   615  C  C   . PHE A 1 80  ? 2.041   2.591   -8.208  1.00 8.19  ? 193 PHE A C   1 
ATOM   616  O  O   . PHE A 1 80  ? 2.159   3.753   -8.581  1.00 7.73  ? 193 PHE A O   1 
ATOM   617  C  CB  . PHE A 1 80  ? 3.824   1.155   -9.198  1.00 8.41  ? 193 PHE A CB  1 
ATOM   618  C  CG  . PHE A 1 80  ? 4.187   -0.096  -9.978  1.00 9.73  ? 193 PHE A CG  1 
ATOM   619  C  CD1 . PHE A 1 80  ? 4.487   -1.297  -9.305  1.00 9.63  ? 193 PHE A CD1 1 
ATOM   620  C  CD2 . PHE A 1 80  ? 4.232   -0.070  -11.382 1.00 8.47  ? 193 PHE A CD2 1 
ATOM   621  C  CE1 . PHE A 1 80  ? 4.822   -2.473  -10.016 1.00 9.30  ? 193 PHE A CE1 1 
ATOM   622  C  CE2 . PHE A 1 80  ? 4.566   -1.222  -12.108 1.00 6.00  ? 193 PHE A CE2 1 
ATOM   623  C  CZ  . PHE A 1 80  ? 4.860   -2.436  -11.414 1.00 9.48  ? 193 PHE A CZ  1 
ATOM   624  N  N   . LEU A 1 81  ? 1.664   2.262   -6.983  1.00 7.84  ? 194 LEU A N   1 
ATOM   625  C  CA  . LEU A 1 81  ? 1.396   3.292   -5.980  1.00 7.53  ? 194 LEU A CA  1 
ATOM   626  C  C   . LEU A 1 81  ? 1.866   2.828   -4.617  1.00 7.62  ? 194 LEU A C   1 
ATOM   627  O  O   . LEU A 1 81  ? 1.540   1.723   -4.212  1.00 7.92  ? 194 LEU A O   1 
ATOM   628  C  CB  . LEU A 1 81  ? -0.122  3.592   -5.897  1.00 7.02  ? 194 LEU A CB  1 
ATOM   629  C  CG  . LEU A 1 81  ? -0.584  4.637   -4.875  1.00 9.17  ? 194 LEU A CG  1 
ATOM   630  C  CD1 . LEU A 1 81  ? 0.046   6.055   -5.161  1.00 9.02  ? 194 LEU A CD1 1 
ATOM   631  C  CD2 . LEU A 1 81  ? -2.120  4.684   -4.864  1.00 10.36 ? 194 LEU A CD2 1 
ATOM   632  N  N   . ILE A 1 82  ? 2.585   3.690   -3.909  1.00 7.50  ? 195 ILE A N   1 
ATOM   633  C  CA  . ILE A 1 82  ? 2.952   3.466   -2.506  1.00 7.69  ? 195 ILE A CA  1 
ATOM   634  C  C   . ILE A 1 82  ? 1.989   4.236   -1.615  1.00 7.64  ? 195 ILE A C   1 
ATOM   635  O  O   . ILE A 1 82  ? 1.673   5.405   -1.890  1.00 7.35  ? 195 ILE A O   1 
ATOM   636  C  CB  . ILE A 1 82  ? 4.388   3.964   -2.210  1.00 8.06  ? 195 ILE A CB  1 
ATOM   637  C  CG1 . ILE A 1 82  ? 5.393   3.104   -2.994  1.00 6.87  ? 195 ILE A CG1 1 
ATOM   638  C  CG2 . ILE A 1 82  ? 4.697   3.864   -0.691  1.00 7.25  ? 195 ILE A CG2 1 
ATOM   639  C  CD1 . ILE A 1 82  ? 6.787   3.732   -3.092  1.00 13.80 ? 195 ILE A CD1 1 
ATOM   640  N  N   . ILE A 1 83  ? 1.512   3.571   -0.565  1.00 7.55  ? 196 ILE A N   1 
ATOM   641  C  CA  . ILE A 1 83  ? 0.670   4.207   0.429   1.00 7.97  ? 196 ILE A CA  1 
ATOM   642  C  C   . ILE A 1 83  ? 1.399   4.182   1.763   1.00 7.34  ? 196 ILE A C   1 
ATOM   643  O  O   . ILE A 1 83  ? 1.627   3.131   2.327   1.00 7.89  ? 196 ILE A O   1 
ATOM   644  C  CB  . ILE A 1 83  ? -0.745  3.530   0.564   1.00 6.90  ? 196 ILE A CB  1 
ATOM   645  C  CG1 . ILE A 1 83  ? -1.521  3.510   -0.759  1.00 9.50  ? 196 ILE A CG1 1 
ATOM   646  C  CG2 . ILE A 1 83  ? -1.561  4.201   1.676   1.00 8.23  ? 196 ILE A CG2 1 
ATOM   647  C  CD1 . ILE A 1 83  ? -1.385  2.142   -1.536  1.00 10.39 ? 196 ILE A CD1 1 
ATOM   648  N  N   . TYR A 1 84  ? 1.741   5.366   2.254   1.00 7.17  ? 197 TYR A N   1 
ATOM   649  C  CA  . TYR A 1 84  ? 2.483   5.532   3.492   1.00 7.58  ? 197 TYR A CA  1 
ATOM   650  C  C   . TYR A 1 84  ? 1.527   5.531   4.685   1.00 7.91  ? 197 TYR A C   1 
ATOM   651  O  O   . TYR A 1 84  ? 0.703   6.422   4.847   1.00 9.15  ? 197 TYR A O   1 
ATOM   652  C  CB  . TYR A 1 84  ? 3.354   6.809   3.454   1.00 7.62  ? 197 TYR A CB  1 
ATOM   653  C  CG  . TYR A 1 84  ? 4.452   6.740   4.497   1.00 9.45  ? 197 TYR A CG  1 
ATOM   654  C  CD1 . TYR A 1 84  ? 5.743   6.352   4.142   1.00 6.97  ? 197 TYR A CD1 1 
ATOM   655  C  CD2 . TYR A 1 84  ? 4.156   6.935   5.859   1.00 10.90 ? 197 TYR A CD2 1 
ATOM   656  C  CE1 . TYR A 1 84  ? 6.748   6.236   5.113   1.00 10.08 ? 197 TYR A CE1 1 
ATOM   657  C  CE2 . TYR A 1 84  ? 5.131   6.780   6.845   1.00 10.24 ? 197 TYR A CE2 1 
ATOM   658  C  CZ  . TYR A 1 84  ? 6.432   6.450   6.455   1.00 10.93 ? 197 TYR A CZ  1 
ATOM   659  O  OH  . TYR A 1 84  ? 7.405   6.271   7.387   1.00 10.91 ? 197 TYR A OH  1 
ATOM   660  N  N   . ILE A 1 85  ? 1.635   4.511   5.523   1.00 7.42  ? 198 ILE A N   1 
ATOM   661  C  CA  . ILE A 1 85  ? 0.654   4.271   6.574   1.00 8.38  ? 198 ILE A CA  1 
ATOM   662  C  C   . ILE A 1 85  ? 1.277   4.543   7.939   1.00 8.86  ? 198 ILE A C   1 
ATOM   663  O  O   . ILE A 1 85  ? 2.438   4.933   8.029   1.00 7.39  ? 198 ILE A O   1 
ATOM   664  C  CB  . ILE A 1 85  ? 0.052   2.813   6.462   1.00 7.55  ? 198 ILE A CB  1 
ATOM   665  C  CG1 . ILE A 1 85  ? 1.134   1.744   6.642   1.00 7.80  ? 198 ILE A CG1 1 
ATOM   666  C  CG2 . ILE A 1 85  ? -0.535  2.634   5.059   1.00 7.98  ? 198 ILE A CG2 1 
ATOM   667  C  CD1 . ILE A 1 85  ? 0.608   0.310   6.772   1.00 7.25  ? 198 ILE A CD1 1 
ATOM   668  N  N   . GLU A 1 86  ? 0.495   4.291   8.981   1.00 8.89  ? 199 GLU A N   1 
ATOM   669  C  CA  . GLU A 1 86  ? 0.942   4.380   10.365  1.00 11.23 ? 199 GLU A CA  1 
ATOM   670  C  C   . GLU A 1 86  ? 2.284   3.612   10.566  1.00 10.39 ? 199 GLU A C   1 
ATOM   671  O  O   . GLU A 1 86  ? 2.493   2.556   9.958   1.00 10.32 ? 199 GLU A O   1 
ATOM   672  C  CB  . GLU A 1 86  ? -0.222  3.830   11.224  1.00 11.80 ? 199 GLU A CB  1 
ATOM   673  C  CG  . GLU A 1 86  ? 0.060   3.573   12.640  1.00 18.56 ? 199 GLU A CG  1 
ATOM   674  C  CD  . GLU A 1 86  ? -1.231  3.562   13.464  1.00 23.58 ? 199 GLU A CD  1 
ATOM   675  O  OE1 . GLU A 1 86  ? -1.706  2.454   13.786  1.00 24.00 ? 199 GLU A OE1 1 
ATOM   676  O  OE2 . GLU A 1 86  ? -1.769  4.659   13.752  1.00 26.63 ? 199 GLU A OE2 1 
ATOM   677  N  N   . GLU A 1 87  ? 3.205   4.157   11.372  1.00 9.34  ? 200 GLU A N   1 
ATOM   678  C  CA  . GLU A 1 87  ? 4.508   3.515   11.586  1.00 9.68  ? 200 GLU A CA  1 
ATOM   679  C  C   . GLU A 1 87  ? 4.350   2.135   12.228  1.00 9.70  ? 200 GLU A C   1 
ATOM   680  O  O   . GLU A 1 87  ? 3.530   1.955   13.128  1.00 9.03  ? 200 GLU A O   1 
ATOM   681  C  CB  . GLU A 1 87  ? 5.411   4.341   12.506  1.00 9.77  ? 200 GLU A CB  1 
ATOM   682  C  CG  . GLU A 1 87  ? 5.935   5.680   11.935  1.00 9.94  ? 200 GLU A CG  1 
ATOM   683  C  CD  . GLU A 1 87  ? 6.609   5.559   10.562  1.00 11.64 ? 200 GLU A CD  1 
ATOM   684  O  OE1 . GLU A 1 87  ? 7.264   4.535   10.279  1.00 11.73 ? 200 GLU A OE1 1 
ATOM   685  O  OE2 . GLU A 1 87  ? 6.473   6.515   9.761   1.00 12.47 ? 200 GLU A OE2 1 
ATOM   686  N  N   . ALA A 1 88  ? 5.187   1.197   11.811  1.00 9.75  ? 201 ALA A N   1 
ATOM   687  C  CA  . ALA A 1 88  ? 5.210   -0.148  12.395  1.00 11.24 ? 201 ALA A CA  1 
ATOM   688  C  C   . ALA A 1 88  ? 5.862   -0.129  13.757  1.00 11.47 ? 201 ALA A C   1 
ATOM   689  O  O   . ALA A 1 88  ? 5.412   -0.789  14.677  1.00 12.20 ? 201 ALA A O   1 
ATOM   690  C  CB  . ALA A 1 88  ? 5.973   -1.108  11.475  1.00 10.36 ? 201 ALA A CB  1 
ATOM   691  N  N   . HIS A 1 89  ? 6.953   0.619   13.856  1.00 11.64 ? 202 HIS A N   1 
ATOM   692  C  CA  . HIS A 1 89  ? 7.753   0.693   15.068  1.00 12.45 ? 202 HIS A CA  1 
ATOM   693  C  C   . HIS A 1 89  ? 8.040   2.149   15.460  1.00 12.66 ? 202 HIS A C   1 
ATOM   694  O  O   . HIS A 1 89  ? 9.150   2.636   15.213  1.00 12.40 ? 202 HIS A O   1 
ATOM   695  C  CB  . HIS A 1 89  ? 9.048   -0.108  14.865  1.00 12.26 ? 202 HIS A CB  1 
ATOM   696  C  CG  . HIS A 1 89  ? 8.813   -1.580  14.779  1.00 14.57 ? 202 HIS A CG  1 
ATOM   697  N  ND1 . HIS A 1 89  ? 8.319   -2.309  15.842  1.00 15.25 ? 202 HIS A ND1 1 
ATOM   698  C  CD2 . HIS A 1 89  ? 8.979   -2.456  13.767  1.00 16.66 ? 202 HIS A CD2 1 
ATOM   699  C  CE1 . HIS A 1 89  ? 8.182   -3.571  15.483  1.00 18.22 ? 202 HIS A CE1 1 
ATOM   700  N  NE2 . HIS A 1 89  ? 8.573   -3.686  14.226  1.00 18.38 ? 202 HIS A NE2 1 
ATOM   701  N  N   . PRO A 1 90  ? 7.031   2.849   16.038  1.00 13.60 ? 203 PRO A N   1 
ATOM   702  C  CA  . PRO A 1 90  ? 7.214   4.248   16.372  1.00 14.53 ? 203 PRO A CA  1 
ATOM   703  C  C   . PRO A 1 90  ? 8.205   4.395   17.522  1.00 16.17 ? 203 PRO A C   1 
ATOM   704  O  O   . PRO A 1 90  ? 8.222   3.551   18.422  1.00 15.72 ? 203 PRO A O   1 
ATOM   705  C  CB  . PRO A 1 90  ? 5.816   4.689   16.806  1.00 14.96 ? 203 PRO A CB  1 
ATOM   706  C  CG  . PRO A 1 90  ? 5.145   3.432   17.297  1.00 13.83 ? 203 PRO A CG  1 
ATOM   707  C  CD  . PRO A 1 90  ? 5.668   2.381   16.368  1.00 14.15 ? 203 PRO A CD  1 
ATOM   708  N  N   . SER A 1 91  ? 8.998   5.466   17.492  1.00 17.80 ? 204 SER A N   1 
ATOM   709  C  CA  . SER A 1 91  ? 10.101  5.692   18.429  1.00 21.31 ? 204 SER A CA  1 
ATOM   710  C  C   . SER A 1 91  ? 9.637   5.961   19.848  1.00 23.52 ? 204 SER A C   1 
ATOM   711  O  O   . SER A 1 91  ? 10.439  5.877   20.809  1.00 24.07 ? 204 SER A O   1 
ATOM   712  C  CB  . SER A 1 91  ? 10.903  6.898   17.955  1.00 21.74 ? 204 SER A CB  1 
ATOM   713  O  OG  . SER A 1 91  ? 10.063  8.042   17.930  1.00 21.47 ? 204 SER A OG  1 
ATOM   714  N  N   . ASP A 1 92  ? 8.356   6.324   19.960  1.00 25.76 ? 205 ASP A N   1 
ATOM   715  C  CA  . ASP A 1 92  ? 7.702   6.643   21.222  1.00 28.02 ? 205 ASP A CA  1 
ATOM   716  C  C   . ASP A 1 92  ? 6.723   5.527   21.643  1.00 30.04 ? 205 ASP A C   1 
ATOM   717  O  O   . ASP A 1 92  ? 5.793   5.764   22.412  1.00 30.67 ? 205 ASP A O   1 
ATOM   718  C  CB  . ASP A 1 92  ? 7.001   8.021   21.134  1.00 27.42 ? 205 ASP A CB  1 
ATOM   719  C  CG  . ASP A 1 92  ? 5.872   8.083   20.043  1.00 27.67 ? 205 ASP A CG  1 
ATOM   720  O  OD1 . ASP A 1 92  ? 5.687   7.130   19.236  1.00 23.69 ? 205 ASP A OD1 1 
ATOM   721  O  OD2 . ASP A 1 92  ? 5.154   9.111   19.996  1.00 26.01 ? 205 ASP A OD2 1 
ATOM   722  N  N   . GLY A 1 93  ? 6.939   4.313   21.142  1.00 32.28 ? 206 GLY A N   1 
ATOM   723  C  CA  . GLY A 1 93  ? 6.066   3.164   21.446  1.00 35.43 ? 206 GLY A CA  1 
ATOM   724  C  C   . GLY A 1 93  ? 6.349   2.544   22.807  1.00 38.06 ? 206 GLY A C   1 
ATOM   725  O  O   . GLY A 1 93  ? 7.155   3.071   23.582  1.00 38.39 ? 206 GLY A O   1 
ATOM   726  N  N   . TRP A 1 94  ? 5.678   1.430   23.109  1.00 40.73 ? 207 TRP A N   1 
ATOM   727  C  CA  . TRP A 1 94  ? 5.845   0.751   24.405  1.00 43.14 ? 207 TRP A CA  1 
ATOM   728  C  C   . TRP A 1 94  ? 7.126   -0.068  24.451  1.00 43.98 ? 207 TRP A C   1 
ATOM   729  O  O   . TRP A 1 94  ? 7.915   0.063   25.394  1.00 44.22 ? 207 TRP A O   1 
ATOM   730  C  CB  . TRP A 1 94  ? 4.626   -0.107  24.761  1.00 43.44 ? 207 TRP A CB  1 
ATOM   731  C  CG  . TRP A 1 94  ? 3.426   0.698   25.252  1.00 46.60 ? 207 TRP A CG  1 
ATOM   732  C  CD1 . TRP A 1 94  ? 2.562   1.448   24.482  1.00 47.67 ? 207 TRP A CD1 1 
ATOM   733  C  CD2 . TRP A 1 94  ? 2.963   0.833   26.617  1.00 48.84 ? 207 TRP A CD2 1 
ATOM   734  N  NE1 . TRP A 1 94  ? 1.607   2.033   25.283  1.00 49.00 ? 207 TRP A NE1 1 
ATOM   735  C  CE2 . TRP A 1 94  ? 1.824   1.671   26.592  1.00 49.05 ? 207 TRP A CE2 1 
ATOM   736  C  CE3 . TRP A 1 94  ? 3.399   0.321   27.856  1.00 49.09 ? 207 TRP A CE3 1 
ATOM   737  C  CZ2 . TRP A 1 94  ? 1.112   2.005   27.756  1.00 49.83 ? 207 TRP A CZ2 1 
ATOM   738  C  CZ3 . TRP A 1 94  ? 2.691   0.655   29.010  1.00 48.96 ? 207 TRP A CZ3 1 
ATOM   739  C  CH2 . TRP A 1 94  ? 1.562   1.486   28.950  1.00 49.76 ? 207 TRP A CH2 1 
ATOM   740  N  N   . VAL A 1 95  ? 7.341   -0.886  23.423  1.00 44.94 ? 208 VAL A N   1 
ATOM   741  C  CA  . VAL A 1 95  ? 8.560   -1.685  23.314  1.00 46.10 ? 208 VAL A CA  1 
ATOM   742  C  C   . VAL A 1 95  ? 9.640   -0.908  22.560  1.00 46.65 ? 208 VAL A C   1 
ATOM   743  O  O   . VAL A 1 95  ? 9.364   -0.293  21.526  1.00 47.21 ? 208 VAL A O   1 
ATOM   744  C  CB  . VAL A 1 95  ? 8.298   -3.055  22.627  1.00 45.90 ? 208 VAL A CB  1 
ATOM   745  N  N   . THR A 1 96  ? 10.865  -0.945  23.086  1.00 47.43 ? 209 THR A N   1 
ATOM   746  C  CA  . THR A 1 96  ? 11.996  -0.212  22.517  1.00 47.61 ? 209 THR A CA  1 
ATOM   747  C  C   . THR A 1 96  ? 12.259  -0.618  21.071  1.00 47.80 ? 209 THR A C   1 
ATOM   748  O  O   . THR A 1 96  ? 12.188  -1.799  20.730  1.00 47.88 ? 209 THR A O   1 
ATOM   749  C  CB  . THR A 1 96  ? 13.281  -0.415  23.352  1.00 47.75 ? 209 THR A CB  1 
ATOM   750  N  N   . THR A 1 97  ? 12.553  0.378   20.233  1.00 48.04 ? 210 THR A N   1 
ATOM   751  C  CA  . THR A 1 97  ? 12.781  0.177   18.798  1.00 47.76 ? 210 THR A CA  1 
ATOM   752  C  C   . THR A 1 97  ? 14.261  0.276   18.430  1.00 47.63 ? 210 THR A C   1 
ATOM   753  O  O   . THR A 1 97  ? 14.950  1.232   18.812  1.00 47.68 ? 210 THR A O   1 
ATOM   754  C  CB  . THR A 1 97  ? 11.969  1.201   17.944  1.00 47.67 ? 210 THR A CB  1 
ATOM   755  N  N   . ASP A 1 98  ? 14.737  -0.709  17.674  1.00 47.21 ? 211 ASP A N   1 
ATOM   756  C  CA  . ASP A 1 98  ? 16.106  -0.698  17.130  1.00 46.66 ? 211 ASP A CA  1 
ATOM   757  C  C   . ASP A 1 98  ? 16.162  -0.345  15.629  1.00 45.53 ? 211 ASP A C   1 
ATOM   758  O  O   . ASP A 1 98  ? 17.253  -0.355  15.026  1.00 45.98 ? 211 ASP A O   1 
ATOM   759  C  CB  . ASP A 1 98  ? 16.800  -2.047  17.390  1.00 47.26 ? 211 ASP A CB  1 
ATOM   760  C  CG  . ASP A 1 98  ? 15.873  -3.249  17.172  1.00 48.50 ? 211 ASP A CG  1 
ATOM   761  O  OD1 . ASP A 1 98  ? 14.703  -3.062  16.769  1.00 51.08 ? 211 ASP A OD1 1 
ATOM   762  O  OD2 . ASP A 1 98  ? 16.320  -4.391  17.417  1.00 50.42 ? 211 ASP A OD2 1 
ATOM   763  N  N   . SER A 1 99  ? 14.990  -0.038  15.046  1.00 43.40 ? 212 SER A N   1 
ATOM   764  C  CA  . SER A 1 99  ? 14.830  0.309   13.625  1.00 40.72 ? 212 SER A CA  1 
ATOM   765  C  C   . SER A 1 99  ? 15.803  1.416   13.256  1.00 38.95 ? 212 SER A C   1 
ATOM   766  O  O   . SER A 1 99  ? 15.983  2.356   14.032  1.00 39.63 ? 212 SER A O   1 
ATOM   767  C  CB  . SER A 1 99  ? 13.375  0.756   13.349  1.00 41.13 ? 212 SER A CB  1 
ATOM   768  O  OG  . SER A 1 99  ? 13.138  1.103   11.988  1.00 39.06 ? 212 SER A OG  1 
ATOM   769  N  N   . PRO A 1 100 ? 16.444  1.320   12.077  1.00 36.63 ? 213 PRO A N   1 
ATOM   770  C  CA  . PRO A 1 100 ? 17.353  2.403   11.676  1.00 34.29 ? 213 PRO A CA  1 
ATOM   771  C  C   . PRO A 1 100 ? 16.656  3.756   11.720  1.00 32.20 ? 213 PRO A C   1 
ATOM   772  O  O   . PRO A 1 100 ? 17.325  4.779   11.831  1.00 32.31 ? 213 PRO A O   1 
ATOM   773  C  CB  . PRO A 1 100 ? 17.700  2.058   10.220  1.00 34.73 ? 213 PRO A CB  1 
ATOM   774  C  CG  . PRO A 1 100 ? 17.427  0.605   10.084  1.00 34.97 ? 213 PRO A CG  1 
ATOM   775  C  CD  . PRO A 1 100 ? 16.320  0.280   11.034  1.00 36.71 ? 213 PRO A CD  1 
ATOM   776  N  N   . TYR A 1 101 ? 15.318  3.749   11.646  1.00 28.94 ? 214 TYR A N   1 
ATOM   777  C  CA  . TYR A 1 101 ? 14.508  4.960   11.581  1.00 25.69 ? 214 TYR A CA  1 
ATOM   778  C  C   . TYR A 1 101 ? 13.883  5.297   12.928  1.00 25.19 ? 214 TYR A C   1 
ATOM   779  O  O   . TYR A 1 101 ? 13.362  4.414   13.625  1.00 25.86 ? 214 TYR A O   1 
ATOM   780  C  CB  . TYR A 1 101 ? 13.445  4.814   10.474  1.00 25.42 ? 214 TYR A CB  1 
ATOM   781  C  CG  . TYR A 1 101 ? 14.073  4.656   9.112   1.00 23.03 ? 214 TYR A CG  1 
ATOM   782  C  CD1 . TYR A 1 101 ? 14.517  5.772   8.403   1.00 23.40 ? 214 TYR A CD1 1 
ATOM   783  C  CD2 . TYR A 1 101 ? 14.242  3.389   8.536   1.00 20.63 ? 214 TYR A CD2 1 
ATOM   784  C  CE1 . TYR A 1 101 ? 15.118  5.630   7.157   1.00 25.00 ? 214 TYR A CE1 1 
ATOM   785  C  CE2 . TYR A 1 101 ? 14.846  3.237   7.300   1.00 22.50 ? 214 TYR A CE2 1 
ATOM   786  C  CZ  . TYR A 1 101 ? 15.295  4.360   6.620   1.00 24.99 ? 214 TYR A CZ  1 
ATOM   787  O  OH  . TYR A 1 101 ? 15.891  4.230   5.379   1.00 29.87 ? 214 TYR A OH  1 
ATOM   788  N  N   . VAL A 1 102 ? 13.964  6.569   13.308  1.00 23.27 ? 215 VAL A N   1 
ATOM   789  C  CA  . VAL A 1 102 ? 13.457  7.031   14.586  1.00 21.42 ? 215 VAL A CA  1 
ATOM   790  C  C   . VAL A 1 102 ? 12.334  8.046   14.297  1.00 20.29 ? 215 VAL A C   1 
ATOM   791  O  O   . VAL A 1 102 ? 12.573  9.244   14.090  1.00 20.04 ? 215 VAL A O   1 
ATOM   792  C  CB  . VAL A 1 102 ? 14.591  7.633   15.480  1.00 22.34 ? 215 VAL A CB  1 
ATOM   793  C  CG1 . VAL A 1 102 ? 14.041  8.108   16.833  1.00 22.03 ? 215 VAL A CG1 1 
ATOM   794  C  CG2 . VAL A 1 102 ? 15.766  6.633   15.663  1.00 21.56 ? 215 VAL A CG2 1 
ATOM   795  N  N   . ILE A 1 103 ? 11.109  7.534   14.249  1.00 16.77 ? 216 ILE A N   1 
ATOM   796  C  CA  . ILE A 1 103 ? 9.953   8.300   13.839  1.00 14.94 ? 216 ILE A CA  1 
ATOM   797  C  C   . ILE A 1 103 ? 8.880   8.036   14.884  1.00 13.63 ? 216 ILE A C   1 
ATOM   798  O  O   . ILE A 1 103 ? 8.489   6.893   15.079  1.00 13.65 ? 216 ILE A O   1 
ATOM   799  C  CB  . ILE A 1 103 ? 9.421   7.830   12.457  1.00 14.85 ? 216 ILE A CB  1 
ATOM   800  C  CG1 . ILE A 1 103 ? 10.544  7.845   11.394  1.00 14.31 ? 216 ILE A CG1 1 
ATOM   801  C  CG2 . ILE A 1 103 ? 8.144   8.616   12.035  1.00 13.37 ? 216 ILE A CG2 1 
ATOM   802  C  CD1 . ILE A 1 103 ? 10.112  7.295   9.982   1.00 13.05 ? 216 ILE A CD1 1 
ATOM   803  N  N   . PRO A 1 104 ? 8.419   9.085   15.564  1.00 12.75 ? 217 PRO A N   1 
ATOM   804  C  CA  . PRO A 1 104 ? 7.335   8.954   16.541  1.00 13.11 ? 217 PRO A CA  1 
ATOM   805  C  C   . PRO A 1 104 ? 6.035   8.618   15.840  1.00 12.09 ? 217 PRO A C   1 
ATOM   806  O  O   . PRO A 1 104 ? 5.920   8.904   14.644  1.00 11.45 ? 217 PRO A O   1 
ATOM   807  C  CB  . PRO A 1 104 ? 7.244   10.359  17.151  1.00 12.48 ? 217 PRO A CB  1 
ATOM   808  C  CG  . PRO A 1 104 ? 8.636   10.921  16.970  1.00 13.84 ? 217 PRO A CG  1 
ATOM   809  C  CD  . PRO A 1 104 ? 8.999   10.447  15.577  1.00 13.44 ? 217 PRO A CD  1 
ATOM   810  N  N   . GLN A 1 105 ? 5.054   8.054   16.549  1.00 11.30 ? 218 GLN A N   1 
ATOM   811  C  CA  . GLN A 1 105 ? 3.772   7.781   15.877  1.00 11.41 ? 218 GLN A CA  1 
ATOM   812  C  C   . GLN A 1 105 ? 3.193   9.083   15.358  1.00 11.76 ? 218 GLN A C   1 
ATOM   813  O  O   . GLN A 1 105 ? 3.147   10.076  16.080  1.00 11.42 ? 218 GLN A O   1 
ATOM   814  C  CB  . GLN A 1 105 ? 2.726   7.033   16.742  1.00 11.82 ? 218 GLN A CB  1 
ATOM   815  C  CG  . GLN A 1 105 ? 1.598   6.360   15.826  1.00 13.18 ? 218 GLN A CG  1 
ATOM   816  C  CD  . GLN A 1 105 ? 2.182   5.498   14.611  1.00 17.03 ? 218 GLN A CD  1 
ATOM   817  O  OE1 . GLN A 1 105 ? 2.502   4.260   14.768  1.00 13.07 ? 218 GLN A OE1 1 
ATOM   818  N  NE2 . GLN A 1 105 ? 2.314   6.159   13.390  1.00 9.14  ? 218 GLN A NE2 1 
ATOM   819  N  N   . HIS A 1 106 ? 2.756   9.080   14.106  1.00 11.09 ? 219 HIS A N   1 
ATOM   820  C  CA  . HIS A 1 106 ? 2.182   10.299  13.519  1.00 12.21 ? 219 HIS A CA  1 
ATOM   821  C  C   . HIS A 1 106 ? 0.960   10.750  14.315  1.00 12.56 ? 219 HIS A C   1 
ATOM   822  O  O   . HIS A 1 106 ? 0.065   9.947   14.591  1.00 11.29 ? 219 HIS A O   1 
ATOM   823  C  CB  . HIS A 1 106 ? 1.748   10.071  12.063  1.00 11.52 ? 219 HIS A CB  1 
ATOM   824  C  CG  . HIS A 1 106 ? 2.693   9.229   11.278  1.00 11.88 ? 219 HIS A CG  1 
ATOM   825  N  ND1 . HIS A 1 106 ? 2.263   8.285   10.374  1.00 9.55  ? 219 HIS A ND1 1 
ATOM   826  C  CD2 . HIS A 1 106 ? 4.045   9.180   11.267  1.00 8.40  ? 219 HIS A CD2 1 
ATOM   827  C  CE1 . HIS A 1 106 ? 3.317   7.687   9.840   1.00 10.33 ? 219 HIS A CE1 1 
ATOM   828  N  NE2 . HIS A 1 106 ? 4.408   8.208   10.373  1.00 11.79 ? 219 HIS A NE2 1 
ATOM   829  N  N   . ARG A 1 107 ? 0.918   12.040  14.638  1.00 12.41 ? 220 ARG A N   1 
ATOM   830  C  CA  . ARG A 1 107 ? -0.236  12.614  15.315  1.00 13.81 ? 220 ARG A CA  1 
ATOM   831  C  C   . ARG A 1 107 ? -1.048  13.496  14.394  1.00 14.20 ? 220 ARG A C   1 
ATOM   832  O  O   . ARG A 1 107 ? -2.100  14.015  14.799  1.00 13.35 ? 220 ARG A O   1 
ATOM   833  C  CB  . ARG A 1 107 ? 0.198   13.415  16.564  1.00 14.10 ? 220 ARG A CB  1 
ATOM   834  C  CG  . ARG A 1 107 ? 0.796   12.545  17.659  1.00 17.28 ? 220 ARG A CG  1 
ATOM   835  C  CD  . ARG A 1 107 ? 1.121   13.341  18.923  1.00 23.78 ? 220 ARG A CD  1 
ATOM   836  N  NE  . ARG A 1 107 ? 2.016   14.459  18.627  1.00 26.19 ? 220 ARG A NE  1 
ATOM   837  C  CZ  . ARG A 1 107 ? 3.347   14.381  18.605  1.00 30.10 ? 220 ARG A CZ  1 
ATOM   838  N  NH1 . ARG A 1 107 ? 3.973   13.230  18.878  1.00 29.50 ? 220 ARG A NH1 1 
ATOM   839  N  NH2 . ARG A 1 107 ? 4.053   15.463  18.314  1.00 30.12 ? 220 ARG A NH2 1 
ATOM   840  N  N   . SER A 1 108 ? -0.559  13.675  13.168  1.00 13.09 ? 221 SER A N   1 
ATOM   841  C  CA  . SER A 1 108 ? -1.221  14.523  12.186  1.00 13.60 ? 221 SER A CA  1 
ATOM   842  C  C   . SER A 1 108 ? -0.663  14.211  10.806  1.00 13.43 ? 221 SER A C   1 
ATOM   843  O  O   . SER A 1 108 ? 0.401   13.571  10.689  1.00 13.78 ? 221 SER A O   1 
ATOM   844  C  CB  . SER A 1 108 ? -0.939  16.000  12.515  1.00 12.80 ? 221 SER A CB  1 
ATOM   845  O  OG  . SER A 1 108 ? 0.439   16.236  12.387  1.00 10.57 ? 221 SER A OG  1 
ATOM   846  N  N   . LEU A 1 109 ? -1.380  14.632  9.764   1.00 13.52 ? 222 LEU A N   1 
ATOM   847  C  CA  . LEU A 1 109 ? -0.865  14.542  8.384   1.00 13.16 ? 222 LEU A CA  1 
ATOM   848  C  C   . LEU A 1 109 ? 0.480   15.220  8.177   1.00 12.73 ? 222 LEU A C   1 
ATOM   849  O  O   . LEU A 1 109 ? 1.270   14.770  7.360   1.00 12.07 ? 222 LEU A O   1 
ATOM   850  C  CB  . LEU A 1 109 ? -1.870  15.076  7.357   1.00 13.12 ? 222 LEU A CB  1 
ATOM   851  C  CG  . LEU A 1 109 ? -3.197  14.308  7.283   1.00 15.33 ? 222 LEU A CG  1 
ATOM   852  C  CD1 . LEU A 1 109 ? -4.209  15.056  6.399   1.00 12.77 ? 222 LEU A CD1 1 
ATOM   853  C  CD2 . LEU A 1 109 ? -2.973  12.836  6.789   1.00 15.59 ? 222 LEU A CD2 1 
ATOM   854  N  N   . GLU A 1 110 ? 0.743   16.330  8.872   1.00 13.10 ? 223 GLU A N   1 
ATOM   855  C  CA  . GLU A 1 110 ? 2.077   16.948  8.808   1.00 12.16 ? 223 GLU A CA  1 
ATOM   856  C  C   . GLU A 1 110 ? 3.212   16.010  9.281   1.00 12.30 ? 223 GLU A C   1 
ATOM   857  O  O   . GLU A 1 110 ? 4.296   16.006  8.683   1.00 11.94 ? 223 GLU A O   1 
ATOM   858  C  CB  . GLU A 1 110 ? 2.091   18.277  9.581   1.00 14.05 ? 223 GLU A CB  1 
ATOM   859  C  CG  . GLU A 1 110 ? 1.239   19.412  8.920   1.00 13.61 ? 223 GLU A CG  1 
ATOM   860  C  CD  . GLU A 1 110 ? -0.249  19.393  9.300   1.00 16.68 ? 223 GLU A CD  1 
ATOM   861  O  OE1 . GLU A 1 110 ? -0.705  18.518  10.065  1.00 14.77 ? 223 GLU A OE1 1 
ATOM   862  O  OE2 . GLU A 1 110 ? -1.007  20.264  8.796   1.00 21.68 ? 223 GLU A OE2 1 
ATOM   863  N  N   . ASP A 1 111 ? 2.978   15.232  10.354  1.00 12.05 ? 224 ASP A N   1 
ATOM   864  C  CA  . ASP A 1 111 ? 3.927   14.179  10.797  1.00 11.29 ? 224 ASP A CA  1 
ATOM   865  C  C   . ASP A 1 111 ? 4.084   13.072  9.786   1.00 10.45 ? 224 ASP A C   1 
ATOM   866  O  O   . ASP A 1 111 ? 5.197   12.605  9.540   1.00 10.64 ? 224 ASP A O   1 
ATOM   867  C  CB  . ASP A 1 111 ? 3.478   13.489  12.097  1.00 11.53 ? 224 ASP A CB  1 
ATOM   868  C  CG  . ASP A 1 111 ? 3.532   14.407  13.313  1.00 15.61 ? 224 ASP A CG  1 
ATOM   869  O  OD1 . ASP A 1 111 ? 4.420   15.288  13.379  1.00 18.66 ? 224 ASP A OD1 1 
ATOM   870  O  OD2 . ASP A 1 111 ? 2.696   14.210  14.221  1.00 18.91 ? 224 ASP A OD2 1 
ATOM   871  N  N   . ARG A 1 112 ? 2.955   12.620  9.238   1.00 9.36  ? 225 ARG A N   1 
ATOM   872  C  CA  . ARG A 1 112 ? 2.967   11.493  8.328   1.00 9.01  ? 225 ARG A CA  1 
ATOM   873  C  C   . ARG A 1 112 ? 3.669   11.912  7.045   1.00 9.55  ? 225 ARG A C   1 
ATOM   874  O  O   . ARG A 1 112 ? 4.510   11.188  6.537   1.00 10.39 ? 225 ARG A O   1 
ATOM   875  C  CB  . ARG A 1 112 ? 1.539   10.994  8.047   1.00 7.02  ? 225 ARG A CB  1 
ATOM   876  C  CG  . ARG A 1 112 ? 1.497   9.758   7.170   1.00 7.43  ? 225 ARG A CG  1 
ATOM   877  C  CD  . ARG A 1 112 ? 0.118   9.044   7.231   1.00 7.02  ? 225 ARG A CD  1 
ATOM   878  N  NE  . ARG A 1 112 ? -0.081  8.476   8.554   1.00 9.08  ? 225 ARG A NE  1 
ATOM   879  C  CZ  . ARG A 1 112 ? -1.198  7.878   8.961   1.00 12.20 ? 225 ARG A CZ  1 
ATOM   880  N  NH1 . ARG A 1 112 ? -2.241  7.737   8.137   1.00 11.69 ? 225 ARG A NH1 1 
ATOM   881  N  NH2 . ARG A 1 112 ? -1.248  7.369   10.176  1.00 11.55 ? 225 ARG A NH2 1 
ATOM   882  N  N   . VAL A 1 113 ? 3.370   13.101  6.535   1.00 10.68 ? 226 VAL A N   1 
ATOM   883  C  CA  . VAL A 1 113 ? 4.054   13.517  5.302   1.00 11.89 ? 226 VAL A CA  1 
ATOM   884  C  C   . VAL A 1 113 ? 5.547   13.697  5.556   1.00 12.19 ? 226 VAL A C   1 
ATOM   885  O  O   . VAL A 1 113 ? 6.369   13.373  4.704   1.00 11.76 ? 226 VAL A O   1 
ATOM   886  C  CB  . VAL A 1 113 ? 3.438   14.772  4.633   1.00 12.75 ? 226 VAL A CB  1 
ATOM   887  C  CG1 . VAL A 1 113 ? 3.827   16.043  5.394   1.00 11.66 ? 226 VAL A CG1 1 
ATOM   888  C  CG2 . VAL A 1 113 ? 3.924   14.846  3.185   1.00 14.84 ? 226 VAL A CG2 1 
ATOM   889  N  N   . SER A 1 114 ? 5.913   14.199  6.734   1.00 13.40 ? 227 SER A N   1 
ATOM   890  C  CA  . SER A 1 114 ? 7.332   14.296  7.063   1.00 13.86 ? 227 SER A CA  1 
ATOM   891  C  C   . SER A 1 114 ? 8.044   12.925  6.986   1.00 13.42 ? 227 SER A C   1 
ATOM   892  O  O   . SER A 1 114 ? 9.112   12.807  6.375   1.00 13.76 ? 227 SER A O   1 
ATOM   893  C  CB  . SER A 1 114 ? 7.549   14.972  8.414   1.00 14.91 ? 227 SER A CB  1 
ATOM   894  O  OG  . SER A 1 114 ? 8.943   15.021  8.681   1.00 19.34 ? 227 SER A OG  1 
ATOM   895  N  N   . ALA A 1 115 ? 7.435   11.891  7.562   1.00 12.29 ? 228 ALA A N   1 
ATOM   896  C  CA  . ALA A 1 115 ? 7.949   10.521  7.462   1.00 12.09 ? 228 ALA A CA  1 
ATOM   897  C  C   . ALA A 1 115 ? 8.012   10.034  5.997   1.00 12.63 ? 228 ALA A C   1 
ATOM   898  O  O   . ALA A 1 115 ? 9.002   9.417   5.572   1.00 12.75 ? 228 ALA A O   1 
ATOM   899  C  CB  . ALA A 1 115 ? 7.083   9.576   8.304   1.00 10.72 ? 228 ALA A CB  1 
ATOM   900  N  N   . ALA A 1 116 ? 6.961   10.306  5.230   1.00 13.40 ? 229 ALA A N   1 
ATOM   901  C  CA  . ALA A 1 116 ? 6.892   9.858   3.835   1.00 13.94 ? 229 ALA A CA  1 
ATOM   902  C  C   . ALA A 1 116 ? 7.997   10.508  3.009   1.00 15.29 ? 229 ALA A C   1 
ATOM   903  O  O   . ALA A 1 116 ? 8.544   9.901   2.055   1.00 15.15 ? 229 ALA A O   1 
ATOM   904  C  CB  . ALA A 1 116 ? 5.493   10.163  3.237   1.00 14.46 ? 229 ALA A CB  1 
ATOM   905  N  N   . ARG A 1 117 ? 8.342   11.743  3.385   1.00 15.67 ? 230 ARG A N   1 
ATOM   906  C  CA  . ARG A 1 117 ? 9.433   12.462  2.741   1.00 17.81 ? 230 ARG A CA  1 
ATOM   907  C  C   . ARG A 1 117 ? 10.775  11.754  2.863   1.00 17.39 ? 230 ARG A C   1 
ATOM   908  O  O   . ARG A 1 117 ? 11.569  11.733  1.909   1.00 16.91 ? 230 ARG A O   1 
ATOM   909  C  CB  . ARG A 1 117 ? 9.509   13.910  3.245   1.00 18.46 ? 230 ARG A CB  1 
ATOM   910  C  CG  . ARG A 1 117 ? 9.065   14.869  2.195   1.00 23.08 ? 230 ARG A CG  1 
ATOM   911  C  CD  . ARG A 1 117 ? 8.088   15.880  2.684   1.00 27.11 ? 230 ARG A CD  1 
ATOM   912  N  NE  . ARG A 1 117 ? 7.073   16.108  1.647   1.00 32.45 ? 230 ARG A NE  1 
ATOM   913  C  CZ  . ARG A 1 117 ? 6.125   17.042  1.699   1.00 32.92 ? 230 ARG A CZ  1 
ATOM   914  N  NH1 . ARG A 1 117 ? 6.045   17.859  2.746   1.00 33.09 ? 230 ARG A NH1 1 
ATOM   915  N  NH2 . ARG A 1 117 ? 5.259   17.157  0.694   1.00 34.29 ? 230 ARG A NH2 1 
ATOM   916  N  N   . VAL A 1 118 ? 10.997  11.136  4.016   1.00 18.16 ? 231 VAL A N   1 
ATOM   917  C  CA  . VAL A 1 118 ? 12.205  10.367  4.282   1.00 18.63 ? 231 VAL A CA  1 
ATOM   918  C  C   . VAL A 1 118 ? 12.258  9.212   3.295   1.00 19.77 ? 231 VAL A C   1 
ATOM   919  O  O   . VAL A 1 118 ? 13.323  8.926   2.711   1.00 19.62 ? 231 VAL A O   1 
ATOM   920  C  CB  . VAL A 1 118 ? 12.218  9.821   5.739   1.00 19.24 ? 231 VAL A CB  1 
ATOM   921  C  CG1 . VAL A 1 118 ? 13.420  8.905   5.977   1.00 20.07 ? 231 VAL A CG1 1 
ATOM   922  C  CG2 . VAL A 1 118 ? 12.182  10.989  6.775   1.00 19.62 ? 231 VAL A CG2 1 
ATOM   923  N  N   . LEU A 1 119 ? 11.108  8.570   3.072   1.00 20.08 ? 232 LEU A N   1 
ATOM   924  C  CA  . LEU A 1 119 ? 11.001  7.511   2.046   1.00 21.53 ? 232 LEU A CA  1 
ATOM   925  C  C   . LEU A 1 119 ? 11.281  8.018   0.632   1.00 22.45 ? 232 LEU A C   1 
ATOM   926  O  O   . LEU A 1 119 ? 12.060  7.424   -0.105  1.00 22.77 ? 232 LEU A O   1 
ATOM   927  C  CB  . LEU A 1 119 ? 9.625   6.816   2.096   1.00 20.31 ? 232 LEU A CB  1 
ATOM   928  C  CG  . LEU A 1 119 ? 9.460   5.595   1.175   1.00 21.12 ? 232 LEU A CG  1 
ATOM   929  C  CD1 . LEU A 1 119 ? 10.505  4.551   1.533   1.00 19.72 ? 232 LEU A CD1 1 
ATOM   930  C  CD2 . LEU A 1 119 ? 8.064   4.996   1.351   1.00 18.17 ? 232 LEU A CD2 1 
ATOM   931  N  N   . GLN A 1 120 ? 10.644  9.124   0.267   1.00 25.33 ? 233 GLN A N   1 
ATOM   932  C  CA  . GLN A 1 120 ? 10.681  9.660   -1.092  1.00 28.24 ? 233 GLN A CA  1 
ATOM   933  C  C   . GLN A 1 120 ? 12.082  10.085  -1.507  1.00 29.72 ? 233 GLN A C   1 
ATOM   934  O  O   . GLN A 1 120 ? 12.340  10.247  -2.708  1.00 29.59 ? 233 GLN A O   1 
ATOM   935  C  CB  . GLN A 1 120 ? 9.767   10.882  -1.243  1.00 28.68 ? 233 GLN A CB  1 
ATOM   936  C  CG  . GLN A 1 120 ? 8.282   10.646  -1.059  1.00 32.65 ? 233 GLN A CG  1 
ATOM   937  C  CD  . GLN A 1 120 ? 7.460   11.894  -1.380  1.00 37.04 ? 233 GLN A CD  1 
ATOM   938  O  OE1 . GLN A 1 120 ? 6.619   11.886  -2.285  1.00 39.34 ? 233 GLN A OE1 1 
ATOM   939  N  NE2 . GLN A 1 120 ? 7.714   12.971  -0.654  1.00 38.33 ? 233 GLN A NE2 1 
ATOM   940  N  N   . GLN A 1 121 ? 12.973  10.285  -0.536  1.00 31.50 ? 234 GLN A N   1 
ATOM   941  C  CA  . GLN A 1 121 ? 14.368  10.581  -0.852  1.00 33.57 ? 234 GLN A CA  1 
ATOM   942  C  C   . GLN A 1 121 ? 15.081  9.365   -1.452  1.00 34.16 ? 234 GLN A C   1 
ATOM   943  O  O   . GLN A 1 121 ? 15.988  9.530   -2.275  1.00 34.42 ? 234 GLN A O   1 
ATOM   944  C  CB  . GLN A 1 121 ? 15.127  11.204  0.326   1.00 34.02 ? 234 GLN A CB  1 
ATOM   945  C  CG  . GLN A 1 121 ? 15.508  10.260  1.455   1.00 36.56 ? 234 GLN A CG  1 
ATOM   946  C  CD  . GLN A 1 121 ? 15.768  11.000  2.768   1.00 39.45 ? 234 GLN A CD  1 
ATOM   947  O  OE1 . GLN A 1 121 ? 15.315  12.137  2.966   1.00 41.30 ? 234 GLN A OE1 1 
ATOM   948  N  NE2 . GLN A 1 121 ? 16.489  10.353  3.674   1.00 40.62 ? 234 GLN A NE2 1 
ATOM   949  N  N   . GLY A 1 122 ? 14.666  8.159   -1.054  1.00 34.41 ? 235 GLY A N   1 
ATOM   950  C  CA  . GLY A 1 122 ? 14.846  6.960   -1.895  1.00 35.11 ? 235 GLY A CA  1 
ATOM   951  C  C   . GLY A 1 122 ? 13.684  7.039   -2.871  1.00 35.48 ? 235 GLY A C   1 
ATOM   952  O  O   . GLY A 1 122 ? 13.084  8.086   -3.002  1.00 36.39 ? 235 GLY A O   1 
ATOM   953  N  N   . ALA A 1 123 ? 13.313  5.964   -3.548  1.00 36.26 ? 236 ALA A N   1 
ATOM   954  C  CA  . ALA A 1 123 ? 12.156  6.035   -4.479  1.00 35.74 ? 236 ALA A CA  1 
ATOM   955  C  C   . ALA A 1 123 ? 11.965  7.377   -5.244  1.00 35.70 ? 236 ALA A C   1 
ATOM   956  O  O   . ALA A 1 123 ? 10.930  8.040   -5.097  1.00 35.31 ? 236 ALA A O   1 
ATOM   957  C  CB  . ALA A 1 123 ? 10.848  5.638   -3.747  1.00 35.65 ? 236 ALA A CB  1 
ATOM   958  N  N   . PRO A 1 124 ? 12.960  7.786   -6.067  1.00 35.66 ? 237 PRO A N   1 
ATOM   959  C  CA  . PRO A 1 124 ? 12.716  8.958   -6.914  1.00 35.16 ? 237 PRO A CA  1 
ATOM   960  C  C   . PRO A 1 124 ? 11.642  8.681   -7.962  1.00 34.19 ? 237 PRO A C   1 
ATOM   961  O  O   . PRO A 1 124 ? 11.725  7.674   -8.693  1.00 34.15 ? 237 PRO A O   1 
ATOM   962  C  CB  . PRO A 1 124 ? 14.073  9.188   -7.597  1.00 35.61 ? 237 PRO A CB  1 
ATOM   963  C  CG  . PRO A 1 124 ? 15.081  8.590   -6.624  1.00 36.28 ? 237 PRO A CG  1 
ATOM   964  C  CD  . PRO A 1 124 ? 14.366  7.346   -6.149  1.00 35.86 ? 237 PRO A CD  1 
ATOM   965  N  N   . GLY A 1 125 ? 10.628  9.547   -7.989  1.00 33.26 ? 238 GLY A N   1 
ATOM   966  C  CA  . GLY A 1 125 ? 9.618   9.550   -9.049  1.00 31.50 ? 238 GLY A CA  1 
ATOM   967  C  C   . GLY A 1 125 ? 8.522   8.505   -8.937  1.00 30.32 ? 238 GLY A C   1 
ATOM   968  O  O   . GLY A 1 125 ? 7.665   8.402   -9.840  1.00 30.49 ? 238 GLY A O   1 
ATOM   969  N  N   . CYS A 1 126 ? 8.539   7.715   -7.858  1.00 28.22 ? 239 CYS A N   1 
ATOM   970  C  CA  . CYS A 1 126 ? 7.434   6.796   -7.559  1.00 26.28 ? 239 CYS A CA  1 
ATOM   971  C  C   . CYS A 1 126 ? 6.203   7.586   -7.084  1.00 23.17 ? 239 CYS A C   1 
ATOM   972  O  O   . CYS A 1 126 ? 6.340   8.623   -6.422  1.00 23.36 ? 239 CYS A O   1 
ATOM   973  C  CB  . CYS A 1 126 ? 7.853   5.774   -6.514  1.00 26.96 ? 239 CYS A CB  1 
ATOM   974  S  SG  . CYS A 1 126 ? 9.110   4.594   -7.111  1.00 34.88 ? 239 CYS A SG  1 
ATOM   975  N  N   . ALA A 1 127 ? 5.015   7.149   -7.494  1.00 19.98 ? 240 ALA A N   1 
ATOM   976  C  CA  . ALA A 1 127 ? 3.769   7.742   -7.005  1.00 16.79 ? 240 ALA A CA  1 
ATOM   977  C  C   . ALA A 1 127 ? 3.571   7.312   -5.535  1.00 14.87 ? 240 ALA A C   1 
ATOM   978  O  O   . ALA A 1 127 ? 3.761   6.136   -5.175  1.00 13.64 ? 240 ALA A O   1 
ATOM   979  C  CB  . ALA A 1 127 ? 2.578   7.318   -7.863  1.00 17.10 ? 240 ALA A CB  1 
ATOM   980  N  N   . LEU A 1 128 ? 3.260   8.287   -4.694  1.00 11.98 ? 241 LEU A N   1 
ATOM   981  C  CA  . LEU A 1 128 ? 3.137   8.055   -3.254  1.00 10.60 ? 241 LEU A CA  1 
ATOM   982  C  C   . LEU A 1 128 ? 2.020   8.918   -2.722  1.00 8.61  ? 241 LEU A C   1 
ATOM   983  O  O   . LEU A 1 128 ? 1.934   10.126  -3.043  1.00 8.88  ? 241 LEU A O   1 
ATOM   984  C  CB  . LEU A 1 128 ? 4.441   8.389   -2.516  1.00 11.16 ? 241 LEU A CB  1 
ATOM   985  C  CG  . LEU A 1 128 ? 4.425   8.067   -1.013  1.00 11.04 ? 241 LEU A CG  1 
ATOM   986  C  CD1 . LEU A 1 128 ? 5.789   7.455   -0.593  1.00 15.89 ? 241 LEU A CD1 1 
ATOM   987  C  CD2 . LEU A 1 128 ? 4.002   9.243   -0.112  1.00 12.19 ? 241 LEU A CD2 1 
ATOM   988  N  N   . VAL A 1 129 ? 1.176   8.291   -1.920  1.00 7.32  ? 242 VAL A N   1 
ATOM   989  C  CA  . VAL A 1 129 ? 0.117   8.962   -1.153  1.00 7.68  ? 242 VAL A CA  1 
ATOM   990  C  C   . VAL A 1 129 ? 0.215   8.606   0.333   1.00 8.09  ? 242 VAL A C   1 
ATOM   991  O  O   . VAL A 1 129 ? 0.938   7.691   0.726   1.00 7.48  ? 242 VAL A O   1 
ATOM   992  C  CB  . VAL A 1 129 ? -1.301  8.615   -1.657  1.00 6.50  ? 242 VAL A CB  1 
ATOM   993  C  CG1 . VAL A 1 129 ? -1.514  9.179   -3.045  1.00 7.49  ? 242 VAL A CG1 1 
ATOM   994  C  CG2 . VAL A 1 129 ? -1.587  7.082   -1.618  1.00 5.34  ? 242 VAL A CG2 1 
ATOM   995  N  N   . LEU A 1 130 ? -0.515  9.335   1.161   1.00 8.22  ? 243 LEU A N   1 
ATOM   996  C  CA  . LEU A 1 130 ? -0.515  9.025   2.600   1.00 8.05  ? 243 LEU A CA  1 
ATOM   997  C  C   . LEU A 1 130 ? -1.844  8.399   2.908   1.00 8.66  ? 243 LEU A C   1 
ATOM   998  O  O   . LEU A 1 130 ? -2.835  8.779   2.312   1.00 8.65  ? 243 LEU A O   1 
ATOM   999  C  CB  . LEU A 1 130 ? -0.415  10.307  3.417   1.00 7.25  ? 243 LEU A CB  1 
ATOM   1000 C  CG  . LEU A 1 130 ? 0.599   11.358  2.940   1.00 8.01  ? 243 LEU A CG  1 
ATOM   1001 C  CD1 . LEU A 1 130 ? 0.512   12.601  3.850   1.00 10.60 ? 243 LEU A CD1 1 
ATOM   1002 C  CD2 . LEU A 1 130 ? 2.073   10.799  2.874   1.00 6.43  ? 243 LEU A CD2 1 
ATOM   1003 N  N   . ASP A 1 131 ? -1.906  7.481   3.871   1.00 7.97  ? 244 ASP A N   1 
ATOM   1004 C  CA  . ASP A 1 131 ? -3.232  7.074   4.323   1.00 8.90  ? 244 ASP A CA  1 
ATOM   1005 C  C   . ASP A 1 131 ? -3.812  8.239   5.168   1.00 9.54  ? 244 ASP A C   1 
ATOM   1006 O  O   . ASP A 1 131 ? -3.063  9.095   5.674   1.00 8.87  ? 244 ASP A O   1 
ATOM   1007 C  CB  . ASP A 1 131 ? -3.168  5.768   5.144   1.00 8.79  ? 244 ASP A CB  1 
ATOM   1008 C  CG  . ASP A 1 131 ? -4.519  5.046   5.207   1.00 8.40  ? 244 ASP A CG  1 
ATOM   1009 O  OD1 . ASP A 1 131 ? -5.528  5.538   4.611   1.00 9.91  ? 244 ASP A OD1 1 
ATOM   1010 O  OD2 . ASP A 1 131 ? -4.563  3.982   5.866   1.00 11.77 ? 244 ASP A OD2 1 
ATOM   1011 N  N   . THR A 1 132 ? -5.134  8.304   5.297   1.00 8.45  ? 245 THR A N   1 
ATOM   1012 C  CA  . THR A 1 132 ? -5.727  9.364   6.104   1.00 10.26 ? 245 THR A CA  1 
ATOM   1013 C  C   . THR A 1 132 ? -5.420  9.066   7.580   1.00 10.52 ? 245 THR A C   1 
ATOM   1014 O  O   . THR A 1 132 ? -5.053  7.936   7.948   1.00 10.52 ? 245 THR A O   1 
ATOM   1015 C  CB  . THR A 1 132 ? -7.274  9.379   5.970   1.00 8.42  ? 245 THR A CB  1 
ATOM   1016 O  OG1 . THR A 1 132 ? -7.773  8.104   6.363   1.00 10.50 ? 245 THR A OG1 1 
ATOM   1017 C  CG2 . THR A 1 132 ? -7.683  9.636   4.581   1.00 11.17 ? 245 THR A CG2 1 
HETATM 1018 N  N   . MSE A 1 133 ? -5.564  10.076  8.424   1.00 11.55 ? 246 MSE A N   1 
HETATM 1019 C  CA  . MSE A 1 133 ? -5.293  9.881   9.842   1.00 12.87 ? 246 MSE A CA  1 
HETATM 1020 C  C   . MSE A 1 133 ? -6.275  8.887   10.461  1.00 12.41 ? 246 MSE A C   1 
HETATM 1021 O  O   . MSE A 1 133 ? -5.965  8.285   11.468  1.00 13.42 ? 246 MSE A O   1 
HETATM 1022 C  CB  . MSE A 1 133 ? -5.316  11.211  10.589  1.00 13.15 ? 246 MSE A CB  1 
HETATM 1023 C  CG  . MSE A 1 133 ? -4.139  12.096  10.253  1.00 15.33 ? 246 MSE A CG  1 
HETATM 1024 SE SE  . MSE A 1 133 ? -2.423  11.188  10.523  1.00 28.92 ? 246 MSE A SE  1 
HETATM 1025 C  CE  . MSE A 1 133 ? -2.506  10.865  12.424  1.00 23.88 ? 246 MSE A CE  1 
ATOM   1026 N  N   . ALA A 1 134 ? -7.448  8.731   9.856   1.00 12.80 ? 247 ALA A N   1 
ATOM   1027 C  CA  . ALA A 1 134 ? -8.404  7.688   10.256  1.00 12.64 ? 247 ALA A CA  1 
ATOM   1028 C  C   . ALA A 1 134 ? -8.011  6.290   9.708   1.00 12.69 ? 247 ALA A C   1 
ATOM   1029 O  O   . ALA A 1 134 ? -8.658  5.279   10.028  1.00 12.46 ? 247 ALA A O   1 
ATOM   1030 C  CB  . ALA A 1 134 ? -9.856  8.080   9.834   1.00 13.93 ? 247 ALA A CB  1 
ATOM   1031 N  N   . ASN A 1 135 ? -6.932  6.233   8.923   1.00 11.57 ? 248 ASN A N   1 
ATOM   1032 C  CA  . ASN A 1 135 ? -6.331  4.969   8.437   1.00 11.44 ? 248 ASN A CA  1 
ATOM   1033 C  C   . ASN A 1 135 ? -7.330  4.240   7.532   1.00 11.12 ? 248 ASN A C   1 
ATOM   1034 O  O   . ASN A 1 135 ? -7.490  2.991   7.583   1.00 9.19  ? 248 ASN A O   1 
ATOM   1035 C  CB  . ASN A 1 135 ? -5.888  4.069   9.605   1.00 12.04 ? 248 ASN A CB  1 
ATOM   1036 C  CG  . ASN A 1 135 ? -4.771  4.685   10.443  1.00 13.67 ? 248 ASN A CG  1 
ATOM   1037 O  OD1 . ASN A 1 135 ? -3.873  5.307   9.926   1.00 14.01 ? 248 ASN A OD1 1 
ATOM   1038 N  ND2 . ASN A 1 135 ? -4.824  4.466   11.746  1.00 15.18 ? 248 ASN A ND2 1 
ATOM   1039 N  N   . SER A 1 136 ? -7.997  5.048   6.710   1.00 10.02 ? 249 SER A N   1 
ATOM   1040 C  CA  . SER A 1 136 ? -9.067  4.574   5.845   1.00 11.14 ? 249 SER A CA  1 
ATOM   1041 C  C   . SER A 1 136 ? -8.670  3.431   4.926   1.00 10.03 ? 249 SER A C   1 
ATOM   1042 O  O   . SER A 1 136 ? -9.354  2.409   4.856   1.00 9.48  ? 249 SER A O   1 
ATOM   1043 C  CB  . SER A 1 136 ? -9.629  5.752   5.039   1.00 11.69 ? 249 SER A CB  1 
ATOM   1044 O  OG  . SER A 1 136 ? -10.116 6.690   5.975   1.00 15.85 ? 249 SER A OG  1 
ATOM   1045 N  N   . SER A 1 137 ? -7.566  3.616   4.224   1.00 8.41  ? 250 SER A N   1 
ATOM   1046 C  CA  . SER A 1 137 ? -7.086  2.608   3.305   1.00 8.74  ? 250 SER A CA  1 
ATOM   1047 C  C   . SER A 1 137 ? -6.433  1.393   3.967   1.00 9.25  ? 250 SER A C   1 
ATOM   1048 O  O   . SER A 1 137 ? -6.640  0.271   3.506   1.00 9.00  ? 250 SER A O   1 
ATOM   1049 C  CB  . SER A 1 137 ? -6.177  3.249   2.233   1.00 8.61  ? 250 SER A CB  1 
ATOM   1050 O  OG  . SER A 1 137 ? -6.993  4.139   1.437   1.00 8.47  ? 250 SER A OG  1 
ATOM   1051 N  N   . SER A 1 138 ? -5.637  1.610   5.022   1.00 8.95  ? 251 SER A N   1 
ATOM   1052 C  CA  . SER A 1 138 ? -5.084  0.489   5.782   1.00 10.48 ? 251 SER A CA  1 
ATOM   1053 C  C   . SER A 1 138 ? -6.192  -0.435  6.252   1.00 10.53 ? 251 SER A C   1 
ATOM   1054 O  O   . SER A 1 138 ? -6.064  -1.661  6.168   1.00 10.44 ? 251 SER A O   1 
ATOM   1055 C  CB  . SER A 1 138 ? -4.297  0.969   6.997   1.00 10.42 ? 251 SER A CB  1 
ATOM   1056 O  OG  . SER A 1 138 ? -3.222  1.761   6.585   1.00 17.13 ? 251 SER A OG  1 
ATOM   1057 N  N   . SER A 1 139 ? -7.275  0.150   6.763   1.00 10.28 ? 252 SER A N   1 
ATOM   1058 C  CA  . SER A 1 139 ? -8.382  -0.656  7.300   1.00 12.10 ? 252 SER A CA  1 
ATOM   1059 C  C   . SER A 1 139 ? -9.138  -1.365  6.190   1.00 11.01 ? 252 SER A C   1 
ATOM   1060 O  O   . SER A 1 139 ? -9.463  -2.553  6.321   1.00 12.75 ? 252 SER A O   1 
ATOM   1061 C  CB  . SER A 1 139 ? -9.360  0.212   8.058   1.00 11.94 ? 252 SER A CB  1 
ATOM   1062 O  OG  . SER A 1 139 ? -8.702  0.719   9.207   1.00 19.79 ? 252 SER A OG  1 
ATOM   1063 N  N   . ALA A 1 140 ? -9.421  -0.645  5.113   1.00 10.78 ? 253 ALA A N   1 
ATOM   1064 C  CA  . ALA A 1 140 ? -10.174 -1.229  3.988   1.00 10.21 ? 253 ALA A CA  1 
ATOM   1065 C  C   . ALA A 1 140 ? -9.384  -2.363  3.300   1.00 9.32  ? 253 ALA A C   1 
ATOM   1066 O  O   . ALA A 1 140 ? -9.989  -3.306  2.788   1.00 9.30  ? 253 ALA A O   1 
ATOM   1067 C  CB  . ALA A 1 140 ? -10.603 -0.137  2.956   1.00 9.85  ? 253 ALA A CB  1 
ATOM   1068 N  N   . TYR A 1 141 ? -8.056  -2.265  3.259   1.00 7.65  ? 254 TYR A N   1 
ATOM   1069 C  CA  . TYR A 1 141 ? -7.240  -3.294  2.584   1.00 7.85  ? 254 TYR A CA  1 
ATOM   1070 C  C   . TYR A 1 141 ? -6.575  -4.270  3.550   1.00 8.52  ? 254 TYR A C   1 
ATOM   1071 O  O   . TYR A 1 141 ? -5.773  -5.106  3.146   1.00 7.55  ? 254 TYR A O   1 
ATOM   1072 C  CB  . TYR A 1 141 ? -6.193  -2.657  1.646   1.00 7.22  ? 254 TYR A CB  1 
ATOM   1073 C  CG  . TYR A 1 141 ? -6.811  -2.151  0.353   1.00 7.08  ? 254 TYR A CG  1 
ATOM   1074 C  CD1 . TYR A 1 141 ? -7.477  -0.911  0.322   1.00 7.78  ? 254 TYR A CD1 1 
ATOM   1075 C  CD2 . TYR A 1 141 ? -6.761  -2.940  -0.831  1.00 4.62  ? 254 TYR A CD2 1 
ATOM   1076 C  CE1 . TYR A 1 141 ? -8.059  -0.445  -0.865  1.00 8.22  ? 254 TYR A CE1 1 
ATOM   1077 C  CE2 . TYR A 1 141 ? -7.347  -2.503  -1.999  1.00 5.55  ? 254 TYR A CE2 1 
ATOM   1078 C  CZ  . TYR A 1 141 ? -7.977  -1.256  -2.016  1.00 8.47  ? 254 TYR A CZ  1 
ATOM   1079 O  OH  . TYR A 1 141 ? -8.535  -0.816  -3.176  1.00 7.46  ? 254 TYR A OH  1 
ATOM   1080 N  N   . GLY A 1 142 ? -6.920  -4.170  4.837   1.00 9.29  ? 255 GLY A N   1 
ATOM   1081 C  CA  . GLY A 1 142 ? -6.294  -5.066  5.846   1.00 9.72  ? 255 GLY A CA  1 
ATOM   1082 C  C   . GLY A 1 142 ? -4.791  -5.028  5.726   1.00 10.03 ? 255 GLY A C   1 
ATOM   1083 O  O   . GLY A 1 142 ? -4.136  -6.080  5.683   1.00 9.87  ? 255 GLY A O   1 
ATOM   1084 N  N   . ALA A 1 143 ? -4.249  -3.816  5.656   1.00 9.80  ? 256 ALA A N   1 
ATOM   1085 C  CA  . ALA A 1 143 ? -2.892  -3.603  5.181   1.00 10.91 ? 256 ALA A CA  1 
ATOM   1086 C  C   . ALA A 1 143 ? -2.002  -2.922  6.188   1.00 12.57 ? 256 ALA A C   1 
ATOM   1087 O  O   . ALA A 1 143 ? -0.969  -2.342  5.834   1.00 13.91 ? 256 ALA A O   1 
ATOM   1088 C  CB  . ALA A 1 143 ? -2.930  -2.793  3.855   1.00 11.05 ? 256 ALA A CB  1 
ATOM   1089 N  N   . TYR A 1 144 ? -2.356  -2.997  7.470   1.00 11.34 ? 257 TYR A N   1 
ATOM   1090 C  CA  . TYR A 1 144 ? -1.454  -2.489  8.474   1.00 10.49 ? 257 TYR A CA  1 
ATOM   1091 C  C   . TYR A 1 144 ? -0.120  -3.262  8.457   1.00 9.84  ? 257 TYR A C   1 
ATOM   1092 O  O   . TYR A 1 144 ? -0.056  -4.413  7.982   1.00 10.73 ? 257 TYR A O   1 
ATOM   1093 C  CB  . TYR A 1 144 ? -2.114  -2.641  9.853   1.00 9.83  ? 257 TYR A CB  1 
ATOM   1094 C  CG  . TYR A 1 144 ? -3.276  -1.728  10.021  1.00 10.21 ? 257 TYR A CG  1 
ATOM   1095 C  CD1 . TYR A 1 144 ? -3.082  -0.388  10.394  1.00 10.98 ? 257 TYR A CD1 1 
ATOM   1096 C  CD2 . TYR A 1 144 ? -4.586  -2.173  9.790   1.00 6.98  ? 257 TYR A CD2 1 
ATOM   1097 C  CE1 . TYR A 1 144 ? -4.161  0.473   10.564  1.00 11.73 ? 257 TYR A CE1 1 
ATOM   1098 C  CE2 . TYR A 1 144 ? -5.663  -1.290  9.954   1.00 8.45  ? 257 TYR A CE2 1 
ATOM   1099 C  CZ  . TYR A 1 144 ? -5.424  0.026   10.355  1.00 11.38 ? 257 TYR A CZ  1 
ATOM   1100 O  OH  . TYR A 1 144 ? -6.451  0.929   10.553  1.00 14.34 ? 257 TYR A OH  1 
ATOM   1101 N  N   . PHE A 1 145 ? 0.912   -2.626  8.995   1.00 8.95  ? 258 PHE A N   1 
ATOM   1102 C  CA  . PHE A 1 145 ? 2.291   -3.128  9.008   1.00 9.88  ? 258 PHE A CA  1 
ATOM   1103 C  C   . PHE A 1 145 ? 2.813   -2.957  7.578   1.00 9.79  ? 258 PHE A C   1 
ATOM   1104 O  O   . PHE A 1 145 ? 3.439   -1.945  7.281   1.00 11.29 ? 258 PHE A O   1 
ATOM   1105 C  CB  . PHE A 1 145 ? 2.395   -4.599  9.515   1.00 9.01  ? 258 PHE A CB  1 
ATOM   1106 C  CG  . PHE A 1 145 ? 3.809   -5.039  9.817   1.00 10.98 ? 258 PHE A CG  1 
ATOM   1107 C  CD1 . PHE A 1 145 ? 4.483   -4.555  10.949  1.00 10.40 ? 258 PHE A CD1 1 
ATOM   1108 C  CD2 . PHE A 1 145 ? 4.460   -5.953  8.987   1.00 11.71 ? 258 PHE A CD2 1 
ATOM   1109 C  CE1 . PHE A 1 145 ? 5.829   -4.991  11.242  1.00 11.40 ? 258 PHE A CE1 1 
ATOM   1110 C  CE2 . PHE A 1 145 ? 5.774   -6.398  9.271   1.00 13.68 ? 258 PHE A CE2 1 
ATOM   1111 C  CZ  . PHE A 1 145 ? 6.466   -5.899  10.385  1.00 13.43 ? 258 PHE A CZ  1 
ATOM   1112 N  N   . GLU A 1 146 ? 2.510   -3.903  6.690   1.00 9.35  ? 259 GLU A N   1 
ATOM   1113 C  CA  . GLU A 1 146 ? 2.756   -3.713  5.249   1.00 9.00  ? 259 GLU A CA  1 
ATOM   1114 C  C   . GLU A 1 146 ? 1.934   -4.702  4.431   1.00 9.23  ? 259 GLU A C   1 
ATOM   1115 O  O   . GLU A 1 146 ? 1.504   -5.757  4.955   1.00 8.28  ? 259 GLU A O   1 
ATOM   1116 C  CB  . GLU A 1 146 ? 4.250   -3.832  4.880   1.00 9.90  ? 259 GLU A CB  1 
ATOM   1117 C  CG  . GLU A 1 146 ? 4.966   -5.196  5.156   1.00 12.40 ? 259 GLU A CG  1 
ATOM   1118 C  CD  . GLU A 1 146 ? 4.599   -6.335  4.182   1.00 17.84 ? 259 GLU A CD  1 
ATOM   1119 O  OE1 . GLU A 1 146 ? 4.813   -7.524  4.557   1.00 22.86 ? 259 GLU A OE1 1 
ATOM   1120 O  OE2 . GLU A 1 146 ? 4.105   -6.082  3.065   1.00 18.37 ? 259 GLU A OE2 1 
ATOM   1121 N  N   . ARG A 1 147 ? 1.700   -4.371  3.160   1.00 7.82  ? 260 ARG A N   1 
ATOM   1122 C  CA  . ARG A 1 147 ? 1.013   -5.319  2.272   1.00 8.02  ? 260 ARG A CA  1 
ATOM   1123 C  C   . ARG A 1 147 ? 1.105   -4.915  0.843   1.00 8.26  ? 260 ARG A C   1 
ATOM   1124 O  O   . ARG A 1 147 ? 1.222   -3.725  0.530   1.00 8.55  ? 260 ARG A O   1 
ATOM   1125 C  CB  . ARG A 1 147 ? -0.465  -5.483  2.643   1.00 8.63  ? 260 ARG A CB  1 
ATOM   1126 C  CG  . ARG A 1 147 ? -1.037  -6.847  2.215   1.00 8.28  ? 260 ARG A CG  1 
ATOM   1127 C  CD  . ARG A 1 147 ? -2.327  -7.153  2.995   1.00 7.66  ? 260 ARG A CD  1 
ATOM   1128 N  NE  . ARG A 1 147 ? -2.700  -8.544  2.777   1.00 11.16 ? 260 ARG A NE  1 
ATOM   1129 C  CZ  . ARG A 1 147 ? -3.751  -9.146  3.340   1.00 12.79 ? 260 ARG A CZ  1 
ATOM   1130 N  NH1 . ARG A 1 147 ? -4.521  -8.476  4.196   1.00 13.54 ? 260 ARG A NH1 1 
ATOM   1131 N  NH2 . ARG A 1 147 ? -4.001  -10.439 3.072   1.00 12.76 ? 260 ARG A NH2 1 
ATOM   1132 N  N   . LEU A 1 148 ? 1.036   -5.912  -0.037  1.00 7.59  ? 261 LEU A N   1 
ATOM   1133 C  CA  . LEU A 1 148 ? 1.074   -5.621  -1.465  1.00 7.87  ? 261 LEU A CA  1 
ATOM   1134 C  C   . LEU A 1 148 ? -0.249  -6.072  -2.093  1.00 7.47  ? 261 LEU A C   1 
ATOM   1135 O  O   . LEU A 1 148 ? -0.800  -7.080  -1.697  1.00 8.01  ? 261 LEU A O   1 
ATOM   1136 C  CB  . LEU A 1 148 ? 2.260   -6.359  -2.105  1.00 8.67  ? 261 LEU A CB  1 
ATOM   1137 C  CG  . LEU A 1 148 ? 3.688   -5.818  -1.926  1.00 9.25  ? 261 LEU A CG  1 
ATOM   1138 C  CD1 . LEU A 1 148 ? 4.701   -6.883  -2.374  1.00 9.99  ? 261 LEU A CD1 1 
ATOM   1139 C  CD2 . LEU A 1 148 ? 3.904   -4.547  -2.747  1.00 9.10  ? 261 LEU A CD2 1 
ATOM   1140 N  N   . TYR A 1 149 ? -0.772  -5.302  -3.045  1.00 7.74  ? 262 TYR A N   1 
ATOM   1141 C  CA  . TYR A 1 149 ? -1.948  -5.696  -3.794  1.00 7.52  ? 262 TYR A CA  1 
ATOM   1142 C  C   . TYR A 1 149 ? -1.811  -5.401  -5.266  1.00 8.28  ? 262 TYR A C   1 
ATOM   1143 O  O   . TYR A 1 149 ? -1.051  -4.516  -5.662  1.00 9.60  ? 262 TYR A O   1 
ATOM   1144 C  CB  . TYR A 1 149 ? -3.155  -4.891  -3.330  1.00 7.25  ? 262 TYR A CB  1 
ATOM   1145 C  CG  . TYR A 1 149 ? -3.847  -5.406  -2.094  1.00 7.08  ? 262 TYR A CG  1 
ATOM   1146 C  CD1 . TYR A 1 149 ? -3.429  -5.028  -0.802  1.00 7.60  ? 262 TYR A CD1 1 
ATOM   1147 C  CD2 . TYR A 1 149 ? -4.982  -6.206  -2.218  1.00 8.45  ? 262 TYR A CD2 1 
ATOM   1148 C  CE1 . TYR A 1 149 ? -4.118  -5.473  0.323   1.00 8.23  ? 262 TYR A CE1 1 
ATOM   1149 C  CE2 . TYR A 1 149 ? -5.646  -6.669  -1.103  1.00 7.31  ? 262 TYR A CE2 1 
ATOM   1150 C  CZ  . TYR A 1 149 ? -5.214  -6.310  0.155   1.00 9.98  ? 262 TYR A CZ  1 
ATOM   1151 O  OH  . TYR A 1 149 ? -5.947  -6.785  1.246   1.00 11.92 ? 262 TYR A OH  1 
ATOM   1152 N  N   . VAL A 1 150 ? -2.606  -6.102  -6.080  1.00 8.21  ? 263 VAL A N   1 
ATOM   1153 C  CA  . VAL A 1 150 ? -2.830  -5.678  -7.462  1.00 8.19  ? 263 VAL A CA  1 
ATOM   1154 C  C   . VAL A 1 150 ? -4.337  -5.543  -7.668  1.00 8.19  ? 263 VAL A C   1 
ATOM   1155 O  O   . VAL A 1 150 ? -5.102  -6.442  -7.322  1.00 8.11  ? 263 VAL A O   1 
ATOM   1156 C  CB  . VAL A 1 150 ? -2.281  -6.638  -8.505  1.00 8.31  ? 263 VAL A CB  1 
ATOM   1157 C  CG1 . VAL A 1 150 ? -2.563  -6.073  -9.912  1.00 9.40  ? 263 VAL A CG1 1 
ATOM   1158 C  CG2 . VAL A 1 150 ? -0.754  -6.847  -8.315  1.00 7.52  ? 263 VAL A CG2 1 
ATOM   1159 N  N   . ILE A 1 151 ? -4.753  -4.411  -8.219  1.00 8.99  ? 264 ILE A N   1 
ATOM   1160 C  CA  . ILE A 1 151 ? -6.156  -4.211  -8.541  1.00 10.12 ? 264 ILE A CA  1 
ATOM   1161 C  C   . ILE A 1 151 ? -6.260  -3.884  -10.050 1.00 11.19 ? 264 ILE A C   1 
ATOM   1162 O  O   . ILE A 1 151 ? -5.299  -3.424  -10.652 1.00 10.60 ? 264 ILE A O   1 
ATOM   1163 C  CB  . ILE A 1 151 ? -6.822  -3.140  -7.622  1.00 10.89 ? 264 ILE A CB  1 
ATOM   1164 C  CG1 . ILE A 1 151 ? -6.305  -1.729  -7.903  1.00 14.12 ? 264 ILE A CG1 1 
ATOM   1165 C  CG2 . ILE A 1 151 ? -6.603  -3.462  -6.153  1.00 11.04 ? 264 ILE A CG2 1 
ATOM   1166 C  CD1 . ILE A 1 151 ? -7.041  -0.626  -7.103  1.00 15.90 ? 264 ILE A CD1 1 
ATOM   1167 N  N   . GLN A 1 152 ? -7.419  -4.156  -10.662 1.00 11.02 ? 265 GLN A N   1 
ATOM   1168 C  CA  . GLN A 1 152 ? -7.614  -3.877  -12.082 1.00 12.39 ? 265 GLN A CA  1 
ATOM   1169 C  C   . GLN A 1 152 ? -9.109  -3.735  -12.374 1.00 12.77 ? 265 GLN A C   1 
ATOM   1170 O  O   . GLN A 1 152 ? -9.882  -4.610  -12.003 1.00 12.22 ? 265 GLN A O   1 
ATOM   1171 C  CB  . GLN A 1 152 ? -7.053  -5.038  -12.934 1.00 12.93 ? 265 GLN A CB  1 
ATOM   1172 C  CG  . GLN A 1 152 ? -7.109  -4.797  -14.463 1.00 15.28 ? 265 GLN A CG  1 
ATOM   1173 C  CD  . GLN A 1 152 ? -6.319  -5.848  -15.242 1.00 19.37 ? 265 GLN A CD  1 
ATOM   1174 O  OE1 . GLN A 1 152 ? -5.884  -6.837  -14.668 1.00 26.41 ? 265 GLN A OE1 1 
ATOM   1175 N  NE2 . GLN A 1 152 ? -6.091  -5.613  -16.532 1.00 18.43 ? 265 GLN A NE2 1 
ATOM   1176 N  N   . SER A 1 153 ? -9.491  -2.638  -13.027 1.00 13.56 ? 266 SER A N   1 
ATOM   1177 C  CA  . SER A 1 153 ? -10.897 -2.290  -13.287 1.00 14.46 ? 266 SER A CA  1 
ATOM   1178 C  C   . SER A 1 153 ? -11.824 -2.536  -12.080 1.00 14.15 ? 266 SER A C   1 
ATOM   1179 O  O   . SER A 1 153 ? -12.860 -3.207  -12.181 1.00 14.31 ? 266 SER A O   1 
ATOM   1180 C  CB  . SER A 1 153 ? -11.406 -2.980  -14.568 1.00 15.49 ? 266 SER A CB  1 
ATOM   1181 O  OG  . SER A 1 153 ? -10.447 -2.826  -15.613 1.00 16.95 ? 266 SER A OG  1 
ATOM   1182 N  N   . GLY A 1 154 ? -11.430 -1.977  -10.941 1.00 13.74 ? 267 GLY A N   1 
ATOM   1183 C  CA  . GLY A 1 154 ? -12.190 -2.031  -9.685  1.00 13.55 ? 267 GLY A CA  1 
ATOM   1184 C  C   . GLY A 1 154 ? -12.218 -3.354  -8.926  1.00 12.41 ? 267 GLY A C   1 
ATOM   1185 O  O   . GLY A 1 154 ? -12.951 -3.485  -7.961  1.00 12.17 ? 267 GLY A O   1 
ATOM   1186 N  N   . THR A 1 155 ? -11.432 -4.337  -9.363  1.00 11.77 ? 268 THR A N   1 
ATOM   1187 C  CA  . THR A 1 155 ? -11.442 -5.674  -8.772  1.00 11.65 ? 268 THR A CA  1 
ATOM   1188 C  C   . THR A 1 155 ? -10.043 -6.048  -8.240  1.00 11.43 ? 268 THR A C   1 
ATOM   1189 O  O   . THR A 1 155 ? -9.043  -5.713  -8.866  1.00 10.60 ? 268 THR A O   1 
ATOM   1190 C  CB  . THR A 1 155 ? -11.879 -6.690  -9.848  1.00 12.39 ? 268 THR A CB  1 
ATOM   1191 O  OG1 . THR A 1 155 ? -13.199 -6.357  -10.270 1.00 14.18 ? 268 THR A OG1 1 
ATOM   1192 C  CG2 . THR A 1 155 ? -11.904 -8.114  -9.291  1.00 13.99 ? 268 THR A CG2 1 
ATOM   1193 N  N   . ILE A 1 156 ? -9.978  -6.738  -7.103  1.00 10.43 ? 269 ILE A N   1 
ATOM   1194 C  CA  . ILE A 1 156 ? -8.688  -7.164  -6.549  1.00 10.89 ? 269 ILE A CA  1 
ATOM   1195 C  C   . ILE A 1 156 ? -8.211  -8.424  -7.274  1.00 11.90 ? 269 ILE A C   1 
ATOM   1196 O  O   . ILE A 1 156 ? -8.900  -9.455  -7.252  1.00 11.61 ? 269 ILE A O   1 
ATOM   1197 C  CB  . ILE A 1 156 ? -8.793  -7.458  -5.058  1.00 11.51 ? 269 ILE A CB  1 
ATOM   1198 C  CG1 . ILE A 1 156 ? -9.241  -6.187  -4.331  1.00 11.21 ? 269 ILE A CG1 1 
ATOM   1199 C  CG2 . ILE A 1 156 ? -7.431  -8.019  -4.484  1.00 10.11 ? 269 ILE A CG2 1 
ATOM   1200 C  CD1 . ILE A 1 156 ? -9.449  -6.336  -2.858  1.00 12.10 ? 269 ILE A CD1 1 
HETATM 1201 N  N   . MSE A 1 157 ? -7.044  -8.328  -7.904  1.00 11.40 ? 270 MSE A N   1 
HETATM 1202 C  CA  . MSE A 1 157 ? -6.504  -9.404  -8.723  1.00 13.36 ? 270 MSE A CA  1 
HETATM 1203 C  C   . MSE A 1 157 ? -5.464  -10.163 -7.925  1.00 12.24 ? 270 MSE A C   1 
HETATM 1204 O  O   . MSE A 1 157 ? -5.183  -11.321 -8.194  1.00 11.83 ? 270 MSE A O   1 
HETATM 1205 C  CB  . MSE A 1 157 ? -5.851  -8.854  -9.999  1.00 13.67 ? 270 MSE A CB  1 
HETATM 1206 C  CG  . MSE A 1 157 ? -6.777  -8.028  -10.862 1.00 21.67 ? 270 MSE A CG  1 
HETATM 1207 SE SE  . MSE A 1 157 ? -8.247  -9.143  -11.625 1.00 39.54 ? 270 MSE A SE  1 
HETATM 1208 C  CE  . MSE A 1 157 ? -9.382  -9.519  -10.092 1.00 37.01 ? 270 MSE A CE  1 
ATOM   1209 N  N   . TYR A 1 158 ? -4.879  -9.487  -6.941  1.00 11.36 ? 271 TYR A N   1 
ATOM   1210 C  CA  . TYR A 1 158 ? -3.823  -10.081 -6.170  1.00 11.52 ? 271 TYR A CA  1 
ATOM   1211 C  C   . TYR A 1 158 ? -3.860  -9.488  -4.777  1.00 11.58 ? 271 TYR A C   1 
ATOM   1212 O  O   . TYR A 1 158 ? -3.790  -8.263  -4.617  1.00 10.13 ? 271 TYR A O   1 
ATOM   1213 C  CB  . TYR A 1 158 ? -2.440  -9.854  -6.817  1.00 11.70 ? 271 TYR A CB  1 
ATOM   1214 C  CG  . TYR A 1 158 ? -1.321  -10.305 -5.901  1.00 14.92 ? 271 TYR A CG  1 
ATOM   1215 C  CD1 . TYR A 1 158 ? -0.959  -11.665 -5.804  1.00 15.78 ? 271 TYR A CD1 1 
ATOM   1216 C  CD2 . TYR A 1 158 ? -0.672  -9.389  -5.078  1.00 13.42 ? 271 TYR A CD2 1 
ATOM   1217 C  CE1 . TYR A 1 158 ? 0.096   -12.090 -4.913  1.00 17.01 ? 271 TYR A CE1 1 
ATOM   1218 C  CE2 . TYR A 1 158 ? 0.356   -9.797  -4.175  1.00 14.04 ? 271 TYR A CE2 1 
ATOM   1219 C  CZ  . TYR A 1 158 ? 0.728   -11.140 -4.101  1.00 16.23 ? 271 TYR A CZ  1 
ATOM   1220 O  OH  . TYR A 1 158 ? 1.726   -11.496 -3.221  1.00 16.28 ? 271 TYR A OH  1 
ATOM   1221 N  N   . GLN A 1 159 ? -3.970  -10.361 -3.782  1.00 11.24 ? 272 GLN A N   1 
ATOM   1222 C  CA  . GLN A 1 159 ? -3.875  -9.921  -2.389  1.00 11.48 ? 272 GLN A CA  1 
ATOM   1223 C  C   . GLN A 1 159 ? -2.634  -10.559 -1.775  1.00 11.85 ? 272 GLN A C   1 
ATOM   1224 O  O   . GLN A 1 159 ? -2.491  -11.797 -1.770  1.00 13.22 ? 272 GLN A O   1 
ATOM   1225 C  CB  . GLN A 1 159 ? -5.146  -10.278 -1.619  1.00 10.59 ? 272 GLN A CB  1 
ATOM   1226 C  CG  . GLN A 1 159 ? -5.040  -10.064 -0.075  1.00 13.76 ? 272 GLN A CG  1 
ATOM   1227 C  CD  . GLN A 1 159 ? -6.357  -10.368 0.601   1.00 16.81 ? 272 GLN A CD  1 
ATOM   1228 O  OE1 . GLN A 1 159 ? -7.034  -9.470  1.122   1.00 18.12 ? 272 GLN A OE1 1 
ATOM   1229 N  NE2 . GLN A 1 159 ? -6.769  -11.615 0.524   1.00 15.54 ? 272 GLN A NE2 1 
ATOM   1230 N  N   . GLY A 1 160 ? -1.723  -9.728  -1.291  1.00 11.76 ? 273 GLY A N   1 
ATOM   1231 C  CA  . GLY A 1 160 ? -0.480  -10.215 -0.728  1.00 12.37 ? 273 GLY A CA  1 
ATOM   1232 C  C   . GLY A 1 160 ? -0.811  -11.093 0.471   1.00 13.71 ? 273 GLY A C   1 
ATOM   1233 O  O   . GLY A 1 160 ? -1.576  -10.703 1.360   1.00 12.98 ? 273 GLY A O   1 
ATOM   1234 N  N   . GLY A 1 161 ? -0.249  -12.294 0.484   1.00 14.90 ? 274 GLY A N   1 
ATOM   1235 C  CA  . GLY A 1 161 ? -0.635  -13.274 1.489   1.00 16.92 ? 274 GLY A CA  1 
ATOM   1236 C  C   . GLY A 1 161 ? 0.209   -13.015 2.693   1.00 18.64 ? 274 GLY A C   1 
ATOM   1237 O  O   . GLY A 1 161 ? 1.379   -12.623 2.576   1.00 19.40 ? 274 GLY A O   1 
ATOM   1238 N  N   . ARG A 1 162 ? -0.396  -13.188 3.855   1.00 20.15 ? 275 ARG A N   1 
ATOM   1239 C  CA  . ARG A 1 162 ? 0.323   -13.157 5.095   1.00 21.47 ? 275 ARG A CA  1 
ATOM   1240 C  C   . ARG A 1 162 ? 1.138   -14.438 5.115   1.00 22.32 ? 275 ARG A C   1 
ATOM   1241 O  O   . ARG A 1 162 ? 0.785   -15.412 4.457   1.00 21.37 ? 275 ARG A O   1 
ATOM   1242 C  CB  . ARG A 1 162 ? -0.666  -13.080 6.273   1.00 21.12 ? 275 ARG A CB  1 
ATOM   1243 C  CG  . ARG A 1 162 ? -1.411  -11.729 6.342   1.00 23.05 ? 275 ARG A CG  1 
ATOM   1244 C  CD  . ARG A 1 162 ? -0.395  -10.577 6.492   1.00 23.23 ? 275 ARG A CD  1 
ATOM   1245 N  NE  . ARG A 1 162 ? -0.980  -9.233  6.642   1.00 23.56 ? 275 ARG A NE  1 
ATOM   1246 C  CZ  . ARG A 1 162 ? -0.383  -8.113  6.230   1.00 24.96 ? 275 ARG A CZ  1 
ATOM   1247 N  NH1 . ARG A 1 162 ? 0.789   -8.175  5.579   1.00 23.87 ? 275 ARG A NH1 1 
ATOM   1248 N  NH2 . ARG A 1 162 ? -0.967  -6.927  6.437   1.00 26.36 ? 275 ARG A NH2 1 
ATOM   1249 N  N   . GLY A 1 163 ? 2.233   -14.438 5.857   1.00 23.31 ? 276 GLY A N   1 
ATOM   1250 C  CA  . GLY A 1 163 ? 3.096   -15.612 5.873   1.00 24.68 ? 276 GLY A CA  1 
ATOM   1251 C  C   . GLY A 1 163 ? 4.526   -15.144 5.939   1.00 26.09 ? 276 GLY A C   1 
ATOM   1252 O  O   . GLY A 1 163 ? 4.762   -13.984 6.257   1.00 25.17 ? 276 GLY A O   1 
ATOM   1253 N  N   . PRO A 1 164 ? 5.485   -16.039 5.637   1.00 27.31 ? 277 PRO A N   1 
ATOM   1254 C  CA  . PRO A 1 164 ? 6.905   -15.689 5.745   1.00 28.75 ? 277 PRO A CA  1 
ATOM   1255 C  C   . PRO A 1 164 ? 7.230   -14.486 4.884   1.00 30.02 ? 277 PRO A C   1 
ATOM   1256 O  O   . PRO A 1 164 ? 6.814   -14.440 3.721   1.00 29.91 ? 277 PRO A O   1 
ATOM   1257 C  CB  . PRO A 1 164 ? 7.640   -16.946 5.221   1.00 28.27 ? 277 PRO A CB  1 
ATOM   1258 C  CG  . PRO A 1 164 ? 6.626   -17.766 4.557   1.00 27.96 ? 277 PRO A CG  1 
ATOM   1259 C  CD  . PRO A 1 164 ? 5.295   -17.431 5.195   1.00 27.87 ? 277 PRO A CD  1 
ATOM   1260 N  N   . ASP A 1 165 ? 7.943   -13.515 5.456   1.00 31.63 ? 278 ASP A N   1 
ATOM   1261 C  CA  . ASP A 1 165 ? 8.346   -12.326 4.695   1.00 33.28 ? 278 ASP A CA  1 
ATOM   1262 C  C   . ASP A 1 165 ? 9.340   -12.744 3.625   1.00 34.10 ? 278 ASP A C   1 
ATOM   1263 O  O   . ASP A 1 165 ? 10.162  -13.627 3.855   1.00 34.62 ? 278 ASP A O   1 
ATOM   1264 C  CB  . ASP A 1 165 ? 8.916   -11.210 5.593   1.00 33.30 ? 278 ASP A CB  1 
ATOM   1265 C  CG  . ASP A 1 165 ? 10.317  -11.503 6.100   1.00 34.12 ? 278 ASP A CG  1 
ATOM   1266 N  N   . GLY A 1 166 ? 9.222   -12.128 2.450   1.00 35.21 ? 279 GLY A N   1 
ATOM   1267 C  CA  . GLY A 1 166 ? 10.120  -12.412 1.331   1.00 35.15 ? 279 GLY A CA  1 
ATOM   1268 C  C   . GLY A 1 166 ? 9.271   -12.856 0.167   1.00 35.02 ? 279 GLY A C   1 
ATOM   1269 O  O   . GLY A 1 166 ? 9.457   -12.412 -0.981  1.00 35.88 ? 279 GLY A O   1 
ATOM   1270 N  N   . TYR A 1 167 ? 8.316   -13.718 0.478   1.00 33.89 ? 280 TYR A N   1 
ATOM   1271 C  CA  . TYR A 1 167 ? 7.417   -14.254 -0.520  1.00 33.34 ? 280 TYR A CA  1 
ATOM   1272 C  C   . TYR A 1 167 ? 6.503   -13.223 -1.189  1.00 31.85 ? 280 TYR A C   1 
ATOM   1273 O  O   . TYR A 1 167 ? 6.237   -13.340 -2.372  1.00 31.47 ? 280 TYR A O   1 
ATOM   1274 C  CB  . TYR A 1 167 ? 6.613   -15.420 0.052   1.00 33.83 ? 280 TYR A CB  1 
ATOM   1275 C  CG  . TYR A 1 167 ? 7.461   -16.655 0.264   1.00 37.43 ? 280 TYR A CG  1 
ATOM   1276 C  CD1 . TYR A 1 167 ? 8.759   -16.742 -0.285  1.00 39.44 ? 280 TYR A CD1 1 
ATOM   1277 C  CD2 . TYR A 1 167 ? 6.970   -17.754 0.983   1.00 39.52 ? 280 TYR A CD2 1 
ATOM   1278 C  CE1 . TYR A 1 167 ? 9.559   -17.878 -0.098  1.00 41.48 ? 280 TYR A CE1 1 
ATOM   1279 C  CE2 . TYR A 1 167 ? 7.765   -18.898 1.176   1.00 42.25 ? 280 TYR A CE2 1 
ATOM   1280 C  CZ  . TYR A 1 167 ? 9.055   -18.946 0.628   1.00 42.05 ? 280 TYR A CZ  1 
ATOM   1281 O  OH  . TYR A 1 167 ? 9.834   -20.060 0.804   1.00 43.94 ? 280 TYR A OH  1 
ATOM   1282 N  N   . GLN A 1 168 ? 6.050   -12.203 -0.457  1.00 30.24 ? 281 GLN A N   1 
ATOM   1283 C  CA  . GLN A 1 168 ? 5.141   -11.206 -1.050  1.00 28.29 ? 281 GLN A CA  1 
ATOM   1284 C  C   . GLN A 1 168 ? 5.670   -10.580 -2.341  1.00 26.73 ? 281 GLN A C   1 
ATOM   1285 O  O   . GLN A 1 168 ? 4.900   -10.429 -3.284  1.00 26.56 ? 281 GLN A O   1 
ATOM   1286 C  CB  . GLN A 1 168 ? 4.703   -10.125 -0.047  1.00 28.45 ? 281 GLN A CB  1 
ATOM   1287 C  CG  . GLN A 1 168 ? 3.212   -10.194 0.360   1.00 27.01 ? 281 GLN A CG  1 
ATOM   1288 C  CD  . GLN A 1 168 ? 2.763   -8.928  1.121   1.00 27.66 ? 281 GLN A CD  1 
ATOM   1289 O  OE1 . GLN A 1 168 ? 1.656   -8.447  0.963   1.00 21.58 ? 281 GLN A OE1 1 
ATOM   1290 N  NE2 . GLN A 1 168 ? 3.652   -8.393  1.947   1.00 32.41 ? 281 GLN A NE2 1 
ATOM   1291 N  N   . VAL A 1 169 ? 6.955   -10.224 -2.395  1.00 25.66 ? 282 VAL A N   1 
ATOM   1292 C  CA  . VAL A 1 169 ? 7.517   -9.652  -3.635  1.00 24.19 ? 282 VAL A CA  1 
ATOM   1293 C  C   . VAL A 1 169 ? 7.659   -10.694 -4.750  1.00 22.25 ? 282 VAL A C   1 
ATOM   1294 O  O   . VAL A 1 169 ? 7.323   -10.412 -5.913  1.00 20.12 ? 282 VAL A O   1 
ATOM   1295 C  CB  . VAL A 1 169 ? 8.869   -8.891  -3.442  1.00 25.24 ? 282 VAL A CB  1 
ATOM   1296 C  CG1 . VAL A 1 169 ? 9.926   -9.783  -2.824  1.00 25.70 ? 282 VAL A CG1 1 
ATOM   1297 C  CG2 . VAL A 1 169 ? 9.387   -8.311  -4.812  1.00 27.17 ? 282 VAL A CG2 1 
ATOM   1298 N  N   . SER A 1 170 ? 8.149   -11.889 -4.404  1.00 20.32 ? 283 SER A N   1 
ATOM   1299 C  CA  . SER A 1 170 ? 8.271   -12.936 -5.407  1.00 19.36 ? 283 SER A CA  1 
ATOM   1300 C  C   . SER A 1 170 ? 6.889   -13.326 -5.950  1.00 17.89 ? 283 SER A C   1 
ATOM   1301 O  O   . SER A 1 170 ? 6.757   -13.599 -7.129  1.00 17.01 ? 283 SER A O   1 
ATOM   1302 C  CB  . SER A 1 170 ? 9.039   -14.153 -4.881  1.00 20.55 ? 283 SER A CB  1 
ATOM   1303 O  OG  . SER A 1 170 ? 8.332   -14.776 -3.826  1.00 23.08 ? 283 SER A OG  1 
ATOM   1304 N  N   . GLU A 1 171 ? 5.858   -13.330 -5.090  1.00 16.41 ? 284 GLU A N   1 
ATOM   1305 C  CA  . GLU A 1 171 ? 4.483   -13.676 -5.517  1.00 15.36 ? 284 GLU A CA  1 
ATOM   1306 C  C   . GLU A 1 171 ? 3.841   -12.573 -6.389  1.00 13.85 ? 284 GLU A C   1 
ATOM   1307 O  O   . GLU A 1 171 ? 3.095   -12.850 -7.349  1.00 12.45 ? 284 GLU A O   1 
ATOM   1308 C  CB  . GLU A 1 171 ? 3.602   -13.981 -4.299  1.00 15.70 ? 284 GLU A CB  1 
ATOM   1309 C  CG  . GLU A 1 171 ? 3.960   -15.302 -3.616  1.00 17.05 ? 284 GLU A CG  1 
ATOM   1310 N  N   . LEU A 1 172 ? 4.182   -11.324 -6.086  1.00 12.56 ? 285 LEU A N   1 
ATOM   1311 C  CA  . LEU A 1 172 ? 3.737   -10.225 -6.919  1.00 11.66 ? 285 LEU A CA  1 
ATOM   1312 C  C   . LEU A 1 172 ? 4.467   -10.255 -8.279  1.00 11.69 ? 285 LEU A C   1 
ATOM   1313 O  O   . LEU A 1 172 ? 3.868   -10.007 -9.347  1.00 11.75 ? 285 LEU A O   1 
ATOM   1314 C  CB  . LEU A 1 172 ? 4.001   -8.901  -6.200  1.00 10.82 ? 285 LEU A CB  1 
ATOM   1315 C  CG  . LEU A 1 172 ? 3.867   -7.642  -7.056  1.00 11.41 ? 285 LEU A CG  1 
ATOM   1316 C  CD1 . LEU A 1 172 ? 2.395   -7.426  -7.501  1.00 10.68 ? 285 LEU A CD1 1 
ATOM   1317 C  CD2 . LEU A 1 172 ? 4.398   -6.400  -6.280  1.00 12.47 ? 285 LEU A CD2 1 
ATOM   1318 N  N   . ARG A 1 173 ? 5.765   -10.541 -8.239  1.00 11.12 ? 286 ARG A N   1 
ATOM   1319 C  CA  . ARG A 1 173 ? 6.558   -10.613 -9.460  1.00 11.70 ? 286 ARG A CA  1 
ATOM   1320 C  C   . ARG A 1 173 ? 5.956   -11.703 -10.335 1.00 11.77 ? 286 ARG A C   1 
ATOM   1321 O  O   . ARG A 1 173 ? 5.845   -11.519 -11.564 1.00 10.64 ? 286 ARG A O   1 
ATOM   1322 C  CB  . ARG A 1 173 ? 8.024   -10.925 -9.120  1.00 12.46 ? 286 ARG A CB  1 
ATOM   1323 C  CG  . ARG A 1 173 ? 8.931   -11.294 -10.295 1.00 15.60 ? 286 ARG A CG  1 
ATOM   1324 C  CD  . ARG A 1 173 ? 10.326  -11.722 -9.738  1.00 21.14 ? 286 ARG A CD  1 
ATOM   1325 N  NE  . ARG A 1 173 ? 11.019  -10.548 -9.199  1.00 25.47 ? 286 ARG A NE  1 
ATOM   1326 C  CZ  . ARG A 1 173 ? 11.321  -10.348 -7.914  1.00 28.33 ? 286 ARG A CZ  1 
ATOM   1327 N  NH1 . ARG A 1 173 ? 11.030  -11.261 -6.989  1.00 24.99 ? 286 ARG A NH1 1 
ATOM   1328 N  NH2 . ARG A 1 173 ? 11.949  -9.222  -7.568  1.00 30.52 ? 286 ARG A NH2 1 
ATOM   1329 N  N   . THR A 1 174 ? 5.564   -12.829 -9.711  1.00 10.65 ? 287 THR A N   1 
ATOM   1330 C  CA  . THR A 1 174 ? 4.898   -13.900 -10.445 1.00 11.26 ? 287 THR A CA  1 
ATOM   1331 C  C   . THR A 1 174 ? 3.615   -13.434 -11.148 1.00 10.98 ? 287 THR A C   1 
ATOM   1332 O  O   . THR A 1 174 ? 3.423   -13.692 -12.354 1.00 10.34 ? 287 THR A O   1 
ATOM   1333 C  CB  . THR A 1 174 ? 4.611   -15.141 -9.538  1.00 12.15 ? 287 THR A CB  1 
ATOM   1334 O  OG1 . THR A 1 174 ? 5.863   -15.723 -9.179  1.00 11.48 ? 287 THR A OG1 1 
ATOM   1335 C  CG2 . THR A 1 174 ? 3.778   -16.178 -10.255 1.00 12.77 ? 287 THR A CG2 1 
ATOM   1336 N  N   . TRP A 1 175 ? 2.749   -12.750 -10.413 1.00 10.58 ? 288 TRP A N   1 
ATOM   1337 C  CA  . TRP A 1 175 ? 1.537   -12.185 -11.024 1.00 10.70 ? 288 TRP A CA  1 
ATOM   1338 C  C   . TRP A 1 175 ? 1.903   -11.294 -12.237 1.00 10.63 ? 288 TRP A C   1 
ATOM   1339 O  O   . TRP A 1 175 ? 1.297   -11.423 -13.331 1.00 12.47 ? 288 TRP A O   1 
ATOM   1340 C  CB  . TRP A 1 175 ? 0.685   -11.405 -9.997  1.00 8.55  ? 288 TRP A CB  1 
ATOM   1341 C  CG  . TRP A 1 175 ? -0.694  -11.111 -10.524 1.00 9.69  ? 288 TRP A CG  1 
ATOM   1342 C  CD1 . TRP A 1 175 ? -1.827  -11.850 -10.312 1.00 9.58  ? 288 TRP A CD1 1 
ATOM   1343 C  CD2 . TRP A 1 175 ? -1.074  -10.036 -11.395 1.00 8.43  ? 288 TRP A CD2 1 
ATOM   1344 N  NE1 . TRP A 1 175 ? -2.894  -11.291 -10.995 1.00 11.96 ? 288 TRP A NE1 1 
ATOM   1345 C  CE2 . TRP A 1 175 ? -2.458  -10.179 -11.663 1.00 9.89  ? 288 TRP A CE2 1 
ATOM   1346 C  CE3 . TRP A 1 175 ? -0.381  -8.958  -11.966 1.00 8.93  ? 288 TRP A CE3 1 
ATOM   1347 C  CZ2 . TRP A 1 175 ? -3.158  -9.284  -12.478 1.00 9.98  ? 288 TRP A CZ2 1 
ATOM   1348 C  CZ3 . TRP A 1 175 ? -1.075  -8.074  -12.773 1.00 8.86  ? 288 TRP A CZ3 1 
ATOM   1349 C  CH2 . TRP A 1 175 ? -2.442  -8.241  -13.029 1.00 8.90  ? 288 TRP A CH2 1 
ATOM   1350 N  N   . LEU A 1 176 ? 2.870   -10.391 -12.063 1.00 9.65  ? 289 LEU A N   1 
ATOM   1351 C  CA  . LEU A 1 176 ? 3.242   -9.418  -13.129 1.00 8.74  ? 289 LEU A CA  1 
ATOM   1352 C  C   . LEU A 1 176 ? 3.867   -10.110 -14.332 1.00 9.57  ? 289 LEU A C   1 
ATOM   1353 O  O   . LEU A 1 176 ? 3.564   -9.768  -15.496 1.00 7.88  ? 289 LEU A O   1 
ATOM   1354 C  CB  . LEU A 1 176 ? 4.227   -8.386  -12.591 1.00 8.43  ? 289 LEU A CB  1 
ATOM   1355 C  CG  . LEU A 1 176 ? 3.634   -7.453  -11.541 1.00 8.39  ? 289 LEU A CG  1 
ATOM   1356 C  CD1 . LEU A 1 176 ? 4.763   -6.775  -10.806 1.00 9.88  ? 289 LEU A CD1 1 
ATOM   1357 C  CD2 . LEU A 1 176 ? 2.752   -6.466  -12.252 1.00 7.16  ? 289 LEU A CD2 1 
ATOM   1358 N  N   . GLU A 1 177 ? 4.683   -11.131 -14.040 1.00 9.71  ? 290 GLU A N   1 
ATOM   1359 C  CA  . GLU A 1 177 ? 5.311   -11.935 -15.079 1.00 11.80 ? 290 GLU A CA  1 
ATOM   1360 C  C   . GLU A 1 177 ? 4.258   -12.576 -15.965 1.00 11.89 ? 290 GLU A C   1 
ATOM   1361 O  O   . GLU A 1 177 ? 4.356   -12.548 -17.181 1.00 12.17 ? 290 GLU A O   1 
ATOM   1362 C  CB  . GLU A 1 177 ? 6.200   -13.046 -14.450 1.00 12.17 ? 290 GLU A CB  1 
ATOM   1363 C  CG  . GLU A 1 177 ? 7.582   -12.511 -14.060 1.00 15.39 ? 290 GLU A CG  1 
ATOM   1364 C  CD  . GLU A 1 177 ? 8.513   -13.528 -13.385 1.00 20.60 ? 290 GLU A CD  1 
ATOM   1365 O  OE1 . GLU A 1 177 ? 9.663   -13.131 -13.050 1.00 22.28 ? 290 GLU A OE1 1 
ATOM   1366 O  OE2 . GLU A 1 177 ? 8.111   -14.704 -13.180 1.00 22.88 ? 290 GLU A OE2 1 
ATOM   1367 N  N   . ARG A 1 178 ? 3.238   -13.140 -15.329 1.00 12.48 ? 291 ARG A N   1 
ATOM   1368 C  CA  . ARG A 1 178 ? 2.187   -13.855 -16.043 1.00 12.40 ? 291 ARG A CA  1 
ATOM   1369 C  C   . ARG A 1 178 ? 1.292   -12.930 -16.870 1.00 11.45 ? 291 ARG A C   1 
ATOM   1370 O  O   . ARG A 1 178 ? 0.920   -13.253 -18.007 1.00 11.01 ? 291 ARG A O   1 
ATOM   1371 C  CB  . ARG A 1 178 ? 1.365   -14.683 -15.035 1.00 14.00 ? 291 ARG A CB  1 
ATOM   1372 C  CG  . ARG A 1 178 ? 2.155   -15.920 -14.451 1.00 16.76 ? 291 ARG A CG  1 
ATOM   1373 C  CD  . ARG A 1 178 ? 2.224   -17.103 -15.486 1.00 22.84 ? 291 ARG A CD  1 
ATOM   1374 N  NE  . ARG A 1 178 ? 0.883   -17.452 -15.971 1.00 23.63 ? 291 ARG A NE  1 
ATOM   1375 C  CZ  . ARG A 1 178 ? 0.118   -18.424 -15.462 1.00 26.18 ? 291 ARG A CZ  1 
ATOM   1376 N  NH1 . ARG A 1 178 ? 0.565   -19.213 -14.486 1.00 26.26 ? 291 ARG A NH1 1 
ATOM   1377 N  NH2 . ARG A 1 178 ? -1.102  -18.614 -15.943 1.00 26.35 ? 291 ARG A NH2 1 
ATOM   1378 N  N   . TYR A 1 179 ? 0.940   -11.780 -16.303 1.00 9.76  ? 292 TYR A N   1 
ATOM   1379 C  CA  . TYR A 1 179 ? 0.243   -10.741 -17.047 1.00 9.73  ? 292 TYR A CA  1 
ATOM   1380 C  C   . TYR A 1 179 ? 1.047   -10.248 -18.291 1.00 10.10 ? 292 TYR A C   1 
ATOM   1381 O  O   . TYR A 1 179 ? 0.538   -10.260 -19.407 1.00 10.12 ? 292 TYR A O   1 
ATOM   1382 C  CB  . TYR A 1 179 ? -0.078  -9.545  -16.118 1.00 8.91  ? 292 TYR A CB  1 
ATOM   1383 C  CG  . TYR A 1 179 ? -0.915  -8.498  -16.781 1.00 8.78  ? 292 TYR A CG  1 
ATOM   1384 C  CD1 . TYR A 1 179 ? -2.210  -8.808  -17.279 1.00 11.73 ? 292 TYR A CD1 1 
ATOM   1385 C  CD2 . TYR A 1 179 ? -0.426  -7.203  -16.972 1.00 10.05 ? 292 TYR A CD2 1 
ATOM   1386 C  CE1 . TYR A 1 179 ? -2.993  -7.831  -17.912 1.00 11.53 ? 292 TYR A CE1 1 
ATOM   1387 C  CE2 . TYR A 1 179 ? -1.208  -6.214  -17.605 1.00 9.58  ? 292 TYR A CE2 1 
ATOM   1388 C  CZ  . TYR A 1 179 ? -2.469  -6.545  -18.073 1.00 10.34 ? 292 TYR A CZ  1 
ATOM   1389 O  OH  . TYR A 1 179 ? -3.222  -5.591  -18.670 1.00 14.07 ? 292 TYR A OH  1 
ATOM   1390 N  N   . ASP A 1 180 ? 2.297   -9.836  -18.096 1.00 9.53  ? 293 ASP A N   1 
ATOM   1391 C  CA  . ASP A 1 180 ? 3.185   -9.420  -19.216 1.00 11.50 ? 293 ASP A CA  1 
ATOM   1392 C  C   . ASP A 1 180 ? 3.295   -10.497 -20.322 1.00 11.72 ? 293 ASP A C   1 
ATOM   1393 O  O   . ASP A 1 180 ? 3.254   -10.183 -21.533 1.00 11.42 ? 293 ASP A O   1 
ATOM   1394 C  CB  . ASP A 1 180 ? 4.589   -9.111  -18.654 1.00 12.11 ? 293 ASP A CB  1 
ATOM   1395 C  CG  . ASP A 1 180 ? 5.594   -8.804  -19.725 1.00 14.28 ? 293 ASP A CG  1 
ATOM   1396 O  OD1 . ASP A 1 180 ? 5.631   -7.647  -20.187 1.00 13.43 ? 293 ASP A OD1 1 
ATOM   1397 O  OD2 . ASP A 1 180 ? 6.358   -9.731  -20.092 1.00 15.78 ? 293 ASP A OD2 1 
ATOM   1398 N  N   . GLU A 1 181 ? 3.482   -11.746 -19.897 1.00 12.23 ? 294 GLU A N   1 
ATOM   1399 C  CA  . GLU A 1 181 ? 3.518   -12.881 -20.807 1.00 13.64 ? 294 GLU A CA  1 
ATOM   1400 C  C   . GLU A 1 181 ? 2.213   -13.007 -21.621 1.00 14.10 ? 294 GLU A C   1 
ATOM   1401 O  O   . GLU A 1 181 ? 2.251   -13.286 -22.819 1.00 13.86 ? 294 GLU A O   1 
ATOM   1402 C  CB  . GLU A 1 181 ? 3.802   -14.166 -19.998 1.00 13.94 ? 294 GLU A CB  1 
ATOM   1403 C  CG  . GLU A 1 181 ? 4.082   -15.407 -20.811 1.00 18.92 ? 294 GLU A CG  1 
ATOM   1404 C  CD  . GLU A 1 181 ? 4.318   -16.630 -19.928 1.00 25.51 ? 294 GLU A CD  1 
ATOM   1405 O  OE1 . GLU A 1 181 ? 3.410   -16.971 -19.121 1.00 28.23 ? 294 GLU A OE1 1 
ATOM   1406 O  OE2 . GLU A 1 181 ? 5.394   -17.268 -20.060 1.00 27.88 ? 294 GLU A OE2 1 
ATOM   1407 N  N   . GLN A 1 182 ? 1.060   -12.823 -20.981 1.00 15.40 ? 295 GLN A N   1 
ATOM   1408 C  CA  . GLN A 1 182 ? -0.216  -12.854 -21.703 1.00 16.48 ? 295 GLN A CA  1 
ATOM   1409 C  C   . GLN A 1 182 ? -0.278  -11.726 -22.734 1.00 16.77 ? 295 GLN A C   1 
ATOM   1410 O  O   . GLN A 1 182 ? -0.788  -11.905 -23.850 1.00 16.91 ? 295 GLN A O   1 
ATOM   1411 C  CB  . GLN A 1 182 ? -1.399  -12.743 -20.754 1.00 16.86 ? 295 GLN A CB  1 
ATOM   1412 C  CG  . GLN A 1 182 ? -1.642  -13.992 -19.930 1.00 20.56 ? 295 GLN A CG  1 
ATOM   1413 C  CD  . GLN A 1 182 ? -2.715  -13.786 -18.868 1.00 27.60 ? 295 GLN A CD  1 
ATOM   1414 O  OE1 . GLN A 1 182 ? -2.766  -12.744 -18.208 1.00 31.69 ? 295 GLN A OE1 1 
ATOM   1415 N  NE2 . GLN A 1 182 ? -3.571  -14.778 -18.700 1.00 30.11 ? 295 GLN A NE2 1 
ATOM   1416 N  N   . LEU A 1 183 ? 0.255   -10.567 -22.371 1.00 15.88 ? 296 LEU A N   1 
ATOM   1417 C  CA  . LEU A 1 183 ? 0.204   -9.433  -23.293 1.00 15.83 ? 296 LEU A CA  1 
ATOM   1418 C  C   . LEU A 1 183 ? 1.154   -9.584  -24.469 1.00 15.31 ? 296 LEU A C   1 
ATOM   1419 O  O   . LEU A 1 183 ? 0.786   -9.228  -25.610 1.00 15.71 ? 296 LEU A O   1 
ATOM   1420 C  CB  . LEU A 1 183 ? 0.462   -8.100  -22.555 1.00 15.16 ? 296 LEU A CB  1 
ATOM   1421 C  CG  . LEU A 1 183 ? -0.633  -7.652  -21.593 1.00 15.79 ? 296 LEU A CG  1 
ATOM   1422 C  CD1 . LEU A 1 183 ? -0.253  -6.314  -20.959 1.00 16.29 ? 296 LEU A CD1 1 
ATOM   1423 C  CD2 . LEU A 1 183 ? -1.956  -7.520  -22.305 1.00 16.82 ? 296 LEU A CD2 1 
ATOM   1424 N  N   . HIS A 1 184 ? 2.364   -10.086 -24.215 1.00 13.82 ? 297 HIS A N   1 
ATOM   1425 C  CA  . HIS A 1 184 ? 3.461   -9.875  -25.181 1.00 15.17 ? 297 HIS A CA  1 
ATOM   1426 C  C   . HIS A 1 184 ? 4.198   -11.123 -25.612 1.00 14.62 ? 297 HIS A C   1 
ATOM   1427 O  O   . HIS A 1 184 ? 5.047   -11.044 -26.486 1.00 15.51 ? 297 HIS A O   1 
ATOM   1428 C  CB  . HIS A 1 184 ? 4.478   -8.821  -24.683 1.00 14.50 ? 297 HIS A CB  1 
ATOM   1429 C  CG  . HIS A 1 184 ? 3.856   -7.497  -24.359 1.00 16.31 ? 297 HIS A CG  1 
ATOM   1430 N  ND1 . HIS A 1 184 ? 3.968   -6.899  -23.119 1.00 19.30 ? 297 HIS A ND1 1 
ATOM   1431 C  CD2 . HIS A 1 184 ? 3.116   -6.657  -25.116 1.00 13.46 ? 297 HIS A CD2 1 
ATOM   1432 C  CE1 . HIS A 1 184 ? 3.313   -5.748  -23.129 1.00 15.24 ? 297 HIS A CE1 1 
ATOM   1433 N  NE2 . HIS A 1 184 ? 2.787   -5.578  -24.328 1.00 18.07 ? 297 HIS A NE2 1 
ATOM   1434 N  N   . GLY A 1 185 ? 3.881   -12.254 -24.999 1.00 14.34 ? 298 GLY A N   1 
ATOM   1435 C  CA  . GLY A 1 185 ? 4.677   -13.462 -25.177 1.00 14.89 ? 298 GLY A CA  1 
ATOM   1436 C  C   . GLY A 1 185 ? 5.738   -13.616 -24.093 1.00 14.84 ? 298 GLY A C   1 
ATOM   1437 O  O   . GLY A 1 185 ? 6.061   -12.683 -23.371 1.00 14.42 ? 298 GLY A O   1 
ATOM   1438 N  N   . THR A 1 186 ? 6.262   -14.816 -23.959 1.00 15.17 ? 299 THR A N   1 
ATOM   1439 C  CA  . THR A 1 186 ? 7.248   -15.091 -22.929 1.00 16.22 ? 299 THR A CA  1 
ATOM   1440 C  C   . THR A 1 186 ? 8.490   -14.352 -23.319 1.00 16.12 ? 299 THR A C   1 
ATOM   1441 O  O   . THR A 1 186 ? 8.846   -14.304 -24.490 1.00 15.44 ? 299 THR A O   1 
ATOM   1442 C  CB  . THR A 1 186 ? 7.541   -16.608 -22.846 1.00 16.50 ? 299 THR A CB  1 
ATOM   1443 O  OG1 . THR A 1 186 ? 6.330   -17.299 -22.501 1.00 15.35 ? 299 THR A OG1 1 
ATOM   1444 C  CG2 . THR A 1 186 ? 8.680   -16.926 -21.840 1.00 17.43 ? 299 THR A CG2 1 
ATOM   1445 N  N   . ARG A 1 187 ? 9.135   -13.739 -22.339 1.00 17.74 ? 300 ARG A N   1 
ATOM   1446 C  CA  . ARG A 1 187 ? 10.434  -13.078 -22.582 1.00 19.20 ? 300 ARG A CA  1 
ATOM   1447 C  C   . ARG A 1 187 ? 11.494  -14.162 -22.749 1.00 20.62 ? 300 ARG A C   1 
ATOM   1448 O  O   . ARG A 1 187 ? 11.526  -15.110 -21.969 1.00 20.80 ? 300 ARG A O   1 
ATOM   1449 C  CB  . ARG A 1 187 ? 10.782  -12.145 -21.421 1.00 18.55 ? 300 ARG A CB  1 
ATOM   1450 C  CG  . ARG A 1 187 ? 9.731   -11.062 -21.260 1.00 19.39 ? 300 ARG A CG  1 
ATOM   1451 C  CD  . ARG A 1 187 ? 10.217  -9.962  -20.360 1.00 18.67 ? 300 ARG A CD  1 
ATOM   1452 N  NE  . ARG A 1 187 ? 9.188   -8.956  -20.146 1.00 17.97 ? 300 ARG A NE  1 
ATOM   1453 C  CZ  . ARG A 1 187 ? 9.442   -7.681  -19.847 1.00 18.19 ? 300 ARG A CZ  1 
ATOM   1454 N  NH1 . ARG A 1 187 ? 10.700  -7.260  -19.728 1.00 19.08 ? 300 ARG A NH1 1 
ATOM   1455 N  NH2 . ARG A 1 187 ? 8.438   -6.831  -19.675 1.00 16.50 ? 300 ARG A NH2 1 
ATOM   1456 N  N   . PRO A 1 188 ? 12.349  -14.036 -23.777 1.00 21.64 ? 301 PRO A N   1 
ATOM   1457 C  CA  . PRO A 1 188 ? 13.214  -15.143 -24.252 1.00 22.90 ? 301 PRO A CA  1 
ATOM   1458 C  C   . PRO A 1 188 ? 14.089  -15.794 -23.178 1.00 23.98 ? 301 PRO A C   1 
ATOM   1459 O  O   . PRO A 1 188 ? 14.586  -15.085 -22.295 1.00 25.12 ? 301 PRO A O   1 
ATOM   1460 C  CB  . PRO A 1 188 ? 14.094  -14.466 -25.309 1.00 22.90 ? 301 PRO A CB  1 
ATOM   1461 C  CG  . PRO A 1 188 ? 13.296  -13.299 -25.769 1.00 22.84 ? 301 PRO A CG  1 
ATOM   1462 C  CD  . PRO A 1 188 ? 12.513  -12.815 -24.586 1.00 21.57 ? 301 PRO A CD  1 
HETATM 1463 O  O   . HOH B 2 .   ? 8.477   -12.753 -26.446 1.00 27.89 ? 401 HOH A O   1 
HETATM 1464 O  O   . HOH B 2 .   ? -8.127  -13.118 -1.044  1.00 21.05 ? 402 HOH A O   1 
HETATM 1465 O  O   . HOH B 2 .   ? 3.338   10.341  18.627  1.00 17.33 ? 403 HOH A O   1 
HETATM 1466 O  O   . HOH B 2 .   ? 14.954  -4.722  -2.338  1.00 20.31 ? 404 HOH A O   1 
HETATM 1467 O  O   . HOH B 2 .   ? 0.582   -15.822 -18.231 1.00 28.66 ? 405 HOH A O   1 
HETATM 1468 O  O   . HOH B 2 .   ? -0.818  0.215   12.787  1.00 14.90 ? 406 HOH A O   1 
HETATM 1469 O  O   . HOH B 2 .   ? 6.644   -19.654 -23.627 1.00 13.56 ? 407 HOH A O   1 
HETATM 1470 O  O   . HOH B 2 .   ? 6.270   15.187  -0.813  1.00 34.74 ? 408 HOH A O   1 
HETATM 1471 O  O   . HOH B 2 .   ? 4.359   -3.236  14.853  1.00 18.34 ? 409 HOH A O   1 
HETATM 1472 O  O   . HOH B 2 .   ? 1.591   -2.777  -24.362 1.00 23.34 ? 410 HOH A O   1 
HETATM 1473 O  O   . HOH B 2 .   ? -8.718  -0.472  11.616  1.00 24.73 ? 411 HOH A O   1 
HETATM 1474 O  O   . HOH B 2 .   ? -9.556  -6.324  6.911   1.00 30.17 ? 412 HOH A O   1 
HETATM 1475 O  O   . HOH B 2 .   ? 13.914  -3.395  -13.720 1.00 16.68 ? 413 HOH A O   1 
HETATM 1476 O  O   . HOH B 2 .   ? 14.696  -3.473  6.243   1.00 14.30 ? 414 HOH A O   1 
HETATM 1477 O  O   . HOH B 2 .   ? -1.215  -12.310 -13.861 1.00 9.97  ? 415 HOH A O   1 
HETATM 1478 O  O   . HOH B 2 .   ? -1.355  -2.341  -21.488 1.00 12.87 ? 416 HOH A O   1 
HETATM 1479 O  O   . HOH B 2 .   ? 1.244   16.420  14.998  1.00 29.31 ? 417 HOH A O   1 
HETATM 1480 O  O   . HOH B 2 .   ? 5.841   16.370  15.455  1.00 21.41 ? 418 HOH A O   1 
HETATM 1481 O  O   . HOH B 2 .   ? 0.964   5.451   -10.372 1.00 25.05 ? 419 HOH A O   1 
HETATM 1482 O  O   . HOH B 2 .   ? 15.054  0.493   -11.938 1.00 29.38 ? 420 HOH A O   1 
HETATM 1483 O  O   . HOH B 2 .   ? 1.450   -15.009 -7.939  1.00 22.95 ? 421 HOH A O   1 
HETATM 1484 O  O   . HOH B 2 .   ? -1.512  5.897   -11.745 1.00 17.76 ? 422 HOH A O   1 
HETATM 1485 O  O   . HOH B 2 .   ? 0.629   11.376  -5.177  1.00 24.37 ? 423 HOH A O   1 
HETATM 1486 O  O   . HOH B 2 .   ? 2.386   -12.220 7.560   1.00 18.93 ? 424 HOH A O   1 
HETATM 1487 O  O   . HOH B 2 .   ? 1.300   -15.589 -24.117 1.00 19.82 ? 425 HOH A O   1 
HETATM 1488 O  O   . HOH B 2 .   ? -0.194  7.379   12.977  1.00 18.00 ? 426 HOH A O   1 
HETATM 1489 O  O   . HOH B 2 .   ? 4.917   8.531   -10.476 1.00 25.76 ? 427 HOH A O   1 
HETATM 1490 O  O   . HOH B 2 .   ? 5.559   18.143  7.334   1.00 22.45 ? 428 HOH A O   1 
HETATM 1491 O  O   . HOH B 2 .   ? -3.646  -14.334 -1.303  1.00 31.43 ? 429 HOH A O   1 
HETATM 1492 O  O   . HOH B 2 .   ? 7.849   -1.701  -18.768 1.00 10.49 ? 430 HOH A O   1 
HETATM 1493 O  O   . HOH B 2 .   ? -6.133  1.680   -19.661 1.00 20.66 ? 431 HOH A O   1 
HETATM 1494 O  O   . HOH B 2 .   ? 7.510   7.861   -12.624 1.00 25.97 ? 432 HOH A O   1 
HETATM 1495 O  O   . HOH B 2 .   ? 0.841   -0.011  10.125  1.00 18.50 ? 433 HOH A O   1 
HETATM 1496 O  O   . HOH B 2 .   ? -10.003 -5.816  4.175   1.00 17.56 ? 434 HOH A O   1 
HETATM 1497 O  O   . HOH B 2 .   ? -12.376 7.570   -7.107  1.00 28.05 ? 435 HOH A O   1 
HETATM 1498 O  O   . HOH B 2 .   ? -0.181  23.010  8.647   1.00 20.55 ? 436 HOH A O   1 
HETATM 1499 O  O   . HOH B 2 .   ? -3.860  15.911  10.448  1.00 15.01 ? 437 HOH A O   1 
HETATM 1500 O  O   . HOH B 2 .   ? -4.802  -2.121  -20.277 1.00 18.46 ? 438 HOH A O   1 
HETATM 1501 O  O   . HOH B 2 .   ? -1.621  0.266   -21.196 1.00 20.90 ? 439 HOH A O   1 
HETATM 1502 O  O   . HOH B 2 .   ? -5.526  7.993   -13.031 1.00 22.15 ? 440 HOH A O   1 
HETATM 1503 O  O   . HOH B 2 .   ? 10.146  -16.695 -25.613 1.00 18.80 ? 441 HOH A O   1 
HETATM 1504 O  O   . HOH B 2 .   ? -15.109 7.883   3.167   1.00 24.15 ? 442 HOH A O   1 
HETATM 1505 O  O   . HOH B 2 .   ? -14.480 12.018  -0.062  1.00 18.30 ? 443 HOH A O   1 
HETATM 1506 O  O   . HOH B 2 .   ? 3.072   4.093   -11.989 1.00 21.38 ? 444 HOH A O   1 
HETATM 1507 O  O   . HOH B 2 .   ? 7.642   17.538  5.324   1.00 37.27 ? 445 HOH A O   1 
HETATM 1508 O  O   . HOH B 2 .   ? 1.251   2.655   17.077  1.00 30.52 ? 446 HOH A O   1 
HETATM 1509 O  O   . HOH B 2 .   ? -3.399  -13.906 3.816   1.00 23.11 ? 447 HOH A O   1 
HETATM 1510 O  O   . HOH B 2 .   ? -8.982  9.053   -12.412 1.00 26.31 ? 448 HOH A O   1 
HETATM 1511 O  O   . HOH B 2 .   ? 14.902  1.443   -9.668  1.00 33.12 ? 449 HOH A O   1 
HETATM 1512 O  O   . HOH B 2 .   ? 5.880   11.444  13.596  1.00 12.55 ? 450 HOH A O   1 
HETATM 1513 O  O   . HOH B 2 .   ? -7.563  -0.641  -13.693 1.00 12.44 ? 451 HOH A O   1 
HETATM 1514 O  O   . HOH B 2 .   ? -6.647  12.574  7.665   1.00 10.83 ? 452 HOH A O   1 
HETATM 1515 O  O   . HOH B 2 .   ? 7.070   12.423  11.304  1.00 18.41 ? 453 HOH A O   1 
HETATM 1516 O  O   . HOH B 2 .   ? -3.875  1.522   -13.349 1.00 10.45 ? 454 HOH A O   1 
HETATM 1517 O  O   . HOH B 2 .   ? -2.321  -3.076  -19.122 1.00 9.02  ? 455 HOH A O   1 
HETATM 1518 O  O   . HOH B 2 .   ? -6.251  14.788  9.285   1.00 21.93 ? 456 HOH A O   1 
HETATM 1519 O  O   . HOH B 2 .   ? 7.894   -9.014  0.493   1.00 19.01 ? 457 HOH A O   1 
HETATM 1520 O  O   . HOH B 2 .   ? 4.088   -0.008  8.849   1.00 11.87 ? 458 HOH A O   1 
HETATM 1521 O  O   . HOH B 2 .   ? -12.498 5.807   2.724   1.00 17.14 ? 459 HOH A O   1 
HETATM 1522 O  O   . HOH B 2 .   ? -9.086  -0.099  -11.162 1.00 19.04 ? 460 HOH A O   1 
HETATM 1523 O  O   . HOH B 2 .   ? 10.372  -10.384 -13.424 1.00 20.48 ? 461 HOH A O   1 
HETATM 1524 O  O   . HOH B 2 .   ? -11.845 2.342   5.470   1.00 24.41 ? 462 HOH A O   1 
HETATM 1525 O  O   . HOH B 2 .   ? 8.286   -1.613  -0.027  1.00 17.51 ? 463 HOH A O   1 
HETATM 1526 O  O   . HOH B 2 .   ? -8.686  11.098  8.694   1.00 22.37 ? 464 HOH A O   1 
HETATM 1527 O  O   . HOH B 2 .   ? 6.655   -9.980  -22.794 1.00 22.00 ? 465 HOH A O   1 
HETATM 1528 O  O   . HOH B 2 .   ? -13.095 -7.510  -1.963  1.00 14.20 ? 466 HOH A O   1 
HETATM 1529 O  O   . HOH B 2 .   ? 11.071  4.591   15.174  1.00 14.02 ? 467 HOH A O   1 
HETATM 1530 O  O   . HOH B 2 .   ? 12.668  -0.116  9.141   1.00 22.87 ? 468 HOH A O   1 
HETATM 1531 O  O   . HOH B 2 .   ? 11.279  14.538  6.353   1.00 23.27 ? 469 HOH A O   1 
HETATM 1532 O  O   . HOH B 2 .   ? 4.785   -4.985  -19.223 1.00 23.43 ? 470 HOH A O   1 
HETATM 1533 O  O   . HOH B 2 .   ? 8.046   -13.992 -19.791 1.00 17.07 ? 471 HOH A O   1 
HETATM 1534 O  O   . HOH B 2 .   ? 7.616   -5.094  -22.692 1.00 25.19 ? 472 HOH A O   1 
HETATM 1535 O  O   . HOH B 2 .   ? 10.632  -4.311  -19.360 1.00 20.28 ? 473 HOH A O   1 
HETATM 1536 O  O   . HOH B 2 .   ? 7.228   -4.146  -20.221 1.00 21.92 ? 474 HOH A O   1 
HETATM 1537 O  O   . HOH B 2 .   ? 6.617   -12.041 -18.565 1.00 12.60 ? 475 HOH A O   1 
HETATM 1538 O  O   . HOH B 2 .   ? 11.706  -8.988  -11.541 1.00 23.39 ? 476 HOH A O   1 
HETATM 1539 O  O   . HOH B 2 .   ? 10.493  -7.810  2.150   1.00 29.63 ? 477 HOH A O   1 
HETATM 1540 O  O   . HOH B 2 .   ? 3.524   5.292   19.915  1.00 30.13 ? 478 HOH A O   1 
HETATM 1541 O  O   . HOH B 2 .   ? 8.516   -10.965 -17.209 1.00 20.16 ? 479 HOH A O   1 
HETATM 1542 O  O   . HOH B 2 .   ? 12.480  -6.748  -8.682  1.00 23.82 ? 480 HOH A O   1 
HETATM 1543 O  O   . HOH B 2 .   ? -15.309 -6.372  -8.655  1.00 25.70 ? 481 HOH A O   1 
HETATM 1544 O  O   . HOH B 2 .   ? -7.675  16.807  8.053   1.00 30.24 ? 482 HOH A O   1 
HETATM 1545 O  O   . HOH B 2 .   ? 15.604  8.404   11.940  1.00 28.33 ? 483 HOH A O   1 
HETATM 1546 O  O   . HOH B 2 .   ? 9.058   -14.696 -8.423  1.00 31.94 ? 484 HOH A O   1 
HETATM 1547 O  O   . HOH B 2 .   ? -6.994  15.557  3.792   1.00 34.84 ? 485 HOH A O   1 
HETATM 1548 O  O   . HOH B 2 .   ? -10.296 2.355   -14.434 1.00 30.73 ? 486 HOH A O   1 
HETATM 1549 O  O   . HOH B 2 .   ? 2.467   15.159  -3.641  1.00 29.50 ? 487 HOH A O   1 
HETATM 1550 O  O   . HOH B 2 .   ? -10.748 1.773   -11.601 1.00 31.95 ? 488 HOH A O   1 
HETATM 1551 O  O   . HOH B 2 .   ? -10.751 4.605   -11.532 1.00 35.57 ? 489 HOH A O   1 
HETATM 1552 O  O   . HOH B 2 .   ? 15.701  -0.138  -7.248  1.00 27.94 ? 490 HOH A O   1 
HETATM 1553 O  O   . HOH B 2 .   ? 12.306  -6.457  -11.716 1.00 29.16 ? 491 HOH A O   1 
HETATM 1554 O  O   . HOH B 2 .   ? -13.187 0.922   -11.459 1.00 32.14 ? 492 HOH A O   1 
HETATM 1555 O  O   . HOH B 2 .   ? 5.105   3.747   -6.492  1.00 16.73 ? 493 HOH A O   1 
# 
